data_7Y84
#
_entry.id   7Y84
#
_cell.length_a   1.00
_cell.length_b   1.00
_cell.length_c   1.00
_cell.angle_alpha   90.00
_cell.angle_beta   90.00
_cell.angle_gamma   90.00
#
_symmetry.space_group_name_H-M   'P 1'
#
loop_
_entity.id
_entity.type
_entity.pdbx_description
1 polymer 'RAMP superfamily protein'
2 polymer crRNA
3 polymer 'CHAT domain protein'
4 non-polymer 'ZINC ION'
5 non-polymer 'MAGNESIUM ION'
#
loop_
_entity_poly.entity_id
_entity_poly.type
_entity_poly.pdbx_seq_one_letter_code
_entity_poly.pdbx_strand_id
1 'polypeptide(L)'
;MHHHHHHKSNDMNITVELTFFEPYRLVEWFDWDARKKSHSAMRGQAFAQWTWKGKGRTAGKSFITGTLVRSAVIKAVEEL
LSLNNGKWEGVPCCNGSFQTDESKGKKPSFLRKRHTLQWQANNKNICDKEEACPFCILLGRFDNAGKVHERNKDYDIHFS
NFDLDHKQEKNDLRLVDIASGRILNRVDFDTGKAKDYFRTWEADYETYGTYTGRITLRNEHAKKLLLASLGFVDKLCGAL
CRIEVIKKSESPLPSDTKEQSYTKDDTVEVLSEDHNDELRKQAEVIVEAFKQNDKLEKIRILADAIRTLRLHGEGVIEKD
ELPDGKEERDKGHHLWDIKVQGTALRTKLKELWQSNKDIGWRKFTEMLGSNLYLIYKKETGGVSTRFRILGDTEYYSKAH
DSEGSDLFIPVTPPEGIETKEWIIVGRLKAATPFYFGVQQPSDSIPGKEKKSEDSLVINEHTSFNILLDKENRYRIPRSA
LRGALRRDLRTAFGSGCNVSLGGQILCNCKVCIEMRRITLKDSVSDFSEPPEIRYRIAKNPGTATVEDGSLFDIEVGPEG
LTFPFVLRYRGHKFPEQLSSVIRYWEENDGKNGMAWLGGLDSTGKGRFALKDIKIFEWDLNQKINEYIKERGMRGKEKEL
LEMGESSLPDGLIPYKFFEERECLFPYKENLKPQWSEVQYTIEVGSPLLTADTISALTEPGNRDAIAYKKRVYNDGNNAI
EPEPRFAVKSETHRGIFRTAVGRRTGDLGKEDHEDCTCDMCIIFGNEHESSKIRFEDLELINGNEFEKLEKHIDHVAIDR
FTGGALDKAKFDTYPLAGSPKKPLKLKGRFWIKKGFSGDHKLLITTALSDIRDGLYPLGSKGGVGYGWVAGISIDDNVPD
DFKEMINKTEMPLPEEVEESNNGPINNDYVHPGHQSPKQDHKNKNIYYPHYFLDSGSKVYREKDIITHEEFTEELLSGKI
NCKLETLTPLIIPDTSDENGLKLQGNKPGHKNYKFFNINGELMIPGSELRGMLRTHFEALTKSCFAIFGEDSTLSWRMNA
DEKDYKIDSNSIRKMESQRNPKYRIPDELQKELRNSGNGLFNRLYTSERRFWSDVSNKFENSIDYKREILRCAGRPKNYK
GGIIRQRKDSLMAEELKVHRLPLYDNFDIPDSAYKANDHCRKSATCSTSRGCRERFTCGIKVRDKNRVFLNAANNNRQYL
NNIKKSNHDLYLQYLKGEKKIRFNSKVITGSERSPIDVIAELNERGRQTGFIKLSGLNNSNKSQGNTGTTFNSGWDRFEL
NILLDDLETRPSKSDYPRPRLLFTKDQYEYNITKRCERVFEIDKGNKTGYPVDDQIKKNYEDILDSYDGIKDQEVAERFD
TFTRGSKLKVGDLVYFHIDGDNKIDSLIPVRISRKCASKTLGGKLDKALHPCTGLSDGLCPGCHLFGTTDYKGRVKFGFA
KYENGPEWLITRGNNPERSLTLGVLESPRPAFSIPDDESEIPGRKFYLHHNGWRIIRQKQLEIRETVQPERNVTTEVMDK
GNVFSFDVRFENLREWELGLLLQSLDPGKNIAHKLGKGKPYGFGSVKIKIDSLHTFKINSNNDKIKRVPQSDIREYINKG
YQKLIEWSGNNSIQKGNVLPQWHVIPHIDKLYKLLWVPFLNDSKLEPDVRYPVLNEESKGYIEGSDYTYKKLGDKDNLPY
KTRVKGLTTPWSPWNPFQVIAEHEEQEVNVTGSRPSVTDKIERDGKMV
;
A
2 'polyribonucleotide'
;GUUAUGAAACAAGAGAAGGACUUAAUGUCACGGUACCCAAUUUUCUGCCCCGGACUCCACGGCUGUUACUAGAGGUUAUG
AAACAAGAGAAGGACUUAAUGUCACGGUAC
;
B
3 'polypeptide(L)'
;MNNTEENIDRIQEPTREDIDRKEAERLLDEAFNPRTKPVDRKKIINSALKILIGLYKEKKDDLTSASFISIARAYYLVSI
TILPKGTTIPEKKKEALRKGIEFIDRAINKFNGSILDSQRAFRIKSVLSIEFNRIDREKCDNIKLKNLLNEAVDKGCTDF
DTYEWDIQIAIRLCELGVDMEGHFDNLIKSNKANDLQKAKAYYFIKKDDHKAKEHMDKCTASLKYTPCSHRLWDETVGFI
ERLKGDSSTLWRDFAIKTYRSCRVQEKETGTLRLRWYWSRHRVLYDMAFLAVKEQADDEEPDVNVKQAKIKKLAEISDSL
KSRFSLRLSDMEKMPKSDDESNHEFKKFLDKCVTAYQDGYVINRSEDKEGQGENKSTTSKQPEPRPQAKLLELTQVPEGW
VVVHFYLNKLEGMGNAIVFDKCANSWQYKEFQYKELFEVFLTWQANYNLYKENAAEHLVTLCKKIGETMPFLFCDNFIPN
GKDVLFVPHDFLHRLPLHGSIENKTNGKLFLENHSCCYLPAWSFASEKEASTSDEYVLLKNFDQGHFETLQNNQIWGTQS
VKDGASSDDLENIRNNPRLLTILCHGEANMSNPFRSMLKLANGGITYLEILNSVKGLKGSQVILGACETDLVPPLSDVMD
EHYSVATALLLIGAAGVVGTMWKVRSNKTKSLIEWKLENIEYKLNEWQKETGGAAYKDHPPTFYRSIAFRSIGFPLGGSG
WSHPQFEKGGGSGGGSGGWSHPQFEK
;
C
#
loop_
_chem_comp.id
_chem_comp.type
_chem_comp.name
_chem_comp.formula
A RNA linking ADENOSINE-5'-MONOPHOSPHATE 'C10 H14 N5 O7 P'
C RNA linking CYTIDINE-5'-MONOPHOSPHATE 'C9 H14 N3 O8 P'
G RNA linking GUANOSINE-5'-MONOPHOSPHATE 'C10 H14 N5 O8 P'
MG non-polymer 'MAGNESIUM ION' 'Mg 2'
U RNA linking URIDINE-5'-MONOPHOSPHATE 'C9 H13 N2 O9 P'
ZN non-polymer 'ZINC ION' 'Zn 2'
#
# COMPACT_ATOMS: atom_id res chain seq x y z
N MET A 12 -38.37 25.87 33.19
CA MET A 12 -37.74 25.22 34.34
C MET A 12 -36.65 24.25 33.89
N ASN A 13 -35.98 23.63 34.85
CA ASN A 13 -34.84 22.77 34.54
C ASN A 13 -35.30 21.47 33.90
N ILE A 14 -34.70 21.14 32.77
CA ILE A 14 -34.92 19.88 32.08
C ILE A 14 -33.66 19.04 32.29
N THR A 15 -33.81 17.89 32.95
CA THR A 15 -32.68 16.99 33.10
C THR A 15 -32.61 16.09 31.88
N VAL A 16 -31.44 16.02 31.27
CA VAL A 16 -31.28 15.40 29.96
C VAL A 16 -30.23 14.31 30.08
N GLU A 17 -30.56 13.12 29.60
CA GLU A 17 -29.63 12.00 29.57
C GLU A 17 -29.09 11.85 28.15
N LEU A 18 -27.78 11.85 28.03
CA LEU A 18 -27.08 11.80 26.75
C LEU A 18 -26.35 10.46 26.66
N THR A 19 -26.88 9.55 25.85
CA THR A 19 -26.35 8.20 25.75
C THR A 19 -25.79 7.94 24.35
N PHE A 20 -24.75 7.12 24.29
CA PHE A 20 -24.03 6.83 23.06
C PHE A 20 -24.21 5.37 22.68
N PHE A 21 -24.27 5.11 21.37
CA PHE A 21 -24.45 3.76 20.86
C PHE A 21 -23.28 3.30 20.00
N GLU A 22 -22.23 4.09 19.90
CA GLU A 22 -20.99 3.64 19.32
C GLU A 22 -19.87 4.38 20.03
N PRO A 23 -18.62 3.91 19.91
CA PRO A 23 -17.51 4.60 20.57
C PRO A 23 -17.43 6.06 20.14
N TYR A 24 -17.55 6.94 21.11
CA TYR A 24 -17.49 8.37 20.87
C TYR A 24 -16.09 8.88 21.10
N ARG A 25 -15.79 10.00 20.47
CA ARG A 25 -14.45 10.56 20.54
C ARG A 25 -14.30 11.40 21.80
N LEU A 26 -13.14 11.28 22.41
CA LEU A 26 -12.77 12.01 23.62
C LEU A 26 -11.54 12.84 23.30
N VAL A 27 -11.44 13.99 23.94
CA VAL A 27 -10.27 14.85 23.74
C VAL A 27 -9.90 15.44 25.09
N GLU A 28 -8.62 15.70 25.26
CA GLU A 28 -8.16 16.37 26.47
C GLU A 28 -8.72 17.78 26.52
N TRP A 29 -9.29 18.16 27.66
CA TRP A 29 -9.91 19.46 27.75
C TRP A 29 -8.87 20.55 27.90
N PHE A 30 -8.96 21.56 27.06
CA PHE A 30 -8.16 22.77 27.16
C PHE A 30 -9.10 23.96 27.05
N ASP A 31 -8.86 24.96 27.89
CA ASP A 31 -9.71 26.14 27.80
C ASP A 31 -9.50 26.82 26.46
N TRP A 32 -10.47 27.66 26.09
CA TRP A 32 -10.49 28.20 24.74
C TRP A 32 -9.16 28.84 24.37
N ASP A 33 -8.53 29.54 25.30
CA ASP A 33 -7.23 30.14 25.04
C ASP A 33 -6.12 29.10 24.90
N ALA A 34 -6.04 28.17 25.85
CA ALA A 34 -5.02 27.13 25.85
C ALA A 34 -5.26 26.06 24.80
N ARG A 35 -6.45 26.04 24.21
CA ARG A 35 -6.78 25.02 23.22
C ARG A 35 -6.05 25.25 21.90
N LYS A 36 -5.79 26.51 21.55
CA LYS A 36 -5.11 26.81 20.30
C LYS A 36 -3.68 26.26 20.27
N LYS A 37 -3.06 26.10 21.43
CA LYS A 37 -1.69 25.60 21.49
C LYS A 37 -1.60 24.13 21.10
N SER A 38 -2.68 23.39 21.24
CA SER A 38 -2.69 21.96 20.92
C SER A 38 -3.55 21.74 19.69
N HIS A 39 -2.99 21.03 18.71
CA HIS A 39 -3.73 20.71 17.50
C HIS A 39 -4.71 19.58 17.71
N SER A 40 -4.43 18.69 18.66
CA SER A 40 -5.33 17.60 18.98
C SER A 40 -6.62 18.09 19.59
N ALA A 41 -6.55 19.13 20.42
CA ALA A 41 -7.73 19.66 21.09
C ALA A 41 -8.56 20.57 20.20
N MET A 42 -7.92 21.31 19.29
CA MET A 42 -8.69 22.04 18.30
C MET A 42 -9.35 21.10 17.30
N ARG A 43 -8.71 19.96 17.04
CA ARG A 43 -9.34 18.92 16.24
C ARG A 43 -10.56 18.35 16.96
N GLY A 44 -10.50 18.21 18.27
CA GLY A 44 -11.57 17.61 19.02
C GLY A 44 -12.49 18.56 19.76
N GLN A 45 -12.76 19.72 19.17
CA GLN A 45 -13.68 20.66 19.82
C GLN A 45 -15.11 20.14 19.81
N ALA A 46 -15.42 19.23 18.90
CA ALA A 46 -16.74 18.62 18.81
C ALA A 46 -16.82 17.28 19.53
N PHE A 47 -15.81 16.94 20.33
CA PHE A 47 -15.72 15.67 21.02
C PHE A 47 -16.12 15.83 22.48
N ALA A 48 -16.13 14.72 23.19
CA ALA A 48 -16.27 14.77 24.63
C ALA A 48 -14.95 15.17 25.26
N GLN A 49 -15.01 15.96 26.32
CA GLN A 49 -13.84 16.58 26.90
C GLN A 49 -13.38 15.81 28.14
N TRP A 50 -12.07 15.73 28.32
CA TRP A 50 -11.46 15.00 29.41
C TRP A 50 -10.63 15.98 30.24
N THR A 51 -11.00 16.17 31.51
CA THR A 51 -10.17 16.90 32.44
C THR A 51 -9.42 15.93 33.33
N TRP A 52 -8.28 16.39 33.84
CA TRP A 52 -7.30 15.49 34.43
C TRP A 52 -7.42 15.33 35.94
N LYS A 53 -8.27 16.12 36.60
CA LYS A 53 -8.78 15.83 37.95
C LYS A 53 -7.74 15.17 38.85
N GLY A 54 -6.53 15.73 38.86
CA GLY A 54 -5.47 15.21 39.69
C GLY A 54 -4.13 15.74 39.25
N LYS A 55 -3.12 15.45 40.07
CA LYS A 55 -1.75 15.82 39.75
C LYS A 55 -1.00 14.72 39.01
N GLY A 56 -1.58 13.54 38.84
CA GLY A 56 -0.88 12.42 38.25
C GLY A 56 -1.07 12.22 36.77
N ARG A 57 -2.03 12.92 36.17
CA ARG A 57 -2.37 12.75 34.76
C ARG A 57 -2.67 11.29 34.43
N THR A 58 -3.46 10.65 35.29
CA THR A 58 -3.94 9.30 35.05
C THR A 58 -5.44 9.13 35.23
N ALA A 59 -6.06 9.81 36.19
CA ALA A 59 -7.47 9.69 36.46
C ALA A 59 -8.10 11.05 36.24
N GLY A 60 -9.34 11.08 35.76
CA GLY A 60 -10.00 12.34 35.50
C GLY A 60 -11.49 12.17 35.33
N LYS A 61 -12.11 13.22 34.81
CA LYS A 61 -13.55 13.25 34.60
C LYS A 61 -13.81 13.55 33.12
N SER A 62 -14.73 12.80 32.54
CA SER A 62 -15.17 13.06 31.19
C SER A 62 -16.43 13.90 31.23
N PHE A 63 -16.58 14.77 30.24
CA PHE A 63 -17.75 15.61 30.15
C PHE A 63 -17.89 16.13 28.73
N ILE A 64 -19.13 16.44 28.37
CA ILE A 64 -19.45 17.10 27.11
C ILE A 64 -19.92 18.50 27.45
N THR A 65 -19.27 19.51 26.87
CA THR A 65 -19.66 20.88 27.15
C THR A 65 -21.08 21.12 26.68
N GLY A 66 -21.78 22.00 27.40
CA GLY A 66 -23.10 22.39 26.97
C GLY A 66 -23.11 23.23 25.73
N THR A 67 -21.97 23.81 25.36
CA THR A 67 -21.86 24.48 24.07
C THR A 67 -21.92 23.47 22.93
N LEU A 68 -21.37 22.28 23.14
CA LEU A 68 -21.45 21.25 22.11
C LEU A 68 -22.84 20.65 22.02
N VAL A 69 -23.47 20.39 23.17
CA VAL A 69 -24.85 19.94 23.17
C VAL A 69 -25.75 21.00 22.57
N ARG A 70 -25.50 22.27 22.88
CA ARG A 70 -26.28 23.36 22.31
C ARG A 70 -26.05 23.48 20.81
N SER A 71 -24.81 23.27 20.35
CA SER A 71 -24.54 23.30 18.93
C SER A 71 -25.30 22.20 18.21
N ALA A 72 -25.29 20.99 18.78
CA ALA A 72 -26.05 19.89 18.20
C ALA A 72 -27.55 20.17 18.22
N VAL A 73 -28.04 20.77 19.30
CA VAL A 73 -29.46 21.05 19.41
C VAL A 73 -29.88 22.15 18.45
N ILE A 74 -29.03 23.15 18.26
CA ILE A 74 -29.32 24.23 17.32
C ILE A 74 -29.27 23.71 15.89
N LYS A 75 -28.35 22.80 15.59
CA LYS A 75 -28.35 22.13 14.30
C LYS A 75 -29.64 21.35 14.11
N ALA A 76 -30.09 20.65 15.15
CA ALA A 76 -31.34 19.89 15.08
C ALA A 76 -32.54 20.80 14.89
N VAL A 77 -32.55 21.96 15.56
CA VAL A 77 -33.64 22.92 15.39
C VAL A 77 -33.65 23.47 13.98
N GLU A 78 -32.48 23.77 13.41
CA GLU A 78 -32.42 24.18 12.02
C GLU A 78 -33.02 23.13 11.10
N GLU A 79 -32.64 21.87 11.29
CA GLU A 79 -33.18 20.82 10.41
C GLU A 79 -34.66 20.62 10.63
N LEU A 80 -35.12 20.68 11.88
CA LEU A 80 -36.53 20.52 12.18
C LEU A 80 -37.37 21.64 11.55
N LEU A 81 -36.88 22.88 11.64
CA LEU A 81 -37.61 23.99 11.06
C LEU A 81 -37.47 24.03 9.55
N SER A 82 -36.42 23.45 8.99
CA SER A 82 -36.32 23.32 7.55
C SER A 82 -37.24 22.24 7.01
N LEU A 83 -37.50 21.20 7.79
CA LEU A 83 -38.44 20.17 7.36
C LEU A 83 -39.85 20.75 7.24
N ASN A 84 -40.22 21.64 8.15
CA ASN A 84 -41.57 22.19 8.20
C ASN A 84 -41.64 23.58 7.58
N ASN A 85 -40.62 23.98 6.83
CA ASN A 85 -40.57 25.28 6.16
C ASN A 85 -40.60 26.42 7.18
N GLY A 86 -39.96 26.20 8.33
CA GLY A 86 -39.71 27.28 9.26
C GLY A 86 -40.68 27.42 10.43
N LYS A 87 -41.49 26.42 10.66
CA LYS A 87 -42.38 26.49 11.84
C LYS A 87 -42.38 25.16 12.57
N TRP A 88 -42.69 25.18 13.86
CA TRP A 88 -42.79 23.96 14.65
C TRP A 88 -44.12 23.96 15.39
N GLU A 89 -44.96 22.97 15.10
CA GLU A 89 -46.29 22.88 15.70
C GLU A 89 -47.10 24.15 15.46
N GLY A 90 -46.91 24.73 14.27
CA GLY A 90 -47.74 25.83 13.82
C GLY A 90 -47.20 27.21 14.08
N VAL A 91 -46.35 27.41 15.08
CA VAL A 91 -45.79 28.72 15.38
C VAL A 91 -44.61 28.96 14.44
N PRO A 92 -44.67 29.95 13.57
CA PRO A 92 -43.57 30.17 12.62
C PRO A 92 -42.31 30.65 13.30
N CYS A 93 -41.18 30.31 12.69
CA CYS A 93 -39.87 30.71 13.18
C CYS A 93 -39.19 31.53 12.10
N CYS A 94 -38.44 32.54 12.51
CA CYS A 94 -37.60 33.26 11.57
C CYS A 94 -36.33 32.46 11.30
N ASN A 95 -35.49 32.99 10.42
CA ASN A 95 -34.27 32.29 10.06
C ASN A 95 -33.26 32.26 11.19
N GLY A 96 -33.51 32.97 12.28
CA GLY A 96 -32.56 33.06 13.34
C GLY A 96 -31.41 33.96 12.96
N SER A 97 -30.41 34.00 13.81
CA SER A 97 -29.20 34.75 13.52
C SER A 97 -28.00 33.85 13.71
N PHE A 98 -27.10 33.85 12.73
CA PHE A 98 -25.89 33.05 12.81
C PHE A 98 -24.68 33.84 12.33
N GLN A 99 -24.70 35.15 12.49
CA GLN A 99 -23.59 36.02 12.14
C GLN A 99 -23.47 37.08 13.22
N THR A 100 -22.28 37.22 13.78
CA THR A 100 -21.99 38.31 14.72
C THR A 100 -21.00 39.26 14.07
N ASP A 101 -21.29 40.55 14.17
CA ASP A 101 -20.33 41.56 13.77
C ASP A 101 -19.18 41.63 14.78
N GLU A 102 -17.96 41.59 14.27
CA GLU A 102 -16.80 41.75 15.15
C GLU A 102 -16.76 43.13 15.78
N SER A 103 -17.11 44.17 15.02
CA SER A 103 -17.14 45.52 15.58
C SER A 103 -18.21 45.65 16.65
N LYS A 104 -19.39 45.08 16.43
CA LYS A 104 -20.47 45.18 17.40
C LYS A 104 -20.13 44.43 18.68
N GLY A 105 -19.56 43.23 18.57
CA GLY A 105 -19.25 42.46 19.75
C GLY A 105 -18.26 41.36 19.43
N LYS A 106 -17.90 40.61 20.47
CA LYS A 106 -16.94 39.53 20.33
C LYS A 106 -17.56 38.35 19.59
N LYS A 107 -16.75 37.66 18.80
CA LYS A 107 -17.24 36.54 18.02
C LYS A 107 -17.52 35.32 18.92
N PRO A 108 -18.35 34.40 18.46
CA PRO A 108 -18.57 33.16 19.22
C PRO A 108 -17.29 32.35 19.33
N SER A 109 -17.21 31.57 20.41
CA SER A 109 -16.07 30.69 20.61
C SER A 109 -15.92 29.67 19.49
N PHE A 110 -16.99 29.39 18.77
CA PHE A 110 -16.96 28.47 17.64
C PHE A 110 -17.66 29.14 16.47
N LEU A 111 -17.00 29.14 15.32
CA LEU A 111 -17.55 29.78 14.13
C LEU A 111 -18.06 28.70 13.18
N ARG A 112 -19.29 28.85 12.72
CA ARG A 112 -19.91 27.87 11.86
C ARG A 112 -19.32 27.97 10.46
N LYS A 113 -18.80 26.86 9.95
CA LYS A 113 -18.35 26.78 8.57
C LYS A 113 -19.37 26.13 7.66
N ARG A 114 -20.32 25.39 8.21
CA ARG A 114 -21.27 24.66 7.41
C ARG A 114 -22.35 25.60 6.88
N HIS A 115 -23.13 25.07 5.95
CA HIS A 115 -24.27 25.81 5.43
C HIS A 115 -25.38 25.82 6.47
N THR A 116 -25.95 27.00 6.70
CA THR A 116 -27.08 27.14 7.60
C THR A 116 -28.36 26.91 6.82
N LEU A 117 -29.20 26.02 7.32
CA LEU A 117 -30.51 25.80 6.71
C LEU A 117 -31.41 26.98 7.02
N GLN A 118 -31.98 27.57 5.97
CA GLN A 118 -32.84 28.72 6.12
C GLN A 118 -34.12 28.48 5.35
N TRP A 119 -35.13 29.29 5.65
CA TRP A 119 -36.45 29.13 5.05
C TRP A 119 -36.98 30.52 4.75
N GLN A 120 -38.27 30.59 4.45
CA GLN A 120 -38.96 31.87 4.35
C GLN A 120 -39.48 32.23 5.73
N ALA A 121 -38.95 33.31 6.30
CA ALA A 121 -39.37 33.76 7.62
C ALA A 121 -40.80 34.29 7.51
N ASN A 122 -41.76 33.50 7.96
CA ASN A 122 -43.17 33.86 7.91
C ASN A 122 -43.69 34.37 9.26
N ASN A 123 -42.78 34.63 10.21
CA ASN A 123 -43.19 35.24 11.47
C ASN A 123 -43.73 36.65 11.22
N LYS A 124 -44.80 36.99 11.94
CA LYS A 124 -45.51 38.24 11.70
C LYS A 124 -44.67 39.46 12.05
N ASN A 125 -43.80 39.35 13.05
CA ASN A 125 -43.03 40.48 13.54
C ASN A 125 -41.56 40.08 13.67
N ILE A 126 -40.69 41.07 13.54
CA ILE A 126 -39.26 40.84 13.70
C ILE A 126 -38.97 40.53 15.16
N CYS A 127 -38.25 39.44 15.40
CA CYS A 127 -37.99 38.97 16.75
C CYS A 127 -37.11 39.97 17.51
N ASP A 128 -37.32 40.06 18.82
CA ASP A 128 -36.54 40.97 19.64
C ASP A 128 -36.61 40.49 21.10
N LYS A 129 -36.16 41.36 22.00
CA LYS A 129 -36.18 41.03 23.42
C LYS A 129 -37.60 40.79 23.92
N GLU A 130 -38.55 41.63 23.49
CA GLU A 130 -39.92 41.53 23.99
C GLU A 130 -40.61 40.27 23.50
N GLU A 131 -40.56 40.00 22.20
CA GLU A 131 -41.16 38.80 21.63
C GLU A 131 -40.18 38.17 20.65
N ALA A 132 -40.11 36.85 20.64
CA ALA A 132 -39.19 36.14 19.77
C ALA A 132 -39.79 34.79 19.40
N CYS A 133 -39.42 34.32 18.21
CA CYS A 133 -39.82 33.01 17.77
C CYS A 133 -39.11 31.95 18.60
N PRO A 134 -39.65 30.72 18.64
CA PRO A 134 -38.98 29.66 19.41
C PRO A 134 -37.54 29.43 18.98
N PHE A 135 -37.21 29.63 17.71
CA PHE A 135 -35.82 29.54 17.27
C PHE A 135 -34.95 30.57 17.95
N CYS A 136 -35.39 31.83 17.97
CA CYS A 136 -34.61 32.89 18.60
C CYS A 136 -34.56 32.72 20.11
N ILE A 137 -35.55 32.05 20.69
CA ILE A 137 -35.48 31.71 22.10
C ILE A 137 -34.42 30.64 22.34
N LEU A 138 -34.41 29.61 21.49
CA LEU A 138 -33.46 28.51 21.67
C LEU A 138 -32.04 28.92 21.37
N LEU A 139 -31.85 29.89 20.47
CA LEU A 139 -30.52 30.40 20.21
C LEU A 139 -30.01 31.27 21.33
N GLY A 140 -30.91 31.81 22.16
CA GLY A 140 -30.50 32.75 23.18
C GLY A 140 -30.17 34.11 22.61
N ARG A 141 -30.82 34.50 21.52
CA ARG A 141 -30.51 35.76 20.86
C ARG A 141 -30.85 36.95 21.74
N PHE A 142 -31.95 36.88 22.47
CA PHE A 142 -32.53 38.01 23.17
C PHE A 142 -32.75 37.71 24.64
N ASP A 143 -31.75 37.15 25.30
CA ASP A 143 -31.74 37.07 26.74
C ASP A 143 -30.55 37.86 27.27
N ASN A 144 -30.42 37.91 28.59
CA ASN A 144 -29.36 38.70 29.19
C ASN A 144 -27.99 38.03 29.06
N ALA A 145 -27.95 36.77 28.68
CA ALA A 145 -26.70 36.05 28.58
C ALA A 145 -26.03 36.33 27.24
N GLY A 146 -24.73 36.58 27.27
CA GLY A 146 -24.00 36.91 26.08
C GLY A 146 -22.76 36.05 25.92
N LYS A 147 -21.80 36.54 25.14
CA LYS A 147 -20.60 35.76 24.86
C LYS A 147 -19.80 35.50 26.12
N VAL A 148 -19.79 36.43 27.07
CA VAL A 148 -19.12 36.26 28.35
C VAL A 148 -20.16 35.77 29.36
N HIS A 149 -19.88 34.64 30.00
CA HIS A 149 -20.82 34.07 30.94
C HIS A 149 -20.72 34.78 32.29
N GLU A 150 -21.87 35.17 32.83
CA GLU A 150 -21.93 35.82 34.14
C GLU A 150 -22.57 34.89 35.16
N ARG A 151 -23.81 34.45 34.92
CA ARG A 151 -24.51 33.54 35.80
C ARG A 151 -25.65 32.90 35.03
N ASN A 152 -26.17 31.80 35.55
CA ASN A 152 -27.15 31.00 34.83
C ASN A 152 -28.53 31.64 34.75
N LYS A 153 -28.80 32.70 35.51
CA LYS A 153 -30.13 33.30 35.47
C LYS A 153 -30.33 34.14 34.20
N ASP A 154 -29.26 34.59 33.58
CA ASP A 154 -29.38 35.35 32.34
C ASP A 154 -29.77 34.49 31.15
N TYR A 155 -29.70 33.17 31.26
CA TYR A 155 -29.92 32.28 30.13
C TYR A 155 -31.39 31.89 30.07
N ASP A 156 -32.10 32.41 29.06
CA ASP A 156 -33.45 31.92 28.79
C ASP A 156 -33.40 30.45 28.38
N ILE A 157 -32.41 30.09 27.58
CA ILE A 157 -32.09 28.70 27.28
C ILE A 157 -30.67 28.46 27.77
N HIS A 158 -30.50 27.48 28.63
CA HIS A 158 -29.18 27.19 29.16
C HIS A 158 -28.86 25.71 28.99
N PHE A 159 -27.63 25.43 28.61
CA PHE A 159 -27.13 24.07 28.46
C PHE A 159 -25.99 23.94 29.45
N SER A 160 -26.15 23.07 30.43
CA SER A 160 -25.04 22.81 31.35
C SER A 160 -24.06 21.83 30.71
N ASN A 161 -22.93 21.63 31.38
CA ASN A 161 -21.99 20.62 30.94
C ASN A 161 -22.55 19.24 31.25
N PHE A 162 -22.48 18.35 30.27
CA PHE A 162 -23.03 17.00 30.42
C PHE A 162 -21.92 16.11 30.98
N ASP A 163 -22.05 15.74 32.25
CA ASP A 163 -21.05 14.95 32.94
C ASP A 163 -21.31 13.47 32.73
N LEU A 164 -20.24 12.71 32.63
CA LEU A 164 -20.35 11.27 32.50
C LEU A 164 -21.03 10.68 33.73
N ASP A 165 -22.01 9.82 33.52
CA ASP A 165 -22.72 9.13 34.58
C ASP A 165 -22.18 7.70 34.63
N HIS A 166 -21.51 7.36 35.72
CA HIS A 166 -20.96 6.03 35.87
C HIS A 166 -20.90 5.63 37.35
N ASP A 172 -11.63 7.44 41.51
CA ASP A 172 -11.77 8.22 40.29
C ASP A 172 -11.53 7.38 39.04
N LEU A 173 -12.00 7.89 37.91
CA LEU A 173 -12.00 7.16 36.64
C LEU A 173 -10.72 7.49 35.88
N ARG A 174 -9.98 6.46 35.52
CA ARG A 174 -8.76 6.63 34.75
C ARG A 174 -9.08 6.74 33.26
N LEU A 175 -8.23 7.49 32.55
CA LEU A 175 -8.45 7.69 31.13
C LEU A 175 -8.39 6.38 30.37
N VAL A 176 -7.48 5.49 30.78
CA VAL A 176 -7.34 4.21 30.11
C VAL A 176 -8.53 3.30 30.34
N ASP A 177 -9.32 3.56 31.38
CA ASP A 177 -10.52 2.76 31.60
C ASP A 177 -11.62 3.13 30.62
N ILE A 178 -11.75 4.41 30.32
CA ILE A 178 -12.86 4.91 29.52
C ILE A 178 -12.49 5.02 28.04
N ALA A 179 -11.33 5.56 27.74
CA ALA A 179 -10.91 5.80 26.37
C ALA A 179 -9.78 4.85 25.98
N SER A 180 -9.73 4.52 24.70
CA SER A 180 -8.58 3.87 24.10
C SER A 180 -8.10 4.75 22.96
N GLY A 181 -6.81 5.06 22.95
CA GLY A 181 -6.26 5.85 21.88
C GLY A 181 -6.19 5.06 20.59
N ARG A 182 -6.57 5.69 19.49
CA ARG A 182 -6.51 5.03 18.19
C ARG A 182 -6.00 6.03 17.16
N ILE A 183 -5.10 5.57 16.30
CA ILE A 183 -4.64 6.37 15.18
C ILE A 183 -5.62 6.23 14.04
N LEU A 184 -6.14 7.34 13.56
CA LEU A 184 -6.98 7.36 12.38
C LEU A 184 -6.15 7.74 11.17
N ASN A 185 -6.79 7.81 10.02
CA ASN A 185 -6.08 7.84 8.77
C ASN A 185 -6.72 8.83 7.81
N ARG A 186 -5.94 9.26 6.83
CA ARG A 186 -6.48 9.90 5.63
C ARG A 186 -5.76 9.27 4.45
N VAL A 187 -6.37 8.26 3.87
CA VAL A 187 -5.79 7.51 2.77
C VAL A 187 -5.97 8.29 1.49
N ASP A 188 -4.88 8.46 0.73
CA ASP A 188 -4.99 9.07 -0.58
C ASP A 188 -5.72 8.16 -1.53
N PHE A 189 -6.73 8.70 -2.20
CA PHE A 189 -7.57 7.89 -3.08
C PHE A 189 -6.75 7.34 -4.26
N ASP A 190 -5.91 8.17 -4.85
CA ASP A 190 -5.21 7.77 -6.06
C ASP A 190 -4.10 6.77 -5.80
N THR A 191 -3.35 6.95 -4.72
CA THR A 191 -2.26 6.04 -4.42
C THR A 191 -2.67 4.90 -3.52
N GLY A 192 -3.72 5.06 -2.73
CA GLY A 192 -4.11 4.06 -1.76
C GLY A 192 -3.31 4.08 -0.49
N LYS A 193 -2.34 4.96 -0.36
CA LYS A 193 -1.53 5.13 0.83
C LYS A 193 -2.09 6.26 1.67
N ALA A 194 -1.82 6.20 2.97
CA ALA A 194 -2.28 7.26 3.86
C ALA A 194 -1.45 8.51 3.66
N LYS A 195 -2.12 9.64 3.38
CA LYS A 195 -1.42 10.91 3.34
C LYS A 195 -0.83 11.22 4.70
N ASP A 196 -1.66 11.17 5.73
CA ASP A 196 -1.26 11.47 7.09
C ASP A 196 -2.13 10.64 8.01
N TYR A 197 -1.88 10.78 9.31
CA TYR A 197 -2.71 10.16 10.31
C TYR A 197 -2.98 11.18 11.40
N PHE A 198 -3.90 10.83 12.29
CA PHE A 198 -4.17 11.64 13.46
C PHE A 198 -4.71 10.71 14.53
N ARG A 199 -4.42 11.05 15.78
CA ARG A 199 -4.82 10.23 16.90
C ARG A 199 -6.15 10.72 17.47
N THR A 200 -6.87 9.78 18.08
CA THR A 200 -8.11 10.11 18.74
C THR A 200 -8.25 9.19 19.93
N TRP A 201 -9.10 9.60 20.87
CA TRP A 201 -9.47 8.77 22.01
C TRP A 201 -10.88 8.29 21.73
N GLU A 202 -11.07 6.98 21.66
CA GLU A 202 -12.39 6.41 21.50
C GLU A 202 -12.88 5.92 22.85
N ALA A 203 -13.81 6.64 23.45
CA ALA A 203 -14.30 6.28 24.77
C ALA A 203 -15.30 5.13 24.67
N ASP A 204 -15.33 4.31 25.72
CA ASP A 204 -16.14 3.11 25.75
C ASP A 204 -17.59 3.50 26.02
N TYR A 205 -18.46 3.34 25.01
CA TYR A 205 -19.85 3.72 25.13
C TYR A 205 -20.68 2.73 25.91
N GLU A 206 -20.22 1.50 26.06
CA GLU A 206 -20.99 0.49 26.78
C GLU A 206 -20.92 0.69 28.28
N THR A 207 -19.78 1.16 28.80
CA THR A 207 -19.62 1.44 30.21
C THR A 207 -19.71 2.91 30.54
N TYR A 208 -19.27 3.78 29.62
CA TYR A 208 -19.20 5.21 29.86
C TYR A 208 -19.88 5.97 28.74
N GLY A 209 -21.07 5.54 28.37
CA GLY A 209 -21.80 6.12 27.27
C GLY A 209 -22.90 7.08 27.63
N THR A 210 -23.19 7.25 28.91
CA THR A 210 -24.28 8.10 29.36
C THR A 210 -23.72 9.35 30.01
N TYR A 211 -24.16 10.51 29.52
CA TYR A 211 -23.77 11.81 30.04
C TYR A 211 -25.02 12.55 30.47
N THR A 212 -25.01 13.08 31.68
CA THR A 212 -26.17 13.76 32.24
C THR A 212 -25.91 15.25 32.31
N GLY A 213 -26.86 16.03 31.80
CA GLY A 213 -26.76 17.47 31.86
C GLY A 213 -28.14 18.07 32.03
N ARG A 214 -28.15 19.32 32.48
CA ARG A 214 -29.38 20.05 32.72
C ARG A 214 -29.53 21.14 31.66
N ILE A 215 -30.66 21.13 30.97
CA ILE A 215 -31.01 22.20 30.05
C ILE A 215 -32.11 23.00 30.72
N THR A 216 -31.77 24.20 31.19
CA THR A 216 -32.76 25.09 31.78
C THR A 216 -33.36 25.95 30.68
N LEU A 217 -34.69 26.06 30.68
CA LEU A 217 -35.40 26.85 29.69
C LEU A 217 -36.43 27.72 30.41
N ARG A 218 -36.17 29.03 30.47
CA ARG A 218 -37.11 29.94 31.09
C ARG A 218 -38.31 30.24 30.20
N ASN A 219 -38.11 30.27 28.88
CA ASN A 219 -39.19 30.61 27.95
C ASN A 219 -39.89 29.35 27.50
N GLU A 220 -41.12 29.15 27.98
CA GLU A 220 -41.93 27.99 27.63
C GLU A 220 -42.30 27.95 26.16
N HIS A 221 -42.25 29.09 25.46
CA HIS A 221 -42.62 29.14 24.06
C HIS A 221 -41.76 28.23 23.19
N ALA A 222 -40.54 27.93 23.62
CA ALA A 222 -39.62 27.09 22.85
C ALA A 222 -39.51 25.68 23.41
N LYS A 223 -40.37 25.32 24.36
CA LYS A 223 -40.26 24.00 25.00
C LYS A 223 -40.45 22.88 24.00
N LYS A 224 -41.50 22.96 23.18
CA LYS A 224 -41.79 21.88 22.25
C LYS A 224 -40.68 21.74 21.21
N LEU A 225 -40.20 22.86 20.67
CA LEU A 225 -39.11 22.82 19.72
C LEU A 225 -37.84 22.28 20.36
N LEU A 226 -37.56 22.66 21.60
CA LEU A 226 -36.38 22.16 22.29
C LEU A 226 -36.45 20.65 22.49
N LEU A 227 -37.60 20.15 22.96
CA LEU A 227 -37.72 18.71 23.19
C LEU A 227 -37.65 17.94 21.88
N ALA A 228 -38.26 18.47 20.83
CA ALA A 228 -38.17 17.83 19.52
C ALA A 228 -36.72 17.80 19.02
N SER A 229 -35.99 18.88 19.21
CA SER A 229 -34.60 18.91 18.77
C SER A 229 -33.73 17.97 19.59
N LEU A 230 -34.02 17.84 20.89
CA LEU A 230 -33.35 16.84 21.69
C LEU A 230 -33.60 15.45 21.12
N GLY A 231 -34.83 15.16 20.72
CA GLY A 231 -35.12 13.90 20.07
C GLY A 231 -34.56 13.76 18.67
N PHE A 232 -34.16 14.86 18.05
CA PHE A 232 -33.65 14.86 16.69
C PHE A 232 -32.13 14.82 16.60
N VAL A 233 -31.43 15.11 17.69
CA VAL A 233 -29.96 15.10 17.66
C VAL A 233 -29.49 13.67 17.46
N ASP A 234 -28.88 13.40 16.31
CA ASP A 234 -28.50 12.05 15.91
C ASP A 234 -27.10 11.67 16.34
N LYS A 235 -26.15 12.58 16.26
CA LYS A 235 -24.77 12.33 16.61
C LYS A 235 -24.28 13.37 17.60
N LEU A 236 -23.32 12.97 18.42
CA LEU A 236 -22.58 13.88 19.26
C LEU A 236 -21.24 13.24 19.56
N CYS A 237 -20.18 14.05 19.50
CA CYS A 237 -18.83 13.60 19.88
C CYS A 237 -18.35 12.43 19.04
N GLY A 238 -18.85 12.31 17.82
CA GLY A 238 -18.42 11.27 16.91
C GLY A 238 -19.20 9.98 16.97
N ALA A 239 -20.31 9.95 17.70
CA ALA A 239 -21.05 8.71 17.92
C ALA A 239 -22.53 8.95 17.72
N LEU A 240 -23.24 7.87 17.44
CA LEU A 240 -24.70 7.90 17.42
C LEU A 240 -25.22 8.17 18.82
N CYS A 241 -26.38 8.82 18.87
CA CYS A 241 -26.82 9.56 20.03
C CYS A 241 -28.29 9.36 20.29
N ARG A 242 -28.65 9.20 21.56
CA ARG A 242 -30.04 9.32 22.01
C ARG A 242 -30.03 10.30 23.18
N ILE A 243 -30.77 11.39 23.02
CA ILE A 243 -30.88 12.41 24.05
C ILE A 243 -32.26 12.27 24.68
N GLU A 244 -32.28 11.90 25.95
CA GLU A 244 -33.53 11.62 26.66
C GLU A 244 -33.71 12.62 27.79
N VAL A 245 -34.90 13.19 27.88
CA VAL A 245 -35.29 13.99 29.03
C VAL A 245 -35.70 13.03 30.14
N ILE A 246 -34.99 13.07 31.25
CA ILE A 246 -35.30 12.19 32.36
C ILE A 246 -35.85 13.00 33.52
N ASP A 274 0.03 -4.81 39.48
CA ASP A 274 -0.05 -4.80 38.02
C ASP A 274 0.66 -6.02 37.44
N HIS A 275 -0.12 -6.85 36.73
CA HIS A 275 0.44 -8.05 36.13
C HIS A 275 1.25 -7.76 34.87
N ASN A 276 0.98 -6.64 34.20
CA ASN A 276 1.72 -6.30 32.98
C ASN A 276 3.20 -6.09 33.27
N ASP A 277 3.52 -5.40 34.36
CA ASP A 277 4.92 -5.13 34.67
C ASP A 277 5.66 -6.40 35.08
N GLU A 278 5.01 -7.26 35.87
CA GLU A 278 5.64 -8.53 36.24
C GLU A 278 5.86 -9.41 35.02
N LEU A 279 4.87 -9.48 34.12
CA LEU A 279 5.06 -10.26 32.91
C LEU A 279 6.10 -9.65 32.00
N ARG A 280 6.25 -8.33 32.01
CA ARG A 280 7.32 -7.71 31.23
C ARG A 280 8.69 -8.04 31.80
N LYS A 281 8.81 -8.04 33.13
CA LYS A 281 10.07 -8.45 33.75
C LYS A 281 10.38 -9.91 33.44
N GLN A 282 9.37 -10.77 33.47
CA GLN A 282 9.61 -12.18 33.15
C GLN A 282 9.93 -12.38 31.67
N ALA A 283 9.33 -11.59 30.79
CA ALA A 283 9.69 -11.63 29.38
C ALA A 283 11.13 -11.15 29.17
N GLU A 284 11.56 -10.15 29.94
CA GLU A 284 12.95 -9.74 29.89
C GLU A 284 13.87 -10.85 30.36
N VAL A 285 13.45 -11.59 31.40
CA VAL A 285 14.23 -12.73 31.86
C VAL A 285 14.35 -13.77 30.76
N ILE A 286 13.24 -14.06 30.08
CA ILE A 286 13.25 -15.05 29.00
C ILE A 286 14.13 -14.60 27.85
N VAL A 287 14.07 -13.31 27.50
CA VAL A 287 14.89 -12.80 26.40
C VAL A 287 16.37 -12.86 26.78
N GLU A 288 16.71 -12.52 28.02
CA GLU A 288 18.10 -12.64 28.46
C GLU A 288 18.57 -14.08 28.41
N ALA A 289 17.73 -15.01 28.86
CA ALA A 289 18.09 -16.43 28.81
C ALA A 289 18.30 -16.91 27.39
N PHE A 290 17.47 -16.44 26.46
CA PHE A 290 17.70 -16.76 25.05
C PHE A 290 19.00 -16.15 24.54
N LYS A 291 19.33 -14.95 25.00
CA LYS A 291 20.58 -14.32 24.59
C LYS A 291 21.79 -15.12 25.06
N GLN A 292 21.77 -15.58 26.30
CA GLN A 292 22.86 -16.44 26.77
C GLN A 292 22.96 -17.73 25.96
N ASN A 293 21.87 -18.16 25.34
CA ASN A 293 21.87 -19.31 24.45
C ASN A 293 22.20 -18.95 23.02
N ASP A 294 22.43 -17.67 22.73
CA ASP A 294 22.62 -17.16 21.37
C ASP A 294 21.41 -17.48 20.49
N LYS A 295 20.22 -17.47 21.09
CA LYS A 295 18.99 -17.73 20.37
C LYS A 295 18.05 -16.54 20.47
N LEU A 296 18.60 -15.33 20.46
CA LEU A 296 17.78 -14.13 20.55
C LEU A 296 16.87 -13.97 19.35
N GLU A 297 17.27 -14.49 18.18
CA GLU A 297 16.38 -14.45 17.03
C GLU A 297 15.18 -15.36 17.21
N LYS A 298 15.28 -16.37 18.08
CA LYS A 298 14.16 -17.24 18.39
C LYS A 298 13.14 -16.56 19.31
N ILE A 299 13.49 -15.42 19.91
CA ILE A 299 12.53 -14.72 20.77
C ILE A 299 11.36 -14.18 19.95
N ARG A 300 11.60 -13.82 18.68
CA ARG A 300 10.50 -13.33 17.86
C ARG A 300 9.48 -14.44 17.59
N ILE A 301 9.94 -15.61 17.17
CA ILE A 301 9.02 -16.71 16.97
C ILE A 301 8.43 -17.19 18.29
N LEU A 302 9.16 -17.05 19.41
CA LEU A 302 8.59 -17.39 20.70
C LEU A 302 7.47 -16.45 21.08
N ALA A 303 7.63 -15.15 20.80
CA ALA A 303 6.56 -14.19 21.03
C ALA A 303 5.34 -14.54 20.18
N ASP A 304 5.57 -14.85 18.91
CA ASP A 304 4.47 -15.23 18.02
C ASP A 304 3.78 -16.50 18.50
N ALA A 305 4.56 -17.48 18.98
CA ALA A 305 3.99 -18.74 19.43
C ALA A 305 3.21 -18.56 20.73
N ILE A 306 3.75 -17.80 21.67
CA ILE A 306 3.04 -17.56 22.93
C ILE A 306 1.75 -16.79 22.66
N ARG A 307 1.79 -15.80 21.77
CA ARG A 307 0.56 -15.13 21.38
C ARG A 307 -0.42 -16.07 20.69
N THR A 308 0.06 -16.97 19.84
CA THR A 308 -0.79 -17.95 19.20
C THR A 308 -1.40 -18.94 20.19
N LEU A 309 -0.76 -19.13 21.34
CA LEU A 309 -1.27 -20.05 22.35
C LEU A 309 -2.65 -19.66 22.88
N ARG A 310 -3.09 -18.41 22.69
CA ARG A 310 -4.41 -17.99 23.15
C ARG A 310 -5.53 -18.68 22.38
N LEU A 311 -5.22 -19.32 21.26
CA LEU A 311 -6.21 -20.09 20.52
C LEU A 311 -6.31 -21.53 20.99
N HIS A 312 -5.44 -21.96 21.91
CA HIS A 312 -5.40 -23.35 22.35
C HIS A 312 -5.85 -23.54 23.80
N GLY A 313 -6.25 -22.48 24.48
CA GLY A 313 -6.70 -22.59 25.86
C GLY A 313 -5.54 -22.83 26.81
N GLU A 314 -5.83 -22.68 28.09
CA GLU A 314 -4.80 -22.84 29.11
C GLU A 314 -4.32 -24.27 29.24
N GLY A 315 -5.06 -25.24 28.70
CA GLY A 315 -4.68 -26.63 28.82
C GLY A 315 -3.41 -27.00 28.07
N VAL A 316 -2.96 -26.16 27.14
CA VAL A 316 -1.72 -26.45 26.42
C VAL A 316 -0.50 -26.26 27.32
N ILE A 317 -0.61 -25.43 28.35
CA ILE A 317 0.53 -25.12 29.20
C ILE A 317 0.47 -25.84 30.54
N GLU A 318 -0.71 -26.32 30.96
CA GLU A 318 -0.86 -27.06 32.20
C GLU A 318 -0.82 -28.57 31.99
N LYS A 319 -1.34 -29.04 30.87
CA LYS A 319 -1.29 -30.46 30.53
C LYS A 319 -0.07 -30.79 29.67
N ASP A 320 0.83 -29.83 29.46
CA ASP A 320 2.08 -30.03 28.73
C ASP A 320 1.80 -30.59 27.33
N GLU A 321 1.02 -29.84 26.57
CA GLU A 321 0.69 -30.20 25.19
C GLU A 321 1.61 -29.56 24.17
N LEU A 322 2.59 -28.77 24.59
CA LEU A 322 3.55 -28.23 23.66
C LEU A 322 4.46 -29.33 23.14
N PRO A 323 4.87 -29.27 21.88
CA PRO A 323 5.71 -30.33 21.31
C PRO A 323 7.04 -30.44 22.03
N ASP A 324 7.55 -31.67 22.09
CA ASP A 324 8.78 -31.98 22.80
C ASP A 324 9.97 -32.21 21.90
N GLY A 325 9.80 -32.11 20.59
CA GLY A 325 10.88 -32.42 19.67
C GLY A 325 11.09 -33.91 19.52
N LYS A 326 11.98 -34.27 18.62
CA LYS A 326 12.24 -35.67 18.35
C LYS A 326 13.09 -36.28 19.46
N GLU A 327 12.93 -37.60 19.63
CA GLU A 327 13.69 -38.33 20.63
C GLU A 327 15.16 -38.46 20.25
N GLU A 328 15.51 -38.23 18.98
CA GLU A 328 16.90 -38.32 18.57
C GLU A 328 17.75 -37.21 19.17
N ARG A 329 17.13 -36.09 19.55
CA ARG A 329 17.84 -34.95 20.11
C ARG A 329 17.63 -34.91 21.61
N ASP A 330 18.72 -35.06 22.36
CA ASP A 330 18.65 -35.03 23.82
C ASP A 330 18.39 -33.63 24.37
N LYS A 331 18.51 -32.60 23.55
CA LYS A 331 18.23 -31.24 23.99
C LYS A 331 16.74 -30.93 24.04
N GLY A 332 15.89 -31.81 23.54
CA GLY A 332 14.46 -31.56 23.51
C GLY A 332 14.05 -30.62 22.40
N HIS A 333 12.89 -29.99 22.54
CA HIS A 333 12.38 -29.06 21.54
C HIS A 333 13.30 -27.86 21.41
N HIS A 334 13.49 -27.40 20.16
CA HIS A 334 14.39 -26.29 19.91
C HIS A 334 13.94 -25.00 20.55
N LEU A 335 12.65 -24.88 20.88
CA LEU A 335 12.11 -23.67 21.49
C LEU A 335 11.60 -23.90 22.90
N TRP A 336 10.77 -24.92 23.10
CA TRP A 336 10.14 -25.11 24.41
C TRP A 336 11.07 -25.73 25.44
N ASP A 337 12.27 -26.15 25.05
CA ASP A 337 13.21 -26.75 25.99
C ASP A 337 14.45 -25.90 26.18
N ILE A 338 14.43 -24.66 25.73
CA ILE A 338 15.52 -23.72 26.00
C ILE A 338 15.49 -23.39 27.49
N LYS A 339 16.64 -23.52 28.14
CA LYS A 339 16.72 -23.28 29.58
C LYS A 339 16.54 -21.80 29.88
N VAL A 340 15.57 -21.48 30.72
CA VAL A 340 15.38 -20.12 31.21
C VAL A 340 15.61 -20.17 32.71
N GLN A 341 16.70 -19.56 33.17
CA GLN A 341 17.08 -19.57 34.58
C GLN A 341 17.22 -21.00 35.10
N GLY A 342 17.72 -21.88 34.24
CA GLY A 342 17.97 -23.26 34.62
C GLY A 342 16.81 -24.21 34.48
N THR A 343 15.64 -23.73 34.06
CA THR A 343 14.49 -24.60 33.83
C THR A 343 14.01 -24.40 32.40
N ALA A 344 13.40 -25.44 31.85
CA ALA A 344 12.96 -25.39 30.46
C ALA A 344 11.87 -24.34 30.27
N LEU A 345 11.79 -23.81 29.05
CA LEU A 345 10.81 -22.78 28.75
C LEU A 345 9.39 -23.29 28.88
N ARG A 346 9.16 -24.57 28.58
CA ARG A 346 7.81 -25.13 28.72
C ARG A 346 7.33 -25.17 30.16
N THR A 347 8.23 -25.35 31.13
CA THR A 347 7.84 -25.30 32.54
C THR A 347 7.93 -23.90 33.11
N LYS A 348 8.86 -23.07 32.62
CA LYS A 348 8.85 -21.65 32.97
C LYS A 348 7.56 -21.00 32.54
N LEU A 349 7.05 -21.37 31.35
CA LEU A 349 5.76 -20.88 30.91
C LEU A 349 4.64 -21.34 31.82
N LYS A 350 4.72 -22.59 32.30
CA LYS A 350 3.72 -23.10 33.24
C LYS A 350 3.73 -22.30 34.54
N GLU A 351 4.92 -21.99 35.06
CA GLU A 351 4.99 -21.18 36.27
C GLU A 351 4.49 -19.76 36.02
N LEU A 352 4.83 -19.16 34.88
CA LEU A 352 4.34 -17.83 34.56
C LEU A 352 2.83 -17.80 34.45
N TRP A 353 2.23 -18.81 33.82
CA TRP A 353 0.79 -18.89 33.75
C TRP A 353 0.17 -19.06 35.14
N GLN A 354 0.77 -19.92 35.97
CA GLN A 354 0.26 -20.10 37.33
C GLN A 354 0.31 -18.81 38.12
N SER A 355 1.32 -17.97 37.86
CA SER A 355 1.40 -16.69 38.55
C SER A 355 0.38 -15.69 38.01
N ASN A 356 -0.06 -15.86 36.76
CA ASN A 356 -0.93 -14.88 36.13
C ASN A 356 -2.25 -15.49 35.67
N LYS A 357 -2.78 -16.45 36.43
CA LYS A 357 -4.05 -17.06 36.09
C LYS A 357 -5.21 -16.08 36.20
N ASP A 358 -5.08 -15.04 37.03
CA ASP A 358 -6.19 -14.15 37.29
C ASP A 358 -6.58 -13.33 36.08
N ILE A 359 -5.61 -12.87 35.29
CA ILE A 359 -5.92 -12.04 34.13
C ILE A 359 -6.45 -12.83 32.94
N GLY A 360 -6.42 -14.16 33.01
CA GLY A 360 -7.00 -14.96 31.96
C GLY A 360 -5.96 -15.49 30.99
N TRP A 361 -6.32 -16.55 30.28
CA TRP A 361 -5.36 -17.18 29.39
C TRP A 361 -5.08 -16.32 28.17
N ARG A 362 -6.11 -15.77 27.54
CA ARG A 362 -5.90 -14.94 26.36
C ARG A 362 -5.11 -13.69 26.70
N LYS A 363 -5.42 -13.05 27.82
CA LYS A 363 -4.69 -11.86 28.21
C LYS A 363 -3.26 -12.19 28.60
N PHE A 364 -3.05 -13.30 29.31
CA PHE A 364 -1.70 -13.68 29.72
C PHE A 364 -0.83 -13.99 28.51
N THR A 365 -1.31 -14.83 27.61
CA THR A 365 -0.54 -15.15 26.41
C THR A 365 -0.35 -13.93 25.53
N GLU A 366 -1.41 -13.12 25.37
CA GLU A 366 -1.30 -11.93 24.54
C GLU A 366 -0.25 -10.98 25.09
N MET A 367 -0.28 -10.70 26.38
CA MET A 367 0.65 -9.72 26.92
C MET A 367 2.05 -10.28 27.15
N LEU A 368 2.19 -11.58 27.41
CA LEU A 368 3.53 -12.18 27.43
C LEU A 368 4.16 -12.17 26.05
N GLY A 369 3.42 -12.59 25.02
CA GLY A 369 3.94 -12.51 23.68
C GLY A 369 4.20 -11.09 23.22
N SER A 370 3.34 -10.14 23.62
CA SER A 370 3.56 -8.74 23.29
C SER A 370 4.81 -8.20 23.97
N ASN A 371 5.00 -8.52 25.25
CA ASN A 371 6.21 -8.09 25.95
C ASN A 371 7.45 -8.68 25.31
N LEU A 372 7.38 -9.97 24.94
CA LEU A 372 8.52 -10.60 24.28
C LEU A 372 8.81 -9.93 22.95
N TYR A 373 7.78 -9.64 22.16
CA TYR A 373 7.99 -8.98 20.88
C TYR A 373 8.58 -7.59 21.08
N LEU A 374 8.10 -6.86 22.09
CA LEU A 374 8.59 -5.51 22.30
C LEU A 374 10.02 -5.51 22.78
N ILE A 375 10.39 -6.45 23.65
CA ILE A 375 11.79 -6.57 24.06
C ILE A 375 12.65 -6.96 22.87
N TYR A 376 12.19 -7.89 22.05
CA TYR A 376 12.94 -8.27 20.85
C TYR A 376 13.15 -7.08 19.92
N LYS A 377 12.09 -6.29 19.71
CA LYS A 377 12.21 -5.11 18.87
C LYS A 377 13.19 -4.11 19.47
N LYS A 378 13.18 -3.96 20.80
CA LYS A 378 14.13 -3.07 21.45
C LYS A 378 15.57 -3.54 21.26
N GLU A 379 15.82 -4.83 21.43
CA GLU A 379 17.20 -5.33 21.36
C GLU A 379 17.70 -5.39 19.92
N THR A 380 16.84 -5.79 18.97
CA THR A 380 17.27 -5.86 17.58
C THR A 380 17.24 -4.50 16.89
N GLY A 381 16.58 -3.51 17.48
CA GLY A 381 16.50 -2.20 16.87
C GLY A 381 15.62 -2.17 15.64
N ARG A 386 14.66 -1.59 4.30
CA ARG A 386 13.89 -1.68 5.52
C ARG A 386 14.04 -0.42 6.35
N PHE A 387 15.22 0.19 6.26
CA PHE A 387 15.52 1.35 7.10
C PHE A 387 14.75 2.56 6.62
N ARG A 388 14.10 3.24 7.56
CA ARG A 388 13.20 4.35 7.25
C ARG A 388 13.80 5.64 7.81
N ILE A 389 13.89 6.65 6.96
CA ILE A 389 14.51 7.91 7.35
C ILE A 389 13.51 8.86 7.99
N LEU A 390 12.24 8.79 7.60
CA LEU A 390 11.23 9.70 8.11
C LEU A 390 9.98 8.90 8.44
N GLY A 391 9.31 9.30 9.52
CA GLY A 391 8.10 8.63 9.93
C GLY A 391 6.86 9.20 9.28
N ASP A 392 5.73 8.60 9.59
CA ASP A 392 4.45 9.08 9.11
C ASP A 392 4.11 10.42 9.77
N THR A 393 3.29 11.20 9.10
CA THR A 393 2.96 12.54 9.56
C THR A 393 1.64 12.53 10.30
N GLU A 394 1.65 12.99 11.54
CA GLU A 394 0.45 13.16 12.36
C GLU A 394 -0.09 14.56 12.11
N TYR A 395 -1.16 14.66 11.34
CA TYR A 395 -1.67 15.94 10.88
C TYR A 395 -3.10 16.15 11.33
N TYR A 396 -3.36 17.30 11.94
CA TYR A 396 -4.69 17.71 12.35
C TYR A 396 -5.08 18.97 11.59
N SER A 397 -6.34 19.06 11.19
CA SER A 397 -6.87 20.28 10.58
C SER A 397 -6.06 20.77 9.39
N SER A 405 -11.60 33.51 6.90
CA SER A 405 -12.73 33.46 5.98
C SER A 405 -14.03 33.14 6.71
N ASP A 406 -14.73 34.18 7.15
CA ASP A 406 -15.94 34.05 7.95
C ASP A 406 -17.15 34.26 7.05
N LEU A 407 -17.80 33.18 6.66
CA LEU A 407 -18.89 33.22 5.71
C LEU A 407 -20.13 32.60 6.31
N PHE A 408 -21.26 33.24 6.08
CA PHE A 408 -22.57 32.67 6.39
C PHE A 408 -23.15 32.19 5.07
N ILE A 409 -23.39 30.89 4.98
CA ILE A 409 -23.94 30.32 3.76
C ILE A 409 -25.35 29.85 4.06
N PRO A 410 -26.37 30.66 3.76
CA PRO A 410 -27.76 30.22 3.96
C PRO A 410 -28.14 29.24 2.85
N VAL A 411 -28.50 28.03 3.24
CA VAL A 411 -29.06 27.05 2.32
C VAL A 411 -30.56 27.01 2.56
N THR A 412 -31.32 27.31 1.52
CA THR A 412 -32.77 27.33 1.63
C THR A 412 -33.33 26.20 0.79
N PRO A 413 -33.71 25.07 1.40
CA PRO A 413 -34.28 23.99 0.61
C PRO A 413 -35.56 24.43 -0.07
N PRO A 414 -35.88 23.86 -1.22
CA PRO A 414 -37.11 24.24 -1.93
C PRO A 414 -38.34 23.98 -1.07
N GLU A 415 -39.32 24.85 -1.23
CA GLU A 415 -40.62 24.67 -0.60
C GLU A 415 -41.25 23.39 -1.11
N GLY A 416 -41.71 22.55 -0.19
CA GLY A 416 -42.36 21.31 -0.58
C GLY A 416 -41.42 20.19 -0.98
N ILE A 417 -40.12 20.32 -0.76
CA ILE A 417 -39.21 19.23 -1.05
C ILE A 417 -39.35 18.16 0.03
N GLU A 418 -39.39 16.91 -0.40
CA GLU A 418 -39.61 15.78 0.50
C GLU A 418 -38.25 15.32 1.02
N THR A 419 -38.02 15.53 2.31
CA THR A 419 -36.80 15.06 2.96
C THR A 419 -37.11 13.77 3.69
N LYS A 420 -36.37 12.72 3.35
CA LYS A 420 -36.55 11.41 3.98
C LYS A 420 -35.24 11.00 4.63
N GLU A 421 -35.33 10.01 5.51
CA GLU A 421 -34.15 9.38 6.10
C GLU A 421 -34.22 7.89 5.77
N TRP A 422 -33.38 7.46 4.85
CA TRP A 422 -33.27 6.05 4.53
C TRP A 422 -32.23 5.43 5.44
N ILE A 423 -32.57 4.35 6.11
CA ILE A 423 -31.63 3.59 6.91
C ILE A 423 -31.44 2.24 6.26
N ILE A 424 -30.19 1.90 5.98
CA ILE A 424 -29.82 0.61 5.42
C ILE A 424 -29.28 -0.23 6.56
N VAL A 425 -30.00 -1.28 6.92
CA VAL A 425 -29.53 -2.24 7.91
C VAL A 425 -29.20 -3.53 7.18
N GLY A 426 -28.01 -4.05 7.44
CA GLY A 426 -27.59 -5.28 6.83
C GLY A 426 -26.55 -5.95 7.67
N ARG A 427 -25.89 -6.94 7.08
CA ARG A 427 -24.77 -7.62 7.71
C ARG A 427 -23.56 -7.49 6.80
N LEU A 428 -22.44 -7.08 7.37
CA LEU A 428 -21.17 -7.05 6.64
C LEU A 428 -20.47 -8.37 6.90
N LYS A 429 -20.42 -9.24 5.90
CA LYS A 429 -19.81 -10.55 6.04
C LYS A 429 -18.39 -10.52 5.53
N ALA A 430 -17.46 -10.99 6.34
CA ALA A 430 -16.06 -11.10 5.94
C ALA A 430 -15.94 -12.21 4.91
N ALA A 431 -15.87 -11.84 3.63
CA ALA A 431 -15.68 -12.82 2.57
C ALA A 431 -14.29 -13.40 2.58
N THR A 432 -13.32 -12.67 3.11
CA THR A 432 -11.93 -13.08 3.27
C THR A 432 -11.51 -12.74 4.70
N PRO A 433 -10.40 -13.29 5.17
CA PRO A 433 -9.87 -12.84 6.46
C PRO A 433 -9.64 -11.34 6.41
N PHE A 434 -10.00 -10.66 7.49
CA PHE A 434 -10.01 -9.20 7.48
C PHE A 434 -9.01 -8.66 8.48
N TYR A 435 -8.54 -7.45 8.20
CA TYR A 435 -7.59 -6.77 9.05
C TYR A 435 -8.04 -5.33 9.21
N PHE A 436 -8.10 -4.86 10.44
CA PHE A 436 -8.30 -3.44 10.73
C PHE A 436 -7.15 -3.02 11.61
N GLY A 437 -6.19 -2.32 11.03
CA GLY A 437 -4.95 -2.03 11.69
C GLY A 437 -5.14 -1.18 12.92
N VAL A 438 -4.57 -1.61 14.02
CA VAL A 438 -4.50 -0.82 15.23
C VAL A 438 -3.04 -0.77 15.64
N GLN A 439 -2.63 0.38 16.16
CA GLN A 439 -1.26 0.51 16.60
C GLN A 439 -1.05 -0.30 17.87
N GLN A 440 0.22 -0.46 18.24
CA GLN A 440 0.55 -1.29 19.39
C GLN A 440 -0.06 -0.69 20.65
N PRO A 441 -0.62 -1.52 21.54
CA PRO A 441 -1.25 -0.96 22.75
C PRO A 441 -0.30 -0.16 23.62
N SER A 442 0.97 -0.55 23.68
CA SER A 442 1.95 0.24 24.42
C SER A 442 2.17 1.60 23.78
N ASP A 443 1.91 1.72 22.48
CA ASP A 443 1.99 2.99 21.78
C ASP A 443 0.68 3.76 21.79
N SER A 444 -0.44 3.12 22.13
CA SER A 444 -1.76 3.72 22.01
C SER A 444 -2.38 4.06 23.35
N ILE A 445 -1.60 4.08 24.42
CA ILE A 445 -2.14 4.38 25.74
C ILE A 445 -2.55 5.85 25.74
N PRO A 446 -3.82 6.17 25.97
CA PRO A 446 -4.23 7.58 25.92
C PRO A 446 -3.60 8.37 27.06
N GLY A 447 -3.13 9.57 26.73
CA GLY A 447 -2.40 10.40 27.66
C GLY A 447 -0.94 10.03 27.81
N LYS A 448 -0.52 8.90 27.25
CA LYS A 448 0.86 8.45 27.24
C LYS A 448 1.20 7.89 25.86
N GLU A 449 0.61 8.46 24.82
CA GLU A 449 0.76 7.93 23.47
C GLU A 449 2.19 8.12 22.98
N LYS A 450 2.73 7.10 22.33
CA LYS A 450 4.09 7.15 21.82
C LYS A 450 4.09 7.41 20.32
N LEU A 456 13.69 9.84 17.07
CA LEU A 456 14.93 10.15 16.36
C LEU A 456 15.33 9.03 15.42
N VAL A 457 15.18 7.80 15.89
CA VAL A 457 15.42 6.62 15.08
C VAL A 457 14.07 5.97 14.81
N ILE A 458 13.78 5.70 13.54
CA ILE A 458 12.47 5.21 13.13
C ILE A 458 12.54 3.69 13.19
N ASN A 459 12.16 3.14 14.34
CA ASN A 459 12.06 1.69 14.54
C ASN A 459 10.61 1.30 14.34
N GLU A 460 10.25 1.00 13.10
CA GLU A 460 8.86 0.65 12.80
C GLU A 460 8.53 -0.73 13.35
N HIS A 461 7.27 -0.91 13.69
CA HIS A 461 6.82 -2.16 14.28
C HIS A 461 6.69 -3.23 13.21
N THR A 462 6.95 -4.47 13.62
CA THR A 462 6.94 -5.63 12.76
C THR A 462 5.72 -6.51 12.98
N SER A 463 5.28 -6.64 14.22
CA SER A 463 4.04 -7.32 14.53
C SER A 463 2.90 -6.32 14.59
N PHE A 464 1.79 -6.65 13.95
CA PHE A 464 0.64 -5.77 13.86
C PHE A 464 -0.59 -6.44 14.44
N ASN A 465 -1.34 -5.69 15.23
CA ASN A 465 -2.55 -6.19 15.88
C ASN A 465 -3.78 -5.76 15.10
N ILE A 466 -4.86 -6.49 15.28
CA ILE A 466 -6.12 -6.12 14.69
C ILE A 466 -6.95 -5.30 15.68
N LEU A 467 -7.86 -4.50 15.15
CA LEU A 467 -8.69 -3.64 15.98
C LEU A 467 -9.84 -4.43 16.59
N LEU A 468 -9.96 -4.35 17.91
CA LEU A 468 -11.04 -4.97 18.66
C LEU A 468 -11.59 -3.93 19.62
N ASP A 469 -12.68 -4.28 20.31
CA ASP A 469 -13.15 -3.46 21.40
C ASP A 469 -12.69 -4.06 22.74
N LYS A 470 -13.19 -3.51 23.84
CA LYS A 470 -12.77 -3.96 25.16
C LYS A 470 -13.17 -5.41 25.44
N GLU A 471 -14.23 -5.89 24.81
CA GLU A 471 -14.66 -7.28 24.96
C GLU A 471 -14.01 -8.21 23.97
N ASN A 472 -12.98 -7.74 23.26
CA ASN A 472 -12.18 -8.50 22.31
C ASN A 472 -12.99 -8.92 21.08
N ARG A 473 -14.12 -8.27 20.85
CA ARG A 473 -14.89 -8.50 19.65
C ARG A 473 -14.30 -7.71 18.50
N TYR A 474 -14.30 -8.30 17.32
CA TYR A 474 -13.83 -7.60 16.14
C TYR A 474 -14.77 -6.46 15.83
N ARG A 475 -14.21 -5.30 15.52
CA ARG A 475 -15.03 -4.16 15.16
C ARG A 475 -14.59 -3.63 13.82
N ILE A 476 -15.58 -3.32 12.97
CA ILE A 476 -15.38 -2.48 11.81
C ILE A 476 -15.63 -1.04 12.25
N PRO A 477 -14.61 -0.23 12.48
CA PRO A 477 -14.83 1.11 13.01
C PRO A 477 -15.59 1.96 12.02
N ARG A 478 -16.38 2.89 12.55
CA ARG A 478 -17.10 3.82 11.70
C ARG A 478 -16.15 4.60 10.82
N SER A 479 -14.95 4.90 11.32
CA SER A 479 -13.97 5.64 10.54
C SER A 479 -13.53 4.84 9.31
N ALA A 480 -13.27 3.55 9.48
CA ALA A 480 -12.84 2.72 8.36
C ALA A 480 -13.98 2.48 7.38
N LEU A 481 -15.18 2.16 7.90
CA LEU A 481 -16.33 1.97 7.03
C LEU A 481 -16.65 3.24 6.27
N ARG A 482 -16.53 4.39 6.93
CA ARG A 482 -16.76 5.68 6.28
C ARG A 482 -15.70 5.98 5.24
N GLY A 483 -14.43 5.67 5.52
CA GLY A 483 -13.40 5.88 4.52
C GLY A 483 -13.57 5.00 3.31
N ALA A 484 -13.95 3.73 3.53
CA ALA A 484 -14.23 2.84 2.42
C ALA A 484 -15.45 3.30 1.63
N LEU A 485 -16.48 3.77 2.32
CA LEU A 485 -17.66 4.28 1.64
C LEU A 485 -17.36 5.54 0.85
N ARG A 486 -16.54 6.43 1.40
CA ARG A 486 -16.13 7.62 0.66
C ARG A 486 -15.31 7.25 -0.56
N ARG A 487 -14.41 6.27 -0.42
CA ARG A 487 -13.62 5.83 -1.55
C ARG A 487 -14.51 5.24 -2.63
N ASP A 488 -15.50 4.45 -2.24
CA ASP A 488 -16.34 3.79 -3.22
C ASP A 488 -17.36 4.75 -3.82
N LEU A 489 -17.80 5.76 -3.07
CA LEU A 489 -18.65 6.81 -3.61
C LEU A 489 -17.87 7.68 -4.58
N ARG A 490 -16.59 7.94 -4.28
CA ARG A 490 -15.75 8.67 -5.22
C ARG A 490 -15.56 7.87 -6.50
N THR A 491 -15.37 6.55 -6.38
CA THR A 491 -15.37 5.71 -7.57
C THR A 491 -16.68 5.79 -8.32
N ALA A 492 -17.80 5.70 -7.60
CA ALA A 492 -19.12 5.70 -8.21
C ALA A 492 -19.43 7.03 -8.90
N PHE A 493 -19.11 8.14 -8.24
CA PHE A 493 -19.34 9.43 -8.87
C PHE A 493 -18.38 9.66 -10.03
N GLY A 494 -17.23 8.99 -10.01
CA GLY A 494 -16.19 9.21 -10.98
C GLY A 494 -15.34 10.42 -10.69
N SER A 495 -15.73 11.24 -9.72
CA SER A 495 -15.05 12.49 -9.42
C SER A 495 -15.30 12.81 -7.97
N GLY A 496 -14.23 12.94 -7.21
CA GLY A 496 -14.34 13.32 -5.81
C GLY A 496 -13.12 14.11 -5.41
N CYS A 497 -13.25 14.79 -4.28
CA CYS A 497 -12.14 15.56 -3.76
C CYS A 497 -11.22 14.68 -2.92
N ASN A 498 -9.98 15.14 -2.79
CA ASN A 498 -9.13 14.66 -1.71
C ASN A 498 -9.46 15.49 -0.49
N VAL A 499 -9.74 14.83 0.63
CA VAL A 499 -10.40 15.48 1.75
C VAL A 499 -9.46 16.53 2.34
N SER A 500 -9.76 17.80 2.08
CA SER A 500 -9.07 18.89 2.74
C SER A 500 -9.55 18.99 4.18
N LEU A 501 -8.66 19.41 5.07
CA LEU A 501 -8.94 19.30 6.50
C LEU A 501 -9.14 20.60 7.24
N GLY A 502 -8.93 21.75 6.62
CA GLY A 502 -9.17 22.96 7.37
C GLY A 502 -10.03 23.94 6.62
N GLY A 503 -10.73 23.46 5.61
CA GLY A 503 -11.47 24.33 4.72
C GLY A 503 -12.51 25.16 5.43
N GLN A 504 -12.42 26.49 5.27
CA GLN A 504 -13.46 27.36 5.79
C GLN A 504 -14.74 27.25 4.97
N ILE A 505 -14.69 26.59 3.83
CA ILE A 505 -15.83 26.39 2.96
C ILE A 505 -16.08 24.90 2.82
N LEU A 506 -17.35 24.49 2.90
CA LEU A 506 -17.71 23.10 2.70
C LEU A 506 -17.36 22.68 1.29
N CYS A 507 -16.87 21.46 1.16
CA CYS A 507 -16.55 20.93 -0.16
C CYS A 507 -17.85 20.55 -0.87
N ASN A 508 -18.14 21.19 -1.98
CA ASN A 508 -19.34 20.90 -2.74
C ASN A 508 -19.12 19.81 -3.78
N CYS A 509 -18.08 18.99 -3.62
CA CYS A 509 -17.97 17.82 -4.48
C CYS A 509 -19.13 16.89 -4.19
N LYS A 510 -19.56 16.16 -5.22
CA LYS A 510 -20.72 15.31 -5.07
C LYS A 510 -20.51 14.27 -3.99
N VAL A 511 -19.28 13.77 -3.87
CA VAL A 511 -18.93 12.83 -2.81
C VAL A 511 -19.09 13.47 -1.44
N CYS A 512 -18.60 14.70 -1.28
CA CYS A 512 -18.71 15.36 0.02
C CYS A 512 -20.13 15.82 0.29
N ILE A 513 -20.88 16.18 -0.74
CA ILE A 513 -22.27 16.55 -0.56
C ILE A 513 -23.07 15.37 -0.03
N GLU A 514 -22.87 14.18 -0.62
CA GLU A 514 -23.61 13.02 -0.17
C GLU A 514 -23.06 12.43 1.12
N MET A 515 -21.75 12.51 1.33
CA MET A 515 -21.14 12.00 2.55
C MET A 515 -21.50 12.84 3.76
N ARG A 516 -21.98 14.07 3.55
CA ARG A 516 -22.45 14.89 4.65
C ARG A 516 -23.80 14.41 5.15
N ARG A 517 -24.58 13.78 4.28
CA ARG A 517 -25.88 13.22 4.63
C ARG A 517 -25.80 11.77 5.06
N ILE A 518 -24.65 11.12 4.91
CA ILE A 518 -24.49 9.71 5.25
C ILE A 518 -23.98 9.62 6.68
N THR A 519 -24.65 8.82 7.49
CA THR A 519 -24.20 8.46 8.82
C THR A 519 -24.12 6.94 8.90
N LEU A 520 -22.99 6.43 9.36
CA LEU A 520 -22.76 5.01 9.49
C LEU A 520 -22.74 4.67 10.97
N LYS A 521 -22.41 3.43 11.29
CA LYS A 521 -22.32 3.01 12.68
C LYS A 521 -21.07 2.17 12.86
N ASP A 522 -20.55 2.15 14.08
CA ASP A 522 -19.45 1.28 14.43
C ASP A 522 -19.96 -0.16 14.50
N SER A 523 -19.58 -0.98 13.54
CA SER A 523 -19.94 -2.39 13.56
C SER A 523 -19.07 -3.14 14.56
N VAL A 524 -19.66 -4.09 15.25
CA VAL A 524 -18.93 -4.99 16.13
C VAL A 524 -19.54 -6.38 16.00
N SER A 525 -18.69 -7.39 16.00
CA SER A 525 -19.17 -8.76 15.89
C SER A 525 -19.44 -9.34 17.27
N ASP A 526 -20.45 -10.21 17.36
CA ASP A 526 -20.65 -10.95 18.60
C ASP A 526 -19.51 -11.91 18.84
N PHE A 527 -18.92 -12.42 17.77
CA PHE A 527 -17.78 -13.31 17.86
C PHE A 527 -16.56 -12.57 18.40
N SER A 528 -15.86 -13.20 19.35
CA SER A 528 -14.72 -12.54 19.98
C SER A 528 -13.57 -13.48 20.27
N GLU A 529 -13.36 -14.51 19.45
CA GLU A 529 -12.22 -15.40 19.66
C GLU A 529 -10.95 -14.78 19.07
N PRO A 530 -9.77 -15.20 19.55
CA PRO A 530 -8.56 -14.47 19.23
C PRO A 530 -8.27 -14.48 17.73
N PRO A 531 -7.69 -13.41 17.21
CA PRO A 531 -7.34 -13.37 15.79
C PRO A 531 -6.21 -14.32 15.45
N GLU A 532 -6.20 -14.77 14.20
CA GLU A 532 -5.10 -15.56 13.69
C GLU A 532 -4.00 -14.65 13.20
N ILE A 533 -2.76 -15.01 13.52
CA ILE A 533 -1.60 -14.24 13.11
C ILE A 533 -1.14 -14.75 11.75
N ARG A 534 -1.11 -13.85 10.76
CA ARG A 534 -0.60 -14.15 9.43
C ARG A 534 0.84 -13.65 9.36
N TYR A 535 1.78 -14.58 9.32
CA TYR A 535 3.20 -14.24 9.24
C TYR A 535 3.58 -14.11 7.77
N ARG A 536 4.31 -13.06 7.46
CA ARG A 536 4.81 -12.84 6.11
C ARG A 536 6.32 -12.67 6.16
N ILE A 537 6.97 -13.14 5.11
CA ILE A 537 8.39 -12.96 4.92
C ILE A 537 8.60 -12.21 3.63
N ALA A 538 9.76 -11.57 3.50
CA ALA A 538 10.24 -11.08 2.22
C ALA A 538 11.30 -12.07 1.77
N LYS A 539 11.16 -12.55 0.54
CA LYS A 539 12.17 -13.41 -0.04
C LYS A 539 13.32 -12.57 -0.58
N ASN A 540 14.53 -13.02 -0.35
CA ASN A 540 15.67 -12.37 -0.97
C ASN A 540 15.67 -12.73 -2.46
N PRO A 541 15.60 -11.75 -3.35
CA PRO A 541 15.51 -12.10 -4.78
C PRO A 541 16.73 -12.83 -5.30
N GLY A 542 17.93 -12.45 -4.85
CA GLY A 542 19.13 -13.03 -5.41
C GLY A 542 19.35 -14.47 -5.00
N THR A 543 19.16 -14.77 -3.72
CA THR A 543 19.36 -16.11 -3.19
C THR A 543 18.08 -16.92 -3.09
N ALA A 544 16.92 -16.30 -3.30
CA ALA A 544 15.62 -16.95 -3.23
C ALA A 544 15.41 -17.61 -1.87
N THR A 545 15.91 -16.96 -0.83
CA THR A 545 15.77 -17.39 0.56
C THR A 545 15.08 -16.30 1.35
N VAL A 546 14.89 -16.55 2.64
CA VAL A 546 14.24 -15.59 3.52
C VAL A 546 15.21 -14.46 3.83
N GLU A 547 14.77 -13.22 3.65
CA GLU A 547 15.55 -12.10 4.11
C GLU A 547 15.58 -12.09 5.63
N ASP A 548 16.76 -11.96 6.21
CA ASP A 548 16.88 -11.93 7.66
C ASP A 548 16.12 -10.72 8.23
N GLY A 549 15.39 -10.95 9.32
CA GLY A 549 14.65 -9.89 9.96
C GLY A 549 13.45 -9.40 9.20
N SER A 550 13.13 -10.01 8.06
CA SER A 550 12.00 -9.59 7.24
C SER A 550 10.70 -10.23 7.66
N LEU A 551 10.71 -11.13 8.64
CA LEU A 551 9.49 -11.75 9.11
C LEU A 551 8.64 -10.69 9.81
N PHE A 552 7.43 -10.51 9.33
CA PHE A 552 6.47 -9.61 9.96
C PHE A 552 5.09 -10.23 9.90
N ASP A 553 4.23 -9.83 10.83
CA ASP A 553 2.96 -10.50 10.97
C ASP A 553 1.87 -9.49 11.27
N ILE A 554 0.65 -9.84 10.88
CA ILE A 554 -0.55 -9.11 11.26
C ILE A 554 -1.55 -10.11 11.84
N GLU A 555 -2.40 -9.60 12.72
CA GLU A 555 -3.51 -10.35 13.27
C GLU A 555 -4.70 -10.14 12.34
N VAL A 556 -5.32 -11.23 11.92
CA VAL A 556 -6.46 -11.14 11.01
C VAL A 556 -7.68 -11.76 11.69
N GLY A 557 -8.83 -11.20 11.38
CA GLY A 557 -10.07 -11.81 11.78
C GLY A 557 -10.54 -12.81 10.75
N PRO A 558 -11.35 -13.75 11.21
CA PRO A 558 -11.76 -14.87 10.35
C PRO A 558 -12.69 -14.43 9.23
N GLU A 559 -12.62 -15.16 8.12
CA GLU A 559 -13.58 -14.95 7.06
C GLU A 559 -14.91 -15.59 7.44
N GLY A 560 -15.99 -15.07 6.85
CA GLY A 560 -17.31 -15.46 7.25
C GLY A 560 -17.80 -14.79 8.50
N LEU A 561 -16.95 -14.05 9.19
CA LEU A 561 -17.39 -13.26 10.32
C LEU A 561 -18.31 -12.16 9.84
N THR A 562 -19.35 -11.89 10.62
CA THR A 562 -20.44 -11.04 10.20
C THR A 562 -20.57 -9.87 11.16
N PHE A 563 -20.81 -8.68 10.61
CA PHE A 563 -20.91 -7.45 11.36
C PHE A 563 -22.23 -6.76 11.04
N PRO A 564 -22.83 -6.07 12.00
CA PRO A 564 -24.04 -5.29 11.71
C PRO A 564 -23.67 -4.04 10.90
N PHE A 565 -24.31 -3.88 9.76
CA PHE A 565 -24.12 -2.71 8.92
C PHE A 565 -25.31 -1.78 9.09
N VAL A 566 -25.05 -0.53 9.44
CA VAL A 566 -26.06 0.51 9.47
C VAL A 566 -25.54 1.66 8.60
N LEU A 567 -26.33 2.05 7.61
CA LEU A 567 -26.09 3.26 6.85
C LEU A 567 -27.36 4.10 6.93
N ARG A 568 -27.21 5.36 7.32
CA ARG A 568 -28.31 6.30 7.35
C ARG A 568 -28.05 7.40 6.34
N TYR A 569 -28.97 7.59 5.41
CA TYR A 569 -28.89 8.69 4.47
C TYR A 569 -30.04 9.65 4.74
N ARG A 570 -29.71 10.89 5.03
CA ARG A 570 -30.65 11.95 5.35
C ARG A 570 -30.62 12.94 4.20
N GLY A 571 -31.54 12.79 3.26
CA GLY A 571 -31.58 13.68 2.12
C GLY A 571 -32.96 13.78 1.52
N HIS A 572 -33.05 14.27 0.30
CA HIS A 572 -34.33 14.42 -0.37
C HIS A 572 -34.60 13.30 -1.36
N LYS A 573 -33.58 12.81 -2.03
CA LYS A 573 -33.68 11.60 -2.83
C LYS A 573 -32.48 10.72 -2.56
N PHE A 574 -32.69 9.42 -2.57
CA PHE A 574 -31.60 8.50 -2.34
C PHE A 574 -30.69 8.51 -3.57
N PRO A 575 -29.40 8.81 -3.42
CA PRO A 575 -28.54 8.97 -4.59
C PRO A 575 -28.31 7.66 -5.34
N GLU A 576 -28.21 7.79 -6.66
CA GLU A 576 -27.93 6.65 -7.52
C GLU A 576 -26.53 6.11 -7.28
N GLN A 577 -25.65 6.90 -6.68
CA GLN A 577 -24.28 6.49 -6.45
C GLN A 577 -24.15 5.74 -5.13
N LEU A 578 -24.80 6.23 -4.08
CA LEU A 578 -24.80 5.50 -2.81
C LEU A 578 -25.55 4.18 -2.95
N SER A 579 -26.65 4.16 -3.71
CA SER A 579 -27.31 2.91 -4.04
C SER A 579 -26.39 2.01 -4.86
N SER A 580 -25.60 2.60 -5.77
CA SER A 580 -24.61 1.82 -6.50
C SER A 580 -23.52 1.27 -5.60
N VAL A 581 -23.07 2.05 -4.61
CA VAL A 581 -22.06 1.55 -3.70
C VAL A 581 -22.62 0.43 -2.83
N ILE A 582 -23.86 0.58 -2.38
CA ILE A 582 -24.49 -0.46 -1.58
C ILE A 582 -24.65 -1.74 -2.40
N ARG A 583 -25.03 -1.62 -3.68
CA ARG A 583 -25.13 -2.79 -4.52
C ARG A 583 -23.78 -3.40 -4.84
N TYR A 584 -22.75 -2.56 -4.96
CA TYR A 584 -21.39 -3.05 -5.19
C TYR A 584 -20.88 -3.85 -4.01
N TRP A 585 -21.18 -3.39 -2.80
CA TRP A 585 -20.82 -4.10 -1.58
C TRP A 585 -21.68 -5.32 -1.33
N GLU A 586 -22.91 -5.32 -1.81
CA GLU A 586 -23.82 -6.42 -1.56
C GLU A 586 -23.33 -7.71 -2.21
N GLU A 587 -23.56 -8.83 -1.56
CA GLU A 587 -23.32 -10.14 -2.17
C GLU A 587 -24.68 -10.74 -2.49
N ASN A 588 -24.77 -11.39 -3.64
CA ASN A 588 -25.99 -12.04 -4.07
C ASN A 588 -25.64 -13.35 -4.78
N ASP A 589 -26.63 -13.94 -5.42
CA ASP A 589 -26.39 -15.13 -6.23
C ASP A 589 -25.63 -14.74 -7.49
N GLY A 590 -24.41 -15.25 -7.62
CA GLY A 590 -23.58 -14.93 -8.75
C GLY A 590 -22.80 -13.64 -8.64
N LYS A 591 -22.79 -13.00 -7.47
CA LYS A 591 -21.99 -11.81 -7.27
C LYS A 591 -21.23 -11.93 -5.96
N ASN A 592 -20.03 -11.34 -5.96
CA ASN A 592 -19.21 -11.24 -4.75
C ASN A 592 -19.41 -9.86 -4.14
N GLY A 593 -19.47 -9.81 -2.81
CA GLY A 593 -19.47 -8.53 -2.13
C GLY A 593 -18.13 -7.87 -2.26
N MET A 594 -18.13 -6.59 -2.60
CA MET A 594 -16.91 -5.87 -2.93
C MET A 594 -16.68 -4.70 -1.98
N ALA A 595 -16.97 -4.89 -0.70
CA ALA A 595 -16.66 -3.90 0.32
C ALA A 595 -15.27 -4.20 0.84
N TRP A 596 -14.28 -3.45 0.38
CA TRP A 596 -12.90 -3.60 0.82
C TRP A 596 -12.68 -2.69 2.02
N LEU A 597 -12.68 -3.26 3.21
CA LEU A 597 -12.55 -2.48 4.43
C LEU A 597 -11.23 -2.80 5.12
N GLY A 598 -10.59 -1.77 5.65
CA GLY A 598 -9.40 -1.97 6.43
C GLY A 598 -8.14 -2.03 5.58
N GLY A 599 -7.11 -2.62 6.17
CA GLY A 599 -5.82 -2.71 5.54
C GLY A 599 -5.63 -4.00 4.79
N LEU A 600 -4.46 -4.12 4.17
CA LEU A 600 -4.00 -5.33 3.51
C LEU A 600 -4.99 -5.81 2.45
N ASP A 601 -5.57 -4.86 1.71
CA ASP A 601 -6.40 -5.23 0.58
C ASP A 601 -5.60 -5.93 -0.50
N SER A 602 -4.30 -5.63 -0.60
CA SER A 602 -3.44 -6.23 -1.60
C SER A 602 -3.27 -7.73 -1.38
N THR A 603 -3.12 -8.15 -0.13
CA THR A 603 -3.14 -9.57 0.20
C THR A 603 -4.56 -10.07 0.46
N GLY A 604 -5.55 -9.41 -0.12
CA GLY A 604 -6.92 -9.89 -0.11
C GLY A 604 -7.58 -9.89 1.23
N LYS A 605 -7.10 -9.06 2.15
CA LYS A 605 -7.68 -8.97 3.48
C LYS A 605 -8.79 -7.95 3.44
N GLY A 606 -9.91 -8.26 4.07
CA GLY A 606 -10.92 -7.26 4.28
C GLY A 606 -11.85 -7.01 3.13
N ARG A 607 -12.01 -7.98 2.22
CA ARG A 607 -13.08 -7.90 1.23
C ARG A 607 -14.36 -8.35 1.90
N PHE A 608 -15.23 -7.40 2.23
CA PHE A 608 -16.46 -7.70 2.93
C PHE A 608 -17.62 -7.73 1.94
N ALA A 609 -18.68 -8.42 2.35
CA ALA A 609 -19.88 -8.52 1.55
C ALA A 609 -21.05 -7.99 2.38
N LEU A 610 -21.89 -7.17 1.76
CA LEU A 610 -23.11 -6.75 2.41
C LEU A 610 -24.20 -7.79 2.17
N LYS A 611 -24.84 -8.23 3.23
CA LYS A 611 -25.88 -9.23 3.10
C LYS A 611 -27.04 -8.86 4.00
N ASP A 612 -28.20 -9.45 3.71
CA ASP A 612 -29.43 -9.19 4.45
C ASP A 612 -29.77 -7.71 4.47
N ILE A 613 -29.59 -7.05 3.32
CA ILE A 613 -29.78 -5.61 3.25
C ILE A 613 -31.26 -5.30 3.21
N LYS A 614 -31.70 -4.47 4.15
CA LYS A 614 -33.05 -3.93 4.16
C LYS A 614 -32.93 -2.41 4.25
N ILE A 615 -33.65 -1.72 3.38
CA ILE A 615 -33.66 -0.25 3.38
C ILE A 615 -35.05 0.20 3.79
N PHE A 616 -35.11 0.98 4.85
CA PHE A 616 -36.33 1.61 5.34
C PHE A 616 -36.16 3.10 5.24
N GLU A 617 -37.21 3.81 4.86
CA GLU A 617 -37.16 5.27 4.79
C GLU A 617 -38.10 5.87 5.83
N TRP A 618 -37.61 6.86 6.55
CA TRP A 618 -38.44 7.72 7.37
C TRP A 618 -38.97 8.86 6.51
N ASP A 619 -40.26 9.13 6.62
CA ASP A 619 -40.84 10.30 5.98
C ASP A 619 -40.76 11.45 6.97
N LEU A 620 -39.72 12.27 6.85
CA LEU A 620 -39.44 13.28 7.85
C LEU A 620 -40.34 14.49 7.75
N ASN A 621 -41.16 14.59 6.72
CA ASN A 621 -42.05 15.73 6.59
C ASN A 621 -43.41 15.50 7.24
N GLN A 622 -43.94 14.28 7.13
CA GLN A 622 -45.19 13.94 7.79
C GLN A 622 -45.05 13.01 8.97
N LYS A 623 -43.91 12.32 9.11
CA LYS A 623 -43.67 11.44 10.24
C LYS A 623 -42.45 11.87 11.02
N ILE A 624 -42.26 13.20 11.14
CA ILE A 624 -41.13 13.71 11.91
C ILE A 624 -41.32 13.44 13.39
N ASN A 625 -42.56 13.51 13.89
CA ASN A 625 -42.80 13.21 15.29
C ASN A 625 -42.59 11.74 15.59
N GLU A 626 -42.90 10.87 14.63
CA GLU A 626 -42.61 9.44 14.80
C GLU A 626 -41.12 9.16 14.71
N TYR A 627 -40.40 9.92 13.89
CA TYR A 627 -38.94 9.82 13.87
C TYR A 627 -38.34 10.23 15.20
N ILE A 628 -38.79 11.37 15.73
CA ILE A 628 -38.26 11.89 16.98
C ILE A 628 -38.64 10.99 18.14
N LYS A 629 -39.86 10.44 18.12
CA LYS A 629 -40.28 9.53 19.18
C LYS A 629 -39.40 8.28 19.21
N GLU A 630 -39.10 7.74 18.04
CA GLU A 630 -38.26 6.55 17.93
C GLU A 630 -36.77 6.87 17.95
N ARG A 631 -36.41 8.15 18.02
CA ARG A 631 -35.01 8.58 17.98
C ARG A 631 -34.33 8.07 16.72
N GLY A 632 -35.10 7.95 15.64
CA GLY A 632 -34.57 7.38 14.42
C GLY A 632 -34.14 5.94 14.55
N MET A 633 -34.50 5.28 15.65
CA MET A 633 -34.02 3.95 16.01
C MET A 633 -32.49 3.90 15.95
N ARG A 634 -31.86 4.79 16.70
CA ARG A 634 -30.43 4.98 16.59
C ARG A 634 -29.62 3.98 17.41
N GLY A 635 -30.26 3.22 18.28
CA GLY A 635 -29.59 2.10 18.91
C GLY A 635 -30.34 0.82 18.65
N LYS A 636 -31.37 0.91 17.82
CA LYS A 636 -32.29 -0.19 17.54
C LYS A 636 -32.24 -0.61 16.08
N GLU A 637 -31.06 -0.62 15.49
CA GLU A 637 -30.92 -1.05 14.11
C GLU A 637 -30.70 -2.55 14.00
N LYS A 638 -30.14 -3.17 15.03
CA LYS A 638 -30.07 -4.63 15.04
C LYS A 638 -31.45 -5.23 15.22
N GLU A 639 -32.31 -4.55 15.98
CA GLU A 639 -33.69 -4.99 16.09
C GLU A 639 -34.48 -4.62 14.84
N LEU A 640 -34.06 -3.59 14.12
CA LEU A 640 -34.67 -3.25 12.85
C LEU A 640 -34.40 -4.31 11.80
N LEU A 641 -33.20 -4.89 11.82
CA LEU A 641 -32.87 -5.98 10.91
C LEU A 641 -33.64 -7.25 11.21
N GLU A 642 -33.85 -7.57 12.47
CA GLU A 642 -34.56 -8.79 12.85
C GLU A 642 -36.07 -8.67 12.68
N MET A 643 -36.65 -7.51 12.95
CA MET A 643 -38.09 -7.34 12.89
C MET A 643 -38.60 -7.44 11.47
N GLY A 644 -39.89 -7.71 11.34
CA GLY A 644 -40.56 -7.72 10.06
C GLY A 644 -41.25 -6.41 9.76
N GLU A 645 -41.86 -6.34 8.58
CA GLU A 645 -42.57 -5.14 8.16
C GLU A 645 -43.71 -4.79 9.10
N SER A 646 -44.36 -5.79 9.71
CA SER A 646 -45.48 -5.53 10.59
C SER A 646 -45.07 -4.82 11.87
N SER A 647 -43.87 -5.09 12.38
CA SER A 647 -43.42 -4.55 13.65
C SER A 647 -42.69 -3.22 13.49
N LEU A 648 -42.65 -2.66 12.29
CA LEU A 648 -41.95 -1.41 12.06
C LEU A 648 -42.60 -0.27 12.84
N PRO A 649 -41.82 0.71 13.26
CA PRO A 649 -42.39 1.93 13.85
C PRO A 649 -43.22 2.68 12.82
N ASP A 650 -44.02 3.63 13.32
CA ASP A 650 -45.02 4.26 12.47
C ASP A 650 -44.39 5.04 11.33
N GLY A 651 -43.31 5.77 11.60
CA GLY A 651 -42.70 6.53 10.53
C GLY A 651 -41.94 5.71 9.51
N LEU A 652 -41.47 4.52 9.88
CA LEU A 652 -40.61 3.71 9.02
C LEU A 652 -41.46 2.90 8.07
N ILE A 653 -41.12 2.95 6.79
CA ILE A 653 -41.70 2.05 5.80
C ILE A 653 -40.54 1.41 5.04
N PRO A 654 -40.68 0.18 4.55
CA PRO A 654 -39.63 -0.37 3.69
C PRO A 654 -39.50 0.44 2.42
N TYR A 655 -38.25 0.63 1.99
CA TYR A 655 -37.96 1.36 0.76
C TYR A 655 -38.03 0.36 -0.39
N LYS A 656 -39.09 0.46 -1.19
CA LYS A 656 -39.31 -0.46 -2.30
C LYS A 656 -38.60 -0.02 -3.57
N PHE A 657 -37.92 1.11 -3.47
CA PHE A 657 -37.27 1.72 -4.65
C PHE A 657 -35.78 1.52 -4.74
N PHE A 658 -35.18 0.66 -3.93
CA PHE A 658 -33.71 0.51 -4.04
C PHE A 658 -33.48 -0.08 -5.41
N GLU A 659 -32.64 0.54 -6.23
CA GLU A 659 -32.57 0.11 -7.64
C GLU A 659 -31.71 -1.13 -7.68
N GLU A 660 -31.92 -1.96 -8.68
CA GLU A 660 -31.09 -3.16 -8.86
C GLU A 660 -29.78 -2.77 -9.51
N ARG A 661 -28.81 -3.64 -9.48
CA ARG A 661 -27.45 -3.43 -9.96
C ARG A 661 -27.44 -3.04 -11.43
N GLU A 662 -28.23 -3.73 -12.24
CA GLU A 662 -28.28 -3.47 -13.67
C GLU A 662 -28.97 -2.16 -14.00
N CYS A 663 -29.71 -1.60 -13.05
CA CYS A 663 -30.37 -0.32 -13.23
C CYS A 663 -29.54 0.86 -12.76
N LEU A 664 -28.34 0.61 -12.23
CA LEU A 664 -27.52 1.63 -11.61
C LEU A 664 -26.33 1.95 -12.51
N PHE A 665 -26.38 3.10 -13.14
CA PHE A 665 -25.32 3.58 -14.02
C PHE A 665 -24.00 3.75 -13.28
N PRO A 666 -23.97 4.34 -12.08
CA PRO A 666 -22.69 4.41 -11.36
C PRO A 666 -22.10 3.06 -11.05
N TYR A 667 -22.94 2.04 -10.80
CA TYR A 667 -22.43 0.71 -10.52
C TYR A 667 -21.84 0.08 -11.77
N LYS A 668 -22.56 0.13 -12.89
CA LYS A 668 -22.15 -0.60 -14.08
C LYS A 668 -20.91 -0.01 -14.73
N GLU A 669 -20.74 1.30 -14.67
CA GLU A 669 -19.65 1.96 -15.39
C GLU A 669 -18.48 2.35 -14.49
N ASN A 670 -18.68 2.46 -13.19
CA ASN A 670 -17.65 2.93 -12.30
C ASN A 670 -17.23 1.90 -11.27
N LEU A 671 -18.18 1.19 -10.69
CA LEU A 671 -17.89 0.27 -9.58
C LEU A 671 -17.69 -1.16 -10.05
N LYS A 672 -18.60 -1.67 -10.89
CA LYS A 672 -18.47 -3.04 -11.37
C LYS A 672 -17.17 -3.30 -12.11
N PRO A 673 -16.72 -2.47 -13.05
CA PRO A 673 -15.45 -2.74 -13.73
C PRO A 673 -14.20 -2.35 -12.95
N GLN A 674 -14.33 -1.81 -11.74
CA GLN A 674 -13.16 -1.29 -11.03
C GLN A 674 -12.19 -2.40 -10.66
N TRP A 675 -12.70 -3.56 -10.27
CA TRP A 675 -11.88 -4.72 -9.95
C TRP A 675 -12.39 -5.91 -10.74
N SER A 676 -11.51 -6.58 -11.47
CA SER A 676 -11.85 -7.76 -12.23
C SER A 676 -11.37 -8.99 -11.46
N GLU A 677 -12.28 -9.91 -11.22
CA GLU A 677 -11.93 -11.16 -10.57
C GLU A 677 -11.29 -12.11 -11.57
N VAL A 678 -10.13 -12.63 -11.23
CA VAL A 678 -9.50 -13.72 -11.96
C VAL A 678 -9.49 -14.89 -10.98
N GLN A 679 -10.50 -15.73 -11.07
CA GLN A 679 -10.57 -16.95 -10.28
C GLN A 679 -10.02 -18.11 -11.06
N TYR A 680 -9.18 -18.91 -10.42
CA TYR A 680 -8.57 -20.05 -11.07
C TYR A 680 -8.27 -21.11 -10.02
N THR A 681 -8.19 -22.35 -10.46
CA THR A 681 -7.92 -23.48 -9.59
C THR A 681 -6.51 -23.97 -9.87
N ILE A 682 -5.68 -24.06 -8.83
CA ILE A 682 -4.34 -24.60 -8.97
C ILE A 682 -4.39 -26.10 -8.71
N GLU A 683 -3.82 -26.87 -9.63
CA GLU A 683 -3.73 -28.32 -9.50
C GLU A 683 -2.32 -28.64 -9.02
N VAL A 684 -2.20 -29.14 -7.80
CA VAL A 684 -0.91 -29.49 -7.22
C VAL A 684 -0.85 -31.00 -7.11
N GLY A 685 -0.32 -31.65 -8.14
CA GLY A 685 -0.11 -33.08 -8.12
C GLY A 685 1.16 -33.42 -7.39
N SER A 686 1.34 -32.81 -6.23
CA SER A 686 2.56 -32.91 -5.45
C SER A 686 2.20 -32.68 -4.00
N PRO A 687 2.97 -33.22 -3.07
CA PRO A 687 2.70 -32.91 -1.66
C PRO A 687 3.00 -31.46 -1.34
N LEU A 688 1.96 -30.69 -1.09
CA LEU A 688 2.09 -29.26 -0.90
C LEU A 688 2.33 -28.98 0.58
N LEU A 689 3.38 -28.21 0.88
CA LEU A 689 3.70 -27.82 2.25
C LEU A 689 3.96 -26.32 2.28
N THR A 690 2.91 -25.53 2.47
CA THR A 690 3.07 -24.13 2.86
C THR A 690 3.09 -24.11 4.37
N ALA A 691 4.28 -24.09 4.94
CA ALA A 691 4.43 -24.36 6.36
C ALA A 691 3.88 -23.22 7.20
N ASP A 692 3.26 -23.58 8.33
CA ASP A 692 2.92 -22.64 9.40
C ASP A 692 3.92 -22.90 10.52
N THR A 693 4.99 -22.12 10.54
CA THR A 693 6.09 -22.40 11.48
C THR A 693 5.65 -22.22 12.92
N ILE A 694 4.79 -21.25 13.19
CA ILE A 694 4.34 -21.03 14.56
C ILE A 694 3.39 -22.13 14.99
N SER A 695 2.52 -22.59 14.09
CA SER A 695 1.59 -23.65 14.44
C SER A 695 2.31 -24.92 14.82
N ALA A 696 3.37 -25.27 14.08
CA ALA A 696 4.18 -26.43 14.45
C ALA A 696 4.76 -26.31 15.85
N LEU A 697 4.93 -25.10 16.37
CA LEU A 697 5.39 -24.90 17.73
C LEU A 697 4.28 -25.01 18.76
N THR A 698 3.02 -24.96 18.36
CA THR A 698 1.92 -24.94 19.30
C THR A 698 1.03 -26.17 19.24
N GLU A 699 0.86 -26.79 18.08
CA GLU A 699 0.08 -28.02 18.02
C GLU A 699 0.82 -29.15 18.72
N PRO A 700 0.08 -30.11 19.29
CA PRO A 700 0.72 -31.19 20.04
C PRO A 700 1.24 -32.34 19.19
N GLY A 701 1.22 -32.24 17.87
CA GLY A 701 1.57 -33.36 17.03
C GLY A 701 3.04 -33.70 16.96
N ASN A 702 3.91 -32.88 17.55
CA ASN A 702 5.36 -33.08 17.48
C ASN A 702 5.83 -33.12 16.03
N ARG A 703 5.38 -32.14 15.25
CA ARG A 703 5.59 -32.11 13.81
C ARG A 703 6.43 -30.90 13.44
N ASP A 704 7.48 -31.14 12.65
CA ASP A 704 8.41 -30.06 12.32
C ASP A 704 7.81 -29.06 11.34
N ALA A 705 7.15 -29.53 10.29
CA ALA A 705 6.58 -28.66 9.27
C ALA A 705 5.20 -29.17 8.91
N ILE A 706 4.18 -28.40 9.26
CA ILE A 706 2.80 -28.74 8.98
C ILE A 706 2.21 -27.72 8.01
N ALA A 707 1.22 -28.17 7.26
CA ALA A 707 0.60 -27.32 6.25
C ALA A 707 -0.15 -26.16 6.90
N TYR A 708 -0.15 -25.02 6.23
CA TYR A 708 -0.89 -23.87 6.72
C TYR A 708 -2.38 -24.12 6.63
N LYS A 709 -3.09 -23.88 7.73
CA LYS A 709 -4.53 -23.90 7.76
C LYS A 709 -5.02 -22.68 8.52
N LYS A 710 -6.25 -22.27 8.23
CA LYS A 710 -6.80 -21.07 8.81
C LYS A 710 -8.18 -21.36 9.38
N ARG A 711 -8.54 -20.58 10.40
CA ARG A 711 -9.87 -20.66 10.98
C ARG A 711 -10.86 -19.90 10.14
N VAL A 712 -12.02 -20.51 9.90
CA VAL A 712 -13.10 -19.90 9.16
C VAL A 712 -14.31 -19.83 10.08
N TYR A 713 -14.93 -18.67 10.16
CA TYR A 713 -16.18 -18.52 10.89
C TYR A 713 -17.33 -18.99 10.02
N ASN A 714 -18.27 -19.71 10.62
CA ASN A 714 -19.49 -20.11 9.94
C ASN A 714 -20.65 -19.32 10.56
N ASP A 715 -21.27 -18.46 9.75
CA ASP A 715 -22.40 -17.69 10.23
C ASP A 715 -23.61 -18.55 10.54
N GLY A 716 -23.78 -19.67 9.82
CA GLY A 716 -24.87 -20.57 10.12
C GLY A 716 -24.79 -21.15 11.52
N ASN A 717 -23.62 -21.66 11.89
CA ASN A 717 -23.42 -22.22 13.22
C ASN A 717 -23.01 -21.17 14.24
N ASN A 718 -22.75 -19.94 13.81
CA ASN A 718 -22.32 -18.85 14.68
C ASN A 718 -21.08 -19.24 15.49
N ALA A 719 -20.15 -19.91 14.82
CA ALA A 719 -18.93 -20.37 15.47
C ALA A 719 -17.86 -20.55 14.42
N ILE A 720 -16.62 -20.65 14.89
CA ILE A 720 -15.52 -21.06 14.02
C ILE A 720 -15.69 -22.54 13.68
N GLU A 721 -15.58 -22.87 12.41
CA GLU A 721 -15.74 -24.25 11.99
C GLU A 721 -14.70 -25.12 12.66
N PRO A 722 -15.06 -26.28 13.19
CA PRO A 722 -14.08 -27.11 13.91
C PRO A 722 -12.92 -27.58 13.04
N GLU A 723 -13.13 -27.75 11.74
CA GLU A 723 -12.06 -28.21 10.87
C GLU A 723 -11.47 -27.01 10.12
N PRO A 724 -10.24 -26.61 10.42
CA PRO A 724 -9.65 -25.49 9.69
C PRO A 724 -9.42 -25.81 8.23
N ARG A 725 -9.55 -24.77 7.39
CA ARG A 725 -9.37 -24.96 5.96
C ARG A 725 -7.91 -24.80 5.61
N PHE A 726 -7.34 -25.81 4.95
CA PHE A 726 -6.00 -25.69 4.41
C PHE A 726 -6.02 -24.74 3.22
N ALA A 727 -5.00 -23.90 3.14
CA ALA A 727 -4.92 -22.94 2.04
C ALA A 727 -3.48 -22.53 1.86
N VAL A 728 -3.16 -22.15 0.63
CA VAL A 728 -1.97 -21.34 0.40
C VAL A 728 -2.33 -19.90 0.72
N LYS A 729 -1.52 -19.26 1.55
CA LYS A 729 -1.82 -17.90 1.99
C LYS A 729 -1.91 -16.96 0.80
N SER A 730 -2.77 -15.95 0.93
CA SER A 730 -2.87 -14.94 -0.10
C SER A 730 -1.56 -14.17 -0.26
N GLU A 731 -0.76 -14.10 0.81
CA GLU A 731 0.54 -13.45 0.73
C GLU A 731 1.54 -14.31 -0.03
N THR A 732 1.51 -15.62 0.17
CA THR A 732 2.27 -16.52 -0.68
C THR A 732 1.75 -16.47 -2.11
N HIS A 733 0.43 -16.46 -2.26
CA HIS A 733 -0.20 -16.30 -3.57
C HIS A 733 0.23 -15.00 -4.23
N ARG A 734 0.26 -13.91 -3.45
CA ARG A 734 0.67 -12.62 -3.99
C ARG A 734 2.14 -12.60 -4.33
N GLY A 735 2.98 -13.11 -3.43
CA GLY A 735 4.42 -13.04 -3.61
C GLY A 735 4.94 -13.95 -4.68
N ILE A 736 4.22 -15.02 -5.00
CA ILE A 736 4.60 -15.85 -6.14
C ILE A 736 4.40 -15.08 -7.43
N PHE A 737 3.27 -14.39 -7.56
CA PHE A 737 3.02 -13.56 -8.73
C PHE A 737 4.01 -12.40 -8.81
N ARG A 738 4.35 -11.80 -7.67
CA ARG A 738 5.25 -10.65 -7.68
C ARG A 738 6.64 -11.05 -8.14
N THR A 739 7.15 -12.19 -7.67
CA THR A 739 8.44 -12.65 -8.18
C THR A 739 8.31 -13.13 -9.61
N ALA A 740 7.19 -13.77 -9.96
CA ALA A 740 7.00 -14.21 -11.33
C ALA A 740 7.01 -13.03 -12.29
N VAL A 741 6.34 -11.95 -11.93
CA VAL A 741 6.40 -10.73 -12.73
C VAL A 741 7.77 -10.09 -12.63
N GLY A 742 8.31 -9.99 -11.41
CA GLY A 742 9.59 -9.31 -11.21
C GLY A 742 10.77 -10.03 -11.82
N ARG A 743 10.70 -11.35 -11.97
CA ARG A 743 11.80 -12.08 -12.58
C ARG A 743 11.81 -11.94 -14.09
N ARG A 744 10.64 -11.86 -14.72
CA ARG A 744 10.58 -11.65 -16.16
C ARG A 744 10.83 -10.21 -16.55
N THR A 745 10.46 -9.26 -15.71
CA THR A 745 10.74 -7.85 -15.99
C THR A 745 12.12 -7.43 -15.53
N GLY A 746 12.76 -8.20 -14.66
CA GLY A 746 14.01 -7.79 -14.07
C GLY A 746 13.87 -6.76 -12.98
N ASP A 747 12.65 -6.43 -12.58
CA ASP A 747 12.44 -5.49 -11.49
C ASP A 747 12.75 -6.09 -10.13
N LEU A 748 12.71 -7.41 -10.01
CA LEU A 748 13.01 -8.06 -8.75
C LEU A 748 14.45 -7.84 -8.33
N GLY A 749 15.36 -7.67 -9.28
CA GLY A 749 16.76 -7.41 -8.99
C GLY A 749 17.10 -5.98 -8.71
N LYS A 750 16.13 -5.07 -8.75
CA LYS A 750 16.38 -3.68 -8.39
C LYS A 750 16.75 -3.58 -6.91
N GLU A 751 17.76 -2.76 -6.62
CA GLU A 751 18.21 -2.61 -5.25
C GLU A 751 17.14 -1.99 -4.36
N ASP A 752 16.40 -1.02 -4.87
CA ASP A 752 15.38 -0.34 -4.09
C ASP A 752 14.19 -0.01 -4.96
N HIS A 753 13.03 0.15 -4.32
CA HIS A 753 11.80 0.54 -5.00
C HIS A 753 11.23 1.74 -4.25
N GLU A 754 11.81 2.91 -4.49
CA GLU A 754 11.33 4.17 -3.94
C GLU A 754 11.17 5.15 -5.08
N ASP A 755 9.98 5.72 -5.21
CA ASP A 755 9.60 6.50 -6.39
C ASP A 755 9.85 5.66 -7.65
N CYS A 756 9.51 4.38 -7.54
CA CYS A 756 9.74 3.43 -8.61
C CYS A 756 8.47 3.26 -9.44
N THR A 757 8.61 3.40 -10.75
CA THR A 757 7.52 3.20 -11.68
C THR A 757 7.71 1.94 -12.51
N CYS A 758 8.51 0.99 -12.02
CA CYS A 758 8.74 -0.26 -12.71
C CYS A 758 7.44 -1.06 -12.81
N ASP A 759 7.44 -2.04 -13.71
CA ASP A 759 6.24 -2.85 -13.94
C ASP A 759 5.80 -3.56 -12.67
N MET A 760 6.74 -4.02 -11.86
CA MET A 760 6.40 -4.68 -10.61
C MET A 760 5.82 -3.69 -9.61
N CYS A 761 6.33 -2.46 -9.60
CA CYS A 761 5.79 -1.44 -8.69
C CYS A 761 4.45 -0.90 -9.16
N ILE A 762 4.22 -0.87 -10.47
CA ILE A 762 2.92 -0.44 -10.96
C ILE A 762 1.85 -1.46 -10.63
N ILE A 763 2.15 -2.73 -10.87
CA ILE A 763 1.17 -3.79 -10.64
C ILE A 763 1.01 -4.07 -9.16
N PHE A 764 2.12 -4.35 -8.48
CA PHE A 764 2.09 -4.81 -7.10
C PHE A 764 2.30 -3.70 -6.09
N GLY A 765 2.46 -2.47 -6.55
CA GLY A 765 2.58 -1.35 -5.65
C GLY A 765 3.90 -1.32 -4.94
N ASN A 766 4.04 -0.31 -4.09
CA ASN A 766 5.20 -0.15 -3.24
C ASN A 766 4.77 0.71 -2.06
N GLU A 767 5.72 1.27 -1.33
CA GLU A 767 5.37 2.06 -0.17
C GLU A 767 4.79 3.41 -0.54
N HIS A 768 4.74 3.76 -1.82
CA HIS A 768 4.14 5.02 -2.24
C HIS A 768 2.78 4.84 -2.91
N GLU A 769 2.58 3.74 -3.62
CA GLU A 769 1.32 3.45 -4.28
C GLU A 769 0.84 2.07 -3.87
N SER A 770 -0.45 1.95 -3.64
CA SER A 770 -1.01 0.64 -3.34
C SER A 770 -1.06 -0.21 -4.61
N SER A 771 -1.09 -1.53 -4.39
CA SER A 771 -1.12 -2.47 -5.49
C SER A 771 -2.39 -2.33 -6.32
N LYS A 772 -2.25 -2.53 -7.62
CA LYS A 772 -3.39 -2.63 -8.52
C LYS A 772 -3.90 -4.06 -8.65
N ILE A 773 -3.29 -4.99 -7.93
CA ILE A 773 -3.68 -6.39 -7.93
C ILE A 773 -3.81 -6.85 -6.49
N ARG A 774 -4.88 -7.58 -6.20
CA ARG A 774 -5.18 -8.02 -4.84
C ARG A 774 -5.38 -9.52 -4.86
N PHE A 775 -4.59 -10.22 -4.07
CA PHE A 775 -4.56 -11.69 -4.09
C PHE A 775 -5.30 -12.24 -2.88
N GLU A 776 -6.16 -13.21 -3.13
CA GLU A 776 -6.85 -13.92 -2.06
C GLU A 776 -6.23 -15.30 -1.88
N ASP A 777 -6.55 -15.92 -0.76
CA ASP A 777 -5.98 -17.21 -0.43
C ASP A 777 -6.33 -18.25 -1.48
N LEU A 778 -5.41 -19.17 -1.73
CA LEU A 778 -5.69 -20.32 -2.59
C LEU A 778 -6.21 -21.43 -1.70
N GLU A 779 -7.53 -21.47 -1.53
CA GLU A 779 -8.16 -22.45 -0.67
C GLU A 779 -8.07 -23.85 -1.25
N LEU A 780 -7.76 -24.83 -0.41
CA LEU A 780 -7.81 -26.22 -0.82
C LEU A 780 -9.25 -26.68 -0.87
N ILE A 781 -9.73 -27.05 -2.06
CA ILE A 781 -11.12 -27.41 -2.27
C ILE A 781 -11.28 -28.90 -2.52
N ASN A 782 -10.27 -29.70 -2.17
CA ASN A 782 -10.28 -31.14 -2.40
C ASN A 782 -10.17 -31.95 -1.12
N GLY A 783 -10.13 -31.30 0.04
CA GLY A 783 -9.76 -31.98 1.27
C GLY A 783 -10.60 -33.20 1.60
N ASN A 784 -11.87 -33.20 1.21
CA ASN A 784 -12.73 -34.34 1.48
C ASN A 784 -12.41 -35.54 0.60
N GLU A 785 -11.74 -35.32 -0.53
CA GLU A 785 -11.43 -36.43 -1.43
C GLU A 785 -10.28 -37.29 -0.89
N PHE A 786 -9.50 -36.76 0.04
CA PHE A 786 -8.35 -37.47 0.58
C PHE A 786 -8.72 -38.15 1.88
N GLU A 787 -8.55 -39.47 1.94
CA GLU A 787 -8.76 -40.17 3.20
C GLU A 787 -7.74 -39.75 4.26
N LYS A 788 -6.60 -39.23 3.82
CA LYS A 788 -5.61 -38.66 4.74
C LYS A 788 -4.99 -37.47 4.02
N LEU A 789 -5.49 -36.27 4.32
CA LEU A 789 -4.98 -35.05 3.71
C LEU A 789 -3.53 -34.81 4.09
N GLU A 790 -3.26 -34.66 5.39
CA GLU A 790 -1.92 -34.55 5.94
C GLU A 790 -1.16 -35.85 5.69
N LYS A 791 0.00 -35.74 5.05
CA LYS A 791 0.85 -36.88 4.74
C LYS A 791 2.17 -36.73 5.47
N HIS A 792 2.49 -37.66 6.34
CA HIS A 792 3.77 -37.62 7.00
C HIS A 792 4.85 -38.10 6.04
N ILE A 793 5.84 -37.24 5.80
CA ILE A 793 6.99 -37.58 4.98
C ILE A 793 8.25 -37.32 5.80
N ASP A 794 9.09 -38.32 5.93
CA ASP A 794 10.36 -38.17 6.64
C ASP A 794 11.49 -37.94 5.66
N HIS A 795 12.32 -36.95 5.98
CA HIS A 795 13.52 -36.67 5.21
C HIS A 795 14.71 -36.74 6.14
N VAL A 796 15.87 -37.03 5.56
CA VAL A 796 17.10 -37.13 6.34
C VAL A 796 18.26 -36.77 5.44
N ALA A 797 19.32 -36.24 6.05
CA ALA A 797 20.54 -35.93 5.34
C ALA A 797 21.53 -37.07 5.56
N ILE A 798 22.11 -37.55 4.47
CA ILE A 798 23.05 -38.65 4.50
C ILE A 798 24.46 -38.08 4.56
N ASP A 799 25.25 -38.56 5.51
CA ASP A 799 26.66 -38.19 5.56
C ASP A 799 27.33 -38.60 4.25
N ARG A 800 28.07 -37.67 3.65
CA ARG A 800 28.75 -37.97 2.40
C ARG A 800 29.78 -39.06 2.57
N PHE A 801 30.48 -39.08 3.70
CA PHE A 801 31.53 -40.07 3.92
C PHE A 801 30.99 -41.36 4.50
N THR A 802 30.25 -41.29 5.61
CA THR A 802 29.79 -42.54 6.24
C THR A 802 28.71 -43.22 5.41
N GLY A 803 28.03 -42.48 4.54
CA GLY A 803 26.94 -43.04 3.80
C GLY A 803 25.67 -43.24 4.60
N GLY A 804 25.65 -42.80 5.86
CA GLY A 804 24.51 -42.96 6.72
C GLY A 804 23.87 -41.62 7.07
N ALA A 805 22.66 -41.73 7.60
CA ALA A 805 21.91 -40.55 8.00
C ALA A 805 22.55 -39.92 9.22
N LEU A 806 22.61 -38.58 9.21
CA LEU A 806 22.97 -37.87 10.43
C LEU A 806 21.80 -37.89 11.40
N ASP A 807 22.09 -38.18 12.67
CA ASP A 807 21.04 -38.33 13.65
C ASP A 807 20.28 -37.03 13.86
N LYS A 808 20.99 -35.91 13.96
CA LYS A 808 20.33 -34.63 14.18
C LYS A 808 19.72 -34.05 12.91
N ALA A 809 20.06 -34.58 11.74
CA ALA A 809 19.61 -34.03 10.48
C ALA A 809 18.29 -34.62 10.01
N LYS A 810 17.69 -35.52 10.79
CA LYS A 810 16.40 -36.09 10.42
C LYS A 810 15.28 -35.11 10.71
N PHE A 811 14.37 -34.95 9.75
CA PHE A 811 13.25 -34.05 9.92
C PHE A 811 12.05 -34.60 9.16
N ASP A 812 10.86 -34.28 9.64
CA ASP A 812 9.62 -34.72 9.03
C ASP A 812 8.80 -33.51 8.61
N THR A 813 8.31 -33.56 7.38
CA THR A 813 7.33 -32.62 6.89
C THR A 813 5.96 -33.28 6.94
N TYR A 814 4.92 -32.44 6.94
CA TYR A 814 3.55 -32.92 7.06
C TYR A 814 2.72 -32.24 5.98
N PRO A 815 3.04 -32.45 4.71
CA PRO A 815 2.35 -31.74 3.64
C PRO A 815 0.96 -32.31 3.38
N LEU A 816 0.24 -31.60 2.52
CA LEU A 816 -1.02 -32.12 2.01
C LEU A 816 -0.74 -33.19 0.95
N ALA A 817 -1.39 -34.33 1.11
CA ALA A 817 -1.06 -35.52 0.31
C ALA A 817 -1.58 -35.32 -1.10
N GLY A 818 -0.91 -34.43 -1.85
CA GLY A 818 -1.17 -34.28 -3.27
C GLY A 818 -0.27 -35.23 -4.04
N SER A 819 -0.81 -35.75 -5.14
CA SER A 819 -0.13 -36.72 -5.98
C SER A 819 -0.56 -36.51 -7.42
N PRO A 820 0.23 -36.98 -8.39
CA PRO A 820 -0.14 -36.77 -9.79
C PRO A 820 -1.51 -37.33 -10.15
N LYS A 821 -1.81 -38.51 -9.66
CA LYS A 821 -3.15 -39.07 -9.93
C LYS A 821 -4.25 -38.33 -9.16
N LYS A 822 -3.99 -37.94 -7.92
CA LYS A 822 -4.98 -37.30 -7.05
C LYS A 822 -4.44 -35.96 -6.58
N PRO A 823 -4.42 -34.96 -7.45
CA PRO A 823 -3.84 -33.67 -7.09
C PRO A 823 -4.73 -32.86 -6.16
N LEU A 824 -4.11 -31.91 -5.47
CA LEU A 824 -4.83 -30.97 -4.63
C LEU A 824 -5.36 -29.85 -5.52
N LYS A 825 -6.67 -29.67 -5.52
CA LYS A 825 -7.26 -28.52 -6.19
C LYS A 825 -7.26 -27.35 -5.23
N LEU A 826 -6.62 -26.26 -5.63
CA LEU A 826 -6.48 -25.05 -4.82
C LEU A 826 -7.20 -23.93 -5.55
N LYS A 827 -8.38 -23.58 -5.07
CA LYS A 827 -9.16 -22.53 -5.70
C LYS A 827 -8.83 -21.19 -5.05
N GLY A 828 -8.26 -20.29 -5.84
CA GLY A 828 -7.97 -18.95 -5.37
C GLY A 828 -8.28 -17.95 -6.45
N ARG A 829 -8.17 -16.68 -6.08
CA ARG A 829 -8.51 -15.63 -7.02
C ARG A 829 -7.65 -14.40 -6.72
N PHE A 830 -7.57 -13.53 -7.69
CA PHE A 830 -7.04 -12.20 -7.47
C PHE A 830 -7.88 -11.20 -8.23
N TRP A 831 -7.70 -9.94 -7.87
CA TRP A 831 -8.47 -8.84 -8.42
C TRP A 831 -7.55 -7.88 -9.13
N ILE A 832 -7.89 -7.56 -10.38
CA ILE A 832 -7.13 -6.64 -11.21
C ILE A 832 -7.87 -5.31 -11.22
N LYS A 833 -7.18 -4.24 -10.85
CA LYS A 833 -7.80 -2.93 -10.88
C LYS A 833 -8.04 -2.48 -12.31
N LYS A 834 -9.06 -1.64 -12.49
CA LYS A 834 -9.29 -1.04 -13.79
C LYS A 834 -8.13 -0.14 -14.17
N GLY A 835 -7.80 -0.12 -15.45
CA GLY A 835 -6.73 0.70 -15.95
C GLY A 835 -5.42 -0.02 -16.19
N PHE A 836 -5.39 -1.34 -16.03
CA PHE A 836 -4.20 -2.11 -16.39
C PHE A 836 -3.86 -1.89 -17.86
N SER A 837 -2.59 -1.61 -18.13
CA SER A 837 -2.15 -1.52 -19.50
C SER A 837 -2.18 -2.90 -20.15
N GLY A 838 -2.12 -2.92 -21.48
CA GLY A 838 -2.06 -4.19 -22.18
C GLY A 838 -0.82 -4.98 -21.85
N ASP A 839 0.31 -4.30 -21.66
CA ASP A 839 1.56 -4.99 -21.37
C ASP A 839 1.63 -5.48 -19.93
N HIS A 840 1.03 -4.74 -19.00
CA HIS A 840 0.97 -5.20 -17.62
C HIS A 840 -0.07 -6.30 -17.43
N LYS A 841 -1.18 -6.22 -18.15
CA LYS A 841 -2.11 -7.34 -18.18
C LYS A 841 -1.48 -8.57 -18.81
N LEU A 842 -0.62 -8.38 -19.81
CA LEU A 842 0.13 -9.48 -20.38
C LEU A 842 1.14 -10.04 -19.40
N LEU A 843 1.65 -9.21 -18.50
CA LEU A 843 2.60 -9.71 -17.51
C LEU A 843 1.93 -10.61 -16.49
N ILE A 844 0.72 -10.24 -16.07
CA ILE A 844 0.00 -11.03 -15.06
C ILE A 844 -0.39 -12.39 -15.62
N THR A 845 -0.88 -12.42 -16.86
CA THR A 845 -1.19 -13.70 -17.49
C THR A 845 0.08 -14.51 -17.71
N THR A 846 1.19 -13.86 -18.03
CA THR A 846 2.47 -14.56 -18.13
C THR A 846 2.91 -15.08 -16.77
N ALA A 847 2.70 -14.31 -15.72
CA ALA A 847 2.94 -14.81 -14.37
C ALA A 847 2.02 -15.97 -14.05
N LEU A 848 0.74 -15.85 -14.40
CA LEU A 848 -0.20 -16.95 -14.18
C LEU A 848 0.19 -18.17 -15.00
N SER A 849 0.66 -17.98 -16.23
CA SER A 849 1.11 -19.11 -17.03
C SER A 849 2.44 -19.67 -16.51
N ASP A 850 3.28 -18.81 -15.90
CA ASP A 850 4.49 -19.31 -15.27
C ASP A 850 4.18 -20.23 -14.10
N ILE A 851 3.12 -19.94 -13.35
CA ILE A 851 2.71 -20.82 -12.27
C ILE A 851 2.20 -22.13 -12.83
N ARG A 852 1.39 -22.06 -13.90
CA ARG A 852 0.85 -23.26 -14.51
C ARG A 852 1.97 -24.16 -15.03
N ASP A 853 2.98 -23.56 -15.66
CA ASP A 853 4.10 -24.32 -16.21
C ASP A 853 4.96 -24.96 -15.12
N GLY A 854 4.75 -24.61 -13.86
CA GLY A 854 5.51 -25.17 -12.77
C GLY A 854 6.78 -24.44 -12.43
N LEU A 855 6.95 -23.22 -12.92
CA LEU A 855 8.15 -22.46 -12.61
C LEU A 855 8.21 -22.04 -11.15
N TYR A 856 7.07 -21.99 -10.49
CA TYR A 856 6.98 -21.50 -9.12
C TYR A 856 6.18 -22.50 -8.29
N PRO A 857 6.85 -23.47 -7.67
CA PRO A 857 6.15 -24.35 -6.72
C PRO A 857 5.61 -23.54 -5.55
N LEU A 858 4.44 -23.93 -5.08
CA LEU A 858 3.82 -23.27 -3.94
C LEU A 858 4.36 -23.83 -2.65
N GLY A 859 4.52 -22.98 -1.67
CA GLY A 859 4.94 -23.43 -0.37
C GLY A 859 6.43 -23.75 -0.30
N SER A 860 6.74 -24.61 0.67
CA SER A 860 8.11 -24.97 0.99
C SER A 860 8.55 -26.18 0.18
N LYS A 861 9.86 -26.44 0.22
CA LYS A 861 10.46 -27.68 -0.27
C LYS A 861 10.17 -27.93 -1.74
N GLY A 862 10.03 -26.85 -2.51
CA GLY A 862 9.79 -27.01 -3.93
C GLY A 862 10.92 -27.66 -4.67
N GLY A 863 12.13 -27.60 -4.13
CA GLY A 863 13.27 -28.20 -4.80
C GLY A 863 13.29 -29.72 -4.73
N VAL A 864 12.63 -30.28 -3.73
CA VAL A 864 12.50 -31.73 -3.60
C VAL A 864 11.11 -32.20 -4.03
N GLY A 865 10.40 -31.39 -4.81
CA GLY A 865 9.18 -31.81 -5.44
C GLY A 865 7.90 -31.42 -4.75
N TYR A 866 7.96 -30.66 -3.67
CA TYR A 866 6.76 -30.22 -2.98
C TYR A 866 6.11 -29.07 -3.74
N GLY A 867 4.79 -29.00 -3.67
CA GLY A 867 4.09 -27.84 -4.18
C GLY A 867 4.20 -27.63 -5.66
N TRP A 868 4.59 -28.65 -6.41
CA TRP A 868 4.72 -28.51 -7.85
C TRP A 868 3.34 -28.43 -8.48
N VAL A 869 3.11 -27.35 -9.23
CA VAL A 869 1.81 -27.08 -9.83
C VAL A 869 1.67 -27.97 -11.06
N ALA A 870 0.69 -28.88 -11.03
CA ALA A 870 0.43 -29.72 -12.19
C ALA A 870 -0.25 -28.94 -13.29
N GLY A 871 -1.06 -27.96 -12.93
CA GLY A 871 -1.71 -27.10 -13.90
C GLY A 871 -2.60 -26.12 -13.19
N ILE A 872 -3.19 -25.23 -13.97
CA ILE A 872 -4.21 -24.32 -13.46
C ILE A 872 -5.44 -24.46 -14.35
N SER A 873 -6.60 -24.15 -13.75
CA SER A 873 -7.87 -24.17 -14.46
C SER A 873 -8.52 -22.82 -14.24
N ILE A 874 -8.63 -22.04 -15.31
CA ILE A 874 -9.23 -20.72 -15.22
C ILE A 874 -10.75 -20.87 -15.18
N ASP A 875 -11.38 -20.18 -14.22
CA ASP A 875 -12.83 -20.19 -14.13
C ASP A 875 -13.46 -19.44 -15.29
N ASP A 876 -14.72 -19.78 -15.58
CA ASP A 876 -15.41 -19.19 -16.73
C ASP A 876 -15.64 -17.68 -16.56
N ASN A 877 -15.84 -17.21 -15.34
CA ASN A 877 -16.16 -15.81 -15.09
C ASN A 877 -14.96 -14.89 -15.28
N VAL A 878 -13.77 -15.45 -15.48
CA VAL A 878 -12.59 -14.64 -15.76
C VAL A 878 -12.82 -13.84 -17.03
N PRO A 879 -12.40 -12.57 -17.10
CA PRO A 879 -12.68 -11.78 -18.30
C PRO A 879 -12.15 -12.44 -19.56
N ASP A 880 -12.94 -12.36 -20.63
CA ASP A 880 -12.58 -13.01 -21.89
C ASP A 880 -11.24 -12.56 -22.42
N ASP A 881 -10.89 -11.28 -22.22
CA ASP A 881 -9.56 -10.82 -22.62
C ASP A 881 -8.47 -11.53 -21.82
N PHE A 882 -8.68 -11.70 -20.52
CA PHE A 882 -7.67 -12.33 -19.68
C PHE A 882 -7.45 -13.78 -20.08
N LYS A 883 -8.52 -14.53 -20.29
CA LYS A 883 -8.40 -15.95 -20.62
C LYS A 883 -8.00 -16.18 -22.07
N GLU A 884 -8.09 -15.16 -22.93
CA GLU A 884 -7.69 -15.31 -24.32
C GLU A 884 -6.17 -15.33 -24.47
N MET A 885 -5.44 -14.68 -23.56
CA MET A 885 -3.98 -14.66 -23.62
C MET A 885 -3.35 -15.64 -22.65
N ILE A 886 -4.08 -16.69 -22.26
CA ILE A 886 -3.51 -17.74 -21.42
C ILE A 886 -4.17 -19.07 -21.73
N ILE A 905 16.06 -39.79 -25.28
CA ILE A 905 17.43 -39.79 -25.75
C ILE A 905 18.27 -40.74 -24.91
N ASN A 906 19.53 -40.97 -25.33
CA ASN A 906 20.42 -41.88 -24.64
C ASN A 906 21.81 -41.29 -24.56
N ASN A 907 22.56 -41.72 -23.54
CA ASN A 907 23.96 -41.38 -23.38
C ASN A 907 24.80 -42.52 -23.96
N ASP A 908 25.39 -42.28 -25.13
CA ASP A 908 26.12 -43.32 -25.84
C ASP A 908 27.40 -43.75 -25.11
N TYR A 909 27.82 -43.01 -24.10
CA TYR A 909 29.07 -43.30 -23.42
C TYR A 909 29.03 -44.64 -22.70
N VAL A 910 30.16 -45.34 -22.70
CA VAL A 910 30.29 -46.63 -22.04
C VAL A 910 31.56 -46.61 -21.20
N HIS A 911 31.44 -47.00 -19.94
CA HIS A 911 32.61 -47.12 -19.09
C HIS A 911 33.29 -48.47 -19.30
N PRO A 912 34.62 -48.52 -19.26
CA PRO A 912 35.31 -49.81 -19.44
C PRO A 912 35.13 -50.77 -18.29
N GLY A 913 34.44 -50.38 -17.22
CA GLY A 913 34.30 -51.24 -16.08
C GLY A 913 35.59 -51.31 -15.29
N HIS A 914 35.69 -52.35 -14.46
CA HIS A 914 36.88 -52.61 -13.69
C HIS A 914 37.52 -53.92 -14.14
N GLN A 915 38.84 -53.99 -14.02
CA GLN A 915 39.59 -55.16 -14.48
C GLN A 915 39.22 -56.40 -13.69
N SER A 916 39.13 -56.29 -12.36
CA SER A 916 38.98 -57.45 -11.49
C SER A 916 37.68 -58.23 -11.74
N PRO A 917 36.51 -57.60 -11.79
CA PRO A 917 35.30 -58.39 -12.06
C PRO A 917 35.16 -58.83 -13.51
N LYS A 918 35.71 -58.09 -14.47
CA LYS A 918 35.61 -58.50 -15.87
C LYS A 918 36.42 -59.76 -16.13
N GLN A 919 37.65 -59.82 -15.61
CA GLN A 919 38.48 -60.99 -15.76
C GLN A 919 38.04 -62.15 -14.88
N ASP A 920 37.12 -61.92 -13.95
CA ASP A 920 36.59 -62.99 -13.11
C ASP A 920 35.43 -63.68 -13.80
N HIS A 921 35.73 -64.73 -14.53
CA HIS A 921 34.70 -65.68 -14.91
C HIS A 921 34.31 -66.51 -13.70
N LYS A 922 33.02 -66.84 -13.60
CA LYS A 922 32.40 -67.57 -12.50
C LYS A 922 32.36 -66.76 -11.22
N ASN A 923 32.87 -65.53 -11.20
CA ASN A 923 32.70 -64.59 -10.10
C ASN A 923 33.27 -65.14 -8.78
N LYS A 924 34.58 -65.32 -8.77
CA LYS A 924 35.24 -65.84 -7.59
C LYS A 924 35.62 -64.76 -6.58
N ASN A 925 36.04 -63.58 -7.03
CA ASN A 925 36.43 -62.54 -6.10
C ASN A 925 35.21 -62.04 -5.32
N ILE A 926 35.48 -61.58 -4.10
CA ILE A 926 34.46 -60.99 -3.25
C ILE A 926 34.83 -59.53 -3.07
N TYR A 927 33.89 -58.63 -3.35
CA TYR A 927 34.14 -57.20 -3.29
C TYR A 927 33.41 -56.58 -2.12
N TYR A 928 33.96 -55.49 -1.63
CA TYR A 928 33.33 -54.74 -0.56
C TYR A 928 32.08 -54.04 -1.08
N PRO A 929 30.99 -54.03 -0.30
CA PRO A 929 29.75 -53.38 -0.76
C PRO A 929 29.90 -51.89 -1.03
N HIS A 930 30.84 -51.22 -0.38
CA HIS A 930 31.03 -49.81 -0.58
C HIS A 930 32.50 -49.50 -0.75
N TYR A 931 32.77 -48.39 -1.43
CA TYR A 931 34.11 -47.85 -1.60
C TYR A 931 34.02 -46.35 -1.48
N PHE A 932 35.16 -45.71 -1.27
CA PHE A 932 35.22 -44.27 -1.07
C PHE A 932 35.87 -43.60 -2.28
N LEU A 933 35.36 -42.42 -2.62
CA LEU A 933 35.93 -41.61 -3.69
C LEU A 933 36.94 -40.66 -3.06
N ASP A 934 38.21 -41.05 -3.13
CA ASP A 934 39.30 -40.25 -2.57
C ASP A 934 39.71 -39.20 -3.60
N SER A 935 38.83 -38.22 -3.79
CA SER A 935 39.13 -37.13 -4.69
C SER A 935 40.05 -36.11 -4.02
N GLY A 936 40.61 -35.23 -4.83
CA GLY A 936 41.56 -34.27 -4.32
C GLY A 936 40.93 -33.22 -3.43
N SER A 937 41.81 -32.43 -2.80
CA SER A 937 41.38 -31.33 -1.95
C SER A 937 40.84 -30.14 -2.72
N LYS A 938 41.11 -30.05 -4.02
CA LYS A 938 40.76 -28.84 -4.77
C LYS A 938 39.25 -28.78 -4.98
N VAL A 939 38.61 -27.80 -4.35
CA VAL A 939 37.19 -27.55 -4.53
C VAL A 939 37.05 -26.18 -5.16
N TYR A 940 36.44 -26.12 -6.34
CA TYR A 940 36.24 -24.84 -7.02
C TYR A 940 35.03 -24.16 -6.43
N ARG A 941 35.26 -23.26 -5.47
CA ARG A 941 34.21 -22.45 -4.87
C ARG A 941 34.14 -21.13 -5.62
N GLU A 942 33.08 -20.97 -6.41
CA GLU A 942 32.91 -19.77 -7.23
C GLU A 942 32.15 -18.72 -6.42
N LYS A 943 32.72 -17.51 -6.36
CA LYS A 943 32.13 -16.44 -5.56
C LYS A 943 31.04 -15.70 -6.32
N ASP A 944 31.05 -15.76 -7.65
CA ASP A 944 30.05 -15.08 -8.47
C ASP A 944 28.80 -15.95 -8.49
N ILE A 945 28.04 -15.89 -7.41
CA ILE A 945 26.87 -16.74 -7.23
C ILE A 945 25.81 -16.37 -8.26
N ILE A 946 25.22 -17.37 -8.89
CA ILE A 946 24.18 -17.14 -9.88
C ILE A 946 22.92 -16.63 -9.18
N THR A 947 22.50 -15.43 -9.51
CA THR A 947 21.36 -14.82 -8.86
C THR A 947 20.07 -15.52 -9.29
N HIS A 948 19.08 -15.47 -8.39
CA HIS A 948 17.76 -15.98 -8.69
C HIS A 948 16.81 -14.89 -9.13
N GLU A 949 17.24 -13.62 -9.10
CA GLU A 949 16.33 -12.50 -9.28
C GLU A 949 15.86 -12.31 -10.71
N GLU A 950 16.46 -13.01 -11.67
CA GLU A 950 16.01 -12.90 -13.05
C GLU A 950 16.39 -14.16 -13.80
N PHE A 951 15.77 -14.32 -14.97
CA PHE A 951 16.08 -15.42 -15.88
C PHE A 951 17.15 -14.91 -16.83
N THR A 952 18.40 -15.20 -16.54
CA THR A 952 19.50 -14.71 -17.36
C THR A 952 19.44 -15.31 -18.76
N GLU A 953 19.63 -14.45 -19.77
CA GLU A 953 19.47 -14.88 -21.15
C GLU A 953 20.54 -15.90 -21.55
N GLU A 954 21.79 -15.65 -21.17
CA GLU A 954 22.87 -16.57 -21.49
C GLU A 954 22.81 -17.85 -20.67
N LEU A 955 22.03 -17.88 -19.59
CA LEU A 955 21.86 -19.08 -18.79
C LEU A 955 20.66 -19.88 -19.27
N LEU A 956 20.58 -21.12 -18.82
CA LEU A 956 19.59 -22.07 -19.31
C LEU A 956 18.58 -22.34 -18.20
N SER A 957 17.30 -22.23 -18.53
CA SER A 957 16.21 -22.59 -17.64
C SER A 957 15.31 -23.56 -18.38
N GLY A 958 14.83 -24.58 -17.68
CA GLY A 958 13.97 -25.54 -18.33
C GLY A 958 13.61 -26.69 -17.42
N LYS A 959 13.18 -27.76 -18.04
CA LYS A 959 12.69 -28.94 -17.33
C LYS A 959 13.21 -30.19 -18.03
N ILE A 960 13.70 -31.14 -17.26
CA ILE A 960 14.18 -32.41 -17.78
C ILE A 960 13.18 -33.49 -17.40
N ASN A 961 12.57 -34.11 -18.39
CA ASN A 961 11.70 -35.26 -18.17
C ASN A 961 12.59 -36.50 -18.15
N CYS A 962 12.76 -37.09 -16.97
CA CYS A 962 13.63 -38.23 -16.79
C CYS A 962 12.81 -39.47 -16.48
N LYS A 963 13.25 -40.60 -17.01
CA LYS A 963 12.66 -41.90 -16.74
C LYS A 963 13.61 -42.68 -15.84
N LEU A 964 13.10 -43.21 -14.75
CA LEU A 964 13.89 -43.94 -13.77
C LEU A 964 13.58 -45.42 -13.88
N GLU A 965 14.53 -46.20 -14.36
CA GLU A 965 14.38 -47.64 -14.49
C GLU A 965 15.18 -48.33 -13.38
N THR A 966 14.53 -49.25 -12.69
CA THR A 966 15.19 -50.02 -11.65
C THR A 966 15.87 -51.25 -12.25
N LEU A 967 17.18 -51.36 -12.02
CA LEU A 967 17.93 -52.52 -12.50
C LEU A 967 17.98 -53.64 -11.47
N THR A 968 17.96 -53.29 -10.20
CA THR A 968 17.80 -54.25 -9.11
C THR A 968 16.57 -53.83 -8.34
N PRO A 969 16.02 -54.69 -7.47
CA PRO A 969 14.87 -54.28 -6.66
C PRO A 969 15.12 -53.00 -5.89
N LEU A 970 14.13 -52.12 -5.87
CA LEU A 970 14.24 -50.81 -5.26
C LEU A 970 13.38 -50.75 -4.01
N ILE A 971 13.94 -50.18 -2.94
CA ILE A 971 13.24 -50.04 -1.67
C ILE A 971 13.26 -48.58 -1.28
N ILE A 972 12.10 -47.93 -1.35
CA ILE A 972 11.89 -46.62 -0.80
C ILE A 972 10.85 -46.74 0.31
N PRO A 973 11.28 -46.92 1.55
CA PRO A 973 10.32 -47.16 2.63
C PRO A 973 9.50 -45.93 2.97
N ASP A 974 8.20 -46.13 3.11
CA ASP A 974 7.29 -45.10 3.60
C ASP A 974 7.39 -45.12 5.12
N THR A 975 8.37 -44.40 5.65
CA THR A 975 8.70 -44.50 7.06
C THR A 975 7.70 -43.83 7.97
N SER A 976 6.70 -43.14 7.43
CA SER A 976 5.65 -42.58 8.27
C SER A 976 4.91 -43.69 9.00
N ASP A 977 4.59 -44.78 8.31
CA ASP A 977 4.00 -45.95 8.94
C ASP A 977 5.12 -46.94 9.24
N GLU A 978 5.51 -47.01 10.51
CA GLU A 978 6.50 -47.96 10.97
C GLU A 978 5.98 -49.39 10.99
N ASN A 979 4.68 -49.57 10.79
CA ASN A 979 3.99 -50.85 10.73
C ASN A 979 3.09 -50.90 9.49
N GLY A 980 3.65 -50.48 8.35
CA GLY A 980 2.86 -50.42 7.13
C GLY A 980 2.36 -51.77 6.68
N LEU A 981 3.19 -52.79 6.81
CA LEU A 981 2.80 -54.15 6.46
C LEU A 981 1.97 -54.82 7.54
N LYS A 982 1.79 -54.17 8.69
CA LYS A 982 0.97 -54.66 9.79
C LYS A 982 1.45 -56.04 10.27
N LEU A 983 2.69 -56.09 10.72
CA LEU A 983 3.23 -57.32 11.28
C LEU A 983 4.03 -57.08 12.55
N GLN A 984 3.74 -56.01 13.29
CA GLN A 984 4.25 -55.86 14.64
C GLN A 984 3.38 -56.56 15.67
N GLY A 985 2.14 -56.91 15.32
CA GLY A 985 1.32 -57.69 16.22
C GLY A 985 1.86 -59.09 16.42
N ASN A 986 2.27 -59.76 15.34
CA ASN A 986 2.85 -61.09 15.42
C ASN A 986 4.36 -61.04 15.65
N LYS A 987 5.02 -59.95 15.23
CA LYS A 987 6.45 -59.79 15.39
C LYS A 987 6.70 -58.42 16.04
N PRO A 988 6.56 -58.33 17.36
CA PRO A 988 6.73 -57.03 18.02
C PRO A 988 8.13 -56.48 17.85
N GLY A 989 8.21 -55.16 17.68
CA GLY A 989 9.48 -54.49 17.49
C GLY A 989 10.04 -54.57 16.10
N HIS A 990 9.36 -55.25 15.17
CA HIS A 990 9.86 -55.39 13.83
C HIS A 990 9.41 -54.23 12.96
N LYS A 991 10.37 -53.54 12.35
CA LYS A 991 10.09 -52.35 11.57
C LYS A 991 9.64 -52.81 10.20
N ASN A 992 8.37 -52.58 9.85
CA ASN A 992 7.91 -52.96 8.52
C ASN A 992 7.33 -51.73 7.84
N TYR A 993 7.74 -51.52 6.59
CA TYR A 993 7.33 -50.36 5.82
C TYR A 993 6.72 -50.79 4.50
N LYS A 994 5.77 -49.99 4.03
CA LYS A 994 5.35 -50.04 2.65
C LYS A 994 6.32 -49.24 1.79
N PHE A 995 6.25 -49.45 0.48
CA PHE A 995 6.93 -48.57 -0.44
C PHE A 995 6.34 -47.16 -0.30
N PHE A 996 7.18 -46.15 -0.50
CA PHE A 996 6.72 -44.77 -0.42
C PHE A 996 5.59 -44.56 -1.42
N ASN A 997 4.51 -43.94 -0.95
CA ASN A 997 3.33 -43.74 -1.78
C ASN A 997 2.57 -42.53 -1.27
N ILE A 998 1.86 -41.88 -2.18
CA ILE A 998 0.95 -40.79 -1.84
C ILE A 998 -0.40 -41.11 -2.44
N ASN A 999 -1.41 -41.25 -1.58
CA ASN A 999 -2.77 -41.61 -2.00
C ASN A 999 -2.77 -42.94 -2.74
N GLY A 1000 -1.92 -43.86 -2.32
CA GLY A 1000 -1.89 -45.20 -2.86
C GLY A 1000 -0.97 -45.39 -4.04
N GLU A 1001 -0.64 -44.34 -4.78
CA GLU A 1001 0.23 -44.47 -5.93
C GLU A 1001 1.68 -44.38 -5.50
N LEU A 1002 2.52 -45.22 -6.09
CA LEU A 1002 3.90 -45.35 -5.67
C LEU A 1002 4.74 -44.20 -6.21
N MET A 1003 5.58 -43.64 -5.36
CA MET A 1003 6.39 -42.50 -5.70
C MET A 1003 7.77 -42.68 -5.10
N ILE A 1004 8.77 -42.11 -5.75
CA ILE A 1004 10.08 -41.86 -5.15
C ILE A 1004 10.11 -40.39 -4.75
N PRO A 1005 10.27 -40.07 -3.47
CA PRO A 1005 10.28 -38.66 -3.07
C PRO A 1005 11.38 -37.90 -3.77
N GLY A 1006 11.06 -36.67 -4.18
CA GLY A 1006 12.03 -35.85 -4.91
C GLY A 1006 13.27 -35.57 -4.09
N SER A 1007 13.15 -35.61 -2.77
CA SER A 1007 14.31 -35.48 -1.90
C SER A 1007 15.26 -36.65 -2.08
N GLU A 1008 14.71 -37.86 -2.22
CA GLU A 1008 15.54 -39.02 -2.45
C GLU A 1008 16.25 -38.93 -3.80
N LEU A 1009 15.54 -38.49 -4.83
CA LEU A 1009 16.15 -38.33 -6.15
C LEU A 1009 17.16 -37.21 -6.17
N ARG A 1010 16.85 -36.10 -5.50
CA ARG A 1010 17.77 -34.97 -5.45
C ARG A 1010 19.03 -35.31 -4.67
N GLY A 1011 18.87 -35.97 -3.53
CA GLY A 1011 20.02 -36.30 -2.71
C GLY A 1011 20.92 -37.33 -3.33
N MET A 1012 20.41 -38.08 -4.31
CA MET A 1012 21.20 -39.07 -5.02
C MET A 1012 21.77 -38.51 -6.32
N LEU A 1013 21.12 -37.51 -6.92
CA LEU A 1013 21.81 -36.69 -7.90
C LEU A 1013 22.85 -35.79 -7.27
N ARG A 1014 22.56 -35.19 -6.11
CA ARG A 1014 23.50 -34.27 -5.50
C ARG A 1014 24.76 -34.98 -5.07
N THR A 1015 24.63 -36.16 -4.46
CA THR A 1015 25.82 -36.93 -4.10
C THR A 1015 26.63 -37.31 -5.33
N HIS A 1016 25.96 -37.63 -6.44
CA HIS A 1016 26.67 -37.90 -7.68
C HIS A 1016 27.29 -36.64 -8.25
N PHE A 1017 26.52 -35.55 -8.32
CA PHE A 1017 27.03 -34.30 -8.86
C PHE A 1017 28.15 -33.75 -7.99
N GLU A 1018 28.07 -33.93 -6.68
CA GLU A 1018 29.14 -33.48 -5.79
C GLU A 1018 30.40 -34.33 -5.97
N ALA A 1019 30.24 -35.61 -6.26
CA ALA A 1019 31.41 -36.44 -6.58
C ALA A 1019 31.95 -36.13 -7.96
N LEU A 1020 31.06 -35.92 -8.94
CA LEU A 1020 31.48 -35.64 -10.30
C LEU A 1020 32.23 -34.32 -10.39
N THR A 1021 31.78 -33.32 -9.64
CA THR A 1021 32.33 -31.97 -9.73
C THR A 1021 33.32 -31.67 -8.61
N LYS A 1022 33.73 -32.68 -7.85
CA LYS A 1022 34.68 -32.50 -6.75
C LYS A 1022 34.20 -31.43 -5.78
N SER A 1023 32.92 -31.47 -5.47
CA SER A 1023 32.32 -30.49 -4.59
C SER A 1023 32.66 -30.80 -3.13
N CYS A 1024 32.22 -29.93 -2.23
CA CYS A 1024 32.43 -30.12 -0.81
C CYS A 1024 31.54 -31.25 -0.29
N PHE A 1025 31.90 -31.74 0.89
CA PHE A 1025 31.07 -32.72 1.61
C PHE A 1025 29.92 -31.95 2.24
N ALA A 1026 28.82 -31.82 1.51
CA ALA A 1026 27.73 -30.94 1.95
C ALA A 1026 27.14 -31.40 3.27
N ILE A 1027 26.92 -32.70 3.43
CA ILE A 1027 26.42 -33.26 4.67
C ILE A 1027 27.54 -34.08 5.29
N PHE A 1028 27.99 -33.65 6.47
CA PHE A 1028 29.10 -34.32 7.12
C PHE A 1028 28.90 -34.27 8.63
N GLY A 1029 29.04 -35.43 9.27
CA GLY A 1029 28.99 -35.49 10.71
C GLY A 1029 30.31 -35.09 11.32
N GLU A 1030 30.58 -33.78 11.32
CA GLU A 1030 31.86 -33.28 11.83
C GLU A 1030 32.04 -33.57 13.31
N ASP A 1031 30.98 -33.42 14.12
CA ASP A 1031 31.10 -33.59 15.55
C ASP A 1031 31.32 -35.04 15.98
N SER A 1032 31.15 -36.00 15.08
CA SER A 1032 31.30 -37.40 15.44
C SER A 1032 32.76 -37.70 15.74
N THR A 1033 33.00 -38.32 16.89
CA THR A 1033 34.35 -38.63 17.34
C THR A 1033 34.72 -40.06 16.97
N LEU A 1034 36.00 -40.37 17.12
CA LEU A 1034 36.55 -41.67 16.76
C LEU A 1034 37.16 -42.34 17.99
N SER A 1035 37.49 -43.62 17.83
CA SER A 1035 38.08 -44.39 18.92
C SER A 1035 39.00 -45.49 18.38
N ALA A 1397 41.04 -40.30 16.95
CA ALA A 1397 40.55 -40.23 18.33
C ALA A 1397 40.90 -38.88 18.96
N SER A 1398 42.02 -38.31 18.53
CA SER A 1398 42.45 -37.02 19.06
C SER A 1398 41.48 -35.92 18.68
N LYS A 1399 41.00 -35.91 17.44
CA LYS A 1399 40.05 -34.92 16.97
C LYS A 1399 38.90 -35.61 16.27
N THR A 1400 37.79 -34.88 16.13
CA THR A 1400 36.58 -35.43 15.52
C THR A 1400 36.75 -35.50 14.01
N LEU A 1401 35.70 -35.94 13.32
CA LEU A 1401 35.76 -36.06 11.87
C LEU A 1401 35.82 -34.70 11.18
N GLY A 1402 35.31 -33.65 11.80
CA GLY A 1402 35.40 -32.33 11.20
C GLY A 1402 36.83 -31.84 11.08
N GLY A 1403 37.61 -31.97 12.15
CA GLY A 1403 39.02 -31.67 12.04
C GLY A 1403 39.76 -32.68 11.18
N LYS A 1404 39.25 -33.91 11.09
CA LYS A 1404 39.92 -34.95 10.34
C LYS A 1404 39.68 -34.77 8.85
N LEU A 1405 38.52 -34.25 8.46
CA LEU A 1405 38.25 -33.90 7.09
C LEU A 1405 38.99 -32.63 6.70
N ASP A 1406 39.31 -32.53 5.42
CA ASP A 1406 40.04 -31.37 4.92
C ASP A 1406 39.17 -30.13 4.98
N LYS A 1407 39.83 -28.98 5.12
CA LYS A 1407 39.13 -27.71 5.29
C LYS A 1407 38.33 -27.32 4.05
N ALA A 1408 38.86 -27.59 2.85
CA ALA A 1408 38.14 -27.23 1.63
C ALA A 1408 36.95 -28.14 1.38
N LEU A 1409 36.93 -29.32 1.98
CA LEU A 1409 35.85 -30.28 1.80
C LEU A 1409 34.69 -30.06 2.76
N HIS A 1410 34.79 -29.07 3.64
CA HIS A 1410 33.73 -28.81 4.59
C HIS A 1410 32.52 -28.23 3.87
N PRO A 1411 31.33 -28.37 4.43
CA PRO A 1411 30.15 -27.79 3.79
C PRO A 1411 30.30 -26.30 3.60
N CYS A 1412 29.85 -25.81 2.43
CA CYS A 1412 29.92 -24.40 2.12
C CYS A 1412 29.02 -23.63 3.07
N THR A 1413 29.62 -22.75 3.88
CA THR A 1413 28.88 -21.94 4.84
C THR A 1413 28.90 -20.49 4.38
N GLY A 1414 27.72 -19.90 4.26
CA GLY A 1414 27.62 -18.53 3.83
C GLY A 1414 27.88 -18.38 2.34
N LEU A 1415 27.89 -17.12 1.91
CA LEU A 1415 28.19 -16.78 0.53
C LEU A 1415 29.41 -15.89 0.39
N SER A 1416 29.98 -15.42 1.51
CA SER A 1416 31.17 -14.59 1.45
C SER A 1416 32.33 -15.36 0.84
N ASP A 1417 32.56 -16.57 1.29
CA ASP A 1417 33.35 -17.52 0.53
C ASP A 1417 32.51 -18.10 -0.60
N GLY A 1418 33.17 -18.70 -1.56
CA GLY A 1418 32.46 -19.18 -2.73
C GLY A 1418 31.56 -20.35 -2.43
N LEU A 1419 30.85 -20.78 -3.47
CA LEU A 1419 30.05 -21.99 -3.42
C LEU A 1419 30.66 -23.06 -4.32
N CYS A 1420 30.78 -24.26 -3.79
CA CYS A 1420 31.22 -25.38 -4.59
C CYS A 1420 30.18 -25.68 -5.67
N PRO A 1421 30.55 -26.38 -6.74
CA PRO A 1421 29.56 -26.64 -7.80
C PRO A 1421 28.32 -27.35 -7.30
N GLY A 1422 28.46 -28.28 -6.36
CA GLY A 1422 27.29 -28.95 -5.81
C GLY A 1422 26.41 -28.00 -5.01
N CYS A 1423 27.02 -27.18 -4.17
CA CYS A 1423 26.28 -26.21 -3.39
C CYS A 1423 25.82 -25.03 -4.24
N HIS A 1424 26.50 -24.74 -5.35
CA HIS A 1424 26.02 -23.72 -6.26
C HIS A 1424 24.81 -24.19 -7.04
N LEU A 1425 24.77 -25.47 -7.40
CA LEU A 1425 23.68 -26.01 -8.21
C LEU A 1425 22.51 -26.47 -7.34
N PHE A 1426 22.79 -27.14 -6.23
CA PHE A 1426 21.74 -27.67 -5.38
C PHE A 1426 21.42 -26.79 -4.19
N GLY A 1427 22.28 -25.83 -3.88
CA GLY A 1427 21.96 -24.81 -2.91
C GLY A 1427 22.48 -25.14 -1.52
N THR A 1428 22.63 -24.09 -0.72
CA THR A 1428 22.98 -24.17 0.69
C THR A 1428 21.81 -23.62 1.49
N THR A 1429 22.00 -23.51 2.79
CA THR A 1429 20.99 -22.86 3.61
C THR A 1429 20.97 -21.35 3.42
N ASP A 1430 21.98 -20.80 2.75
CA ASP A 1430 22.03 -19.37 2.43
C ASP A 1430 21.73 -19.08 0.97
N TYR A 1431 21.38 -20.09 0.18
CA TYR A 1431 21.22 -19.90 -1.25
C TYR A 1431 20.34 -21.02 -1.78
N LYS A 1432 19.22 -20.68 -2.40
CA LYS A 1432 18.34 -21.68 -2.95
C LYS A 1432 18.99 -22.34 -4.17
N GLY A 1433 18.89 -23.66 -4.23
CA GLY A 1433 19.46 -24.38 -5.36
C GLY A 1433 18.74 -24.07 -6.65
N ARG A 1434 19.44 -24.25 -7.76
CA ARG A 1434 18.87 -23.92 -9.05
C ARG A 1434 18.28 -25.13 -9.75
N VAL A 1435 18.27 -26.29 -9.11
CA VAL A 1435 17.61 -27.47 -9.64
C VAL A 1435 16.51 -27.87 -8.67
N LYS A 1436 15.34 -28.18 -9.22
CA LYS A 1436 14.24 -28.76 -8.45
C LYS A 1436 14.00 -30.16 -8.96
N PHE A 1437 13.79 -31.10 -8.04
CA PHE A 1437 13.54 -32.50 -8.38
C PHE A 1437 12.12 -32.83 -7.97
N GLY A 1438 11.30 -33.23 -8.92
CA GLY A 1438 9.95 -33.64 -8.59
C GLY A 1438 9.89 -35.05 -8.06
N PHE A 1439 8.74 -35.38 -7.48
CA PHE A 1439 8.49 -36.75 -7.06
C PHE A 1439 8.40 -37.64 -8.30
N ALA A 1440 9.00 -38.82 -8.22
CA ALA A 1440 8.98 -39.77 -9.33
C ALA A 1440 7.73 -40.62 -9.22
N LYS A 1441 6.79 -40.43 -10.13
CA LYS A 1441 5.58 -41.22 -10.15
C LYS A 1441 5.84 -42.55 -10.85
N TYR A 1442 5.29 -43.62 -10.30
CA TYR A 1442 5.44 -44.93 -10.92
C TYR A 1442 4.68 -44.98 -12.23
N GLU A 1443 5.33 -45.49 -13.28
CA GLU A 1443 4.70 -45.57 -14.60
C GLU A 1443 4.31 -46.99 -14.98
N ASN A 1444 5.26 -47.90 -15.03
CA ASN A 1444 4.98 -49.26 -15.47
C ASN A 1444 6.11 -50.17 -15.05
N GLY A 1445 5.90 -51.47 -15.23
CA GLY A 1445 6.87 -52.47 -14.87
C GLY A 1445 6.19 -53.64 -14.19
N PRO A 1446 6.99 -54.59 -13.68
CA PRO A 1446 6.44 -55.74 -12.96
C PRO A 1446 5.93 -55.46 -11.56
N GLU A 1447 5.95 -54.20 -11.13
CA GLU A 1447 5.48 -53.76 -9.81
C GLU A 1447 6.33 -54.45 -8.76
N TRP A 1448 5.75 -55.14 -7.79
CA TRP A 1448 6.50 -55.63 -6.64
C TRP A 1448 7.36 -56.84 -6.99
N LEU A 1449 8.37 -57.06 -6.16
CA LEU A 1449 9.17 -58.28 -6.20
C LEU A 1449 8.42 -59.35 -5.41
N ILE A 1450 7.81 -60.28 -6.13
CA ILE A 1450 7.00 -61.32 -5.50
C ILE A 1450 7.93 -62.42 -4.99
N THR A 1451 7.82 -62.73 -3.69
CA THR A 1451 8.66 -63.72 -3.05
C THR A 1451 7.76 -64.65 -2.24
N ARG A 1452 7.63 -65.89 -2.69
CA ARG A 1452 6.82 -66.86 -1.97
C ARG A 1452 7.43 -67.16 -0.62
N GLY A 1453 6.56 -67.31 0.38
CA GLY A 1453 6.97 -67.57 1.73
C GLY A 1453 7.04 -66.36 2.63
N ASN A 1454 7.04 -65.15 2.06
CA ASN A 1454 7.00 -63.93 2.85
C ASN A 1454 5.55 -63.59 3.17
N ASN A 1455 5.32 -63.19 4.42
CA ASN A 1455 3.94 -62.93 4.85
C ASN A 1455 3.25 -61.90 3.98
N PRO A 1456 3.84 -60.74 3.66
CA PRO A 1456 3.41 -60.04 2.45
C PRO A 1456 4.23 -60.49 1.26
N GLU A 1457 3.57 -60.91 0.18
CA GLU A 1457 4.30 -61.38 -0.99
C GLU A 1457 5.13 -60.27 -1.63
N ARG A 1458 4.68 -59.02 -1.53
CA ARG A 1458 5.41 -57.90 -2.09
C ARG A 1458 6.63 -57.52 -1.27
N SER A 1459 6.76 -58.04 -0.06
CA SER A 1459 7.78 -57.61 0.87
C SER A 1459 9.03 -58.48 0.75
N LEU A 1460 10.02 -58.15 1.57
CA LEU A 1460 11.25 -58.91 1.66
C LEU A 1460 11.93 -58.51 2.96
N THR A 1461 12.06 -59.46 3.88
CA THR A 1461 12.68 -59.20 5.16
C THR A 1461 14.16 -58.96 4.94
N LEU A 1462 14.60 -57.72 5.13
CA LEU A 1462 15.98 -57.37 4.84
C LEU A 1462 16.91 -57.84 5.95
N GLY A 1463 18.16 -58.07 5.58
CA GLY A 1463 19.19 -58.22 6.58
C GLY A 1463 19.40 -56.93 7.35
N VAL A 1464 20.06 -57.04 8.49
CA VAL A 1464 20.21 -55.89 9.35
C VAL A 1464 21.02 -54.81 8.64
N LEU A 1465 20.62 -53.56 8.84
CA LEU A 1465 21.31 -52.39 8.29
C LEU A 1465 21.94 -51.66 9.47
N GLU A 1466 23.14 -52.07 9.82
CA GLU A 1466 23.84 -51.49 10.95
C GLU A 1466 24.49 -50.17 10.56
N SER A 1467 24.71 -49.32 11.56
CA SER A 1467 25.29 -48.02 11.33
C SER A 1467 26.69 -48.17 10.72
N PRO A 1468 27.02 -47.39 9.71
CA PRO A 1468 28.36 -47.47 9.12
C PRO A 1468 29.43 -47.14 10.13
N ARG A 1469 30.58 -47.81 10.02
CA ARG A 1469 31.66 -47.62 10.97
C ARG A 1469 32.79 -46.84 10.34
N PRO A 1470 32.94 -45.54 10.65
CA PRO A 1470 34.11 -44.81 10.14
C PRO A 1470 35.43 -45.32 10.68
N ALA A 1471 35.44 -46.05 11.80
CA ALA A 1471 36.68 -46.57 12.35
C ALA A 1471 37.36 -47.53 11.39
N PHE A 1472 36.58 -48.24 10.56
CA PHE A 1472 37.17 -49.11 9.56
C PHE A 1472 37.82 -48.29 8.44
N SER A 1473 37.14 -47.24 7.99
CA SER A 1473 37.68 -46.39 6.94
C SER A 1473 38.88 -45.58 7.43
N ILE A 1474 38.84 -45.12 8.69
CA ILE A 1474 39.99 -44.46 9.30
C ILE A 1474 40.44 -45.31 10.49
N PRO A 1475 41.36 -46.24 10.28
CA PRO A 1475 41.77 -47.12 11.39
C PRO A 1475 42.72 -46.44 12.37
N ASP A 1476 43.52 -45.51 11.89
CA ASP A 1476 44.52 -44.84 12.71
C ASP A 1476 44.30 -43.34 12.70
N ASP A 1477 45.07 -42.65 13.54
CA ASP A 1477 44.94 -41.20 13.66
C ASP A 1477 45.61 -40.47 12.49
N GLU A 1478 46.37 -41.17 11.66
CA GLU A 1478 47.02 -40.52 10.52
C GLU A 1478 46.25 -40.66 9.22
N SER A 1479 45.39 -41.67 9.11
CA SER A 1479 44.56 -41.80 7.91
C SER A 1479 43.55 -40.66 7.86
N GLU A 1480 43.32 -40.14 6.67
CA GLU A 1480 42.36 -39.06 6.48
C GLU A 1480 40.99 -39.65 6.14
N ILE A 1481 40.01 -38.78 5.91
CA ILE A 1481 38.69 -39.25 5.47
C ILE A 1481 38.85 -39.82 4.07
N PRO A 1482 38.53 -41.10 3.86
CA PRO A 1482 38.78 -41.72 2.56
C PRO A 1482 38.00 -41.12 1.42
N GLY A 1483 36.89 -40.46 1.69
CA GLY A 1483 36.15 -39.80 0.63
C GLY A 1483 34.70 -40.19 0.68
N ARG A 1484 33.99 -39.89 -0.41
CA ARG A 1484 32.57 -40.15 -0.50
C ARG A 1484 32.31 -41.64 -0.70
N LYS A 1485 31.53 -42.23 0.20
CA LYS A 1485 31.20 -43.64 0.12
C LYS A 1485 30.12 -43.85 -0.93
N PHE A 1486 30.43 -44.65 -1.94
CA PHE A 1486 29.46 -45.10 -2.91
C PHE A 1486 29.34 -46.61 -2.77
N TYR A 1487 28.22 -47.16 -3.24
CA TYR A 1487 27.93 -48.58 -3.12
C TYR A 1487 27.96 -49.23 -4.50
N LEU A 1488 28.40 -50.48 -4.54
CA LEU A 1488 28.53 -51.19 -5.80
C LEU A 1488 27.18 -51.67 -6.31
N HIS A 1489 27.06 -51.74 -7.63
CA HIS A 1489 25.90 -52.30 -8.29
C HIS A 1489 26.07 -53.80 -8.39
N HIS A 1490 25.31 -54.55 -7.60
CA HIS A 1490 25.39 -56.00 -7.62
C HIS A 1490 24.03 -56.58 -7.28
N ASN A 1491 23.86 -57.85 -7.64
CA ASN A 1491 22.61 -58.57 -7.35
C ASN A 1491 22.75 -59.39 -6.08
N GLY A 1492 23.27 -58.74 -5.03
CA GLY A 1492 23.38 -59.41 -3.74
C GLY A 1492 22.06 -59.53 -3.04
N TRP A 1493 21.04 -58.84 -3.56
CA TRP A 1493 19.69 -58.96 -3.03
C TRP A 1493 19.13 -60.36 -3.30
N ARG A 1494 19.60 -61.00 -4.38
CA ARG A 1494 19.18 -62.37 -4.65
C ARG A 1494 19.52 -63.28 -3.49
N ILE A 1495 20.68 -63.08 -2.88
CA ILE A 1495 21.06 -63.84 -1.69
C ILE A 1495 20.10 -63.51 -0.56
N ILE A 1496 19.76 -62.23 -0.39
CA ILE A 1496 18.83 -61.82 0.65
C ILE A 1496 17.47 -62.48 0.44
N ARG A 1497 17.00 -62.48 -0.81
CA ARG A 1497 15.72 -63.11 -1.12
C ARG A 1497 15.77 -64.61 -0.88
N GLN A 1498 16.87 -65.26 -1.24
CA GLN A 1498 17.01 -66.69 -0.97
C GLN A 1498 17.16 -66.97 0.51
N LYS A 1499 17.72 -66.03 1.27
CA LYS A 1499 17.93 -66.18 2.70
C LYS A 1499 16.71 -65.75 3.51
N GLN A 1500 15.55 -65.62 2.86
CA GLN A 1500 14.38 -65.03 3.52
C GLN A 1500 13.90 -65.87 4.68
N LEU A 1501 13.79 -67.19 4.48
CA LEU A 1501 13.29 -68.06 5.53
C LEU A 1501 14.21 -68.11 6.74
N GLU A 1502 15.49 -67.76 6.58
CA GLU A 1502 16.43 -67.82 7.68
C GLU A 1502 16.87 -66.46 8.20
N ILE A 1503 16.55 -65.36 7.53
CA ILE A 1503 16.78 -64.05 8.11
C ILE A 1503 15.86 -63.83 9.29
N ARG A 1504 14.58 -64.18 9.14
CA ARG A 1504 13.62 -63.96 10.22
C ARG A 1504 13.91 -64.83 11.43
N GLU A 1505 14.28 -66.09 11.22
CA GLU A 1505 14.52 -66.98 12.33
C GLU A 1505 15.82 -66.65 13.07
N THR A 1506 16.85 -66.24 12.34
CA THR A 1506 18.17 -66.05 12.95
C THR A 1506 18.33 -64.65 13.54
N VAL A 1507 18.16 -63.61 12.73
CA VAL A 1507 18.39 -62.26 13.21
C VAL A 1507 17.20 -61.78 14.03
N GLN A 1508 17.49 -60.91 14.98
CA GLN A 1508 16.45 -60.37 15.86
C GLN A 1508 15.52 -59.47 15.07
N PRO A 1509 14.21 -59.58 15.28
CA PRO A 1509 13.26 -58.76 14.50
C PRO A 1509 13.43 -57.27 14.69
N GLU A 1510 13.96 -56.83 15.84
CA GLU A 1510 14.16 -55.41 16.06
C GLU A 1510 15.32 -54.86 15.23
N ARG A 1511 16.38 -55.65 15.06
CA ARG A 1511 17.56 -55.16 14.37
C ARG A 1511 17.35 -54.97 12.88
N ASN A 1512 16.56 -55.83 12.25
CA ASN A 1512 16.32 -55.75 10.82
C ASN A 1512 14.90 -55.29 10.53
N VAL A 1513 14.64 -54.99 9.26
CA VAL A 1513 13.34 -54.52 8.82
C VAL A 1513 12.87 -55.36 7.64
N THR A 1514 11.57 -55.36 7.42
CA THR A 1514 10.98 -55.89 6.20
C THR A 1514 10.24 -54.76 5.49
N THR A 1515 10.35 -54.72 4.17
CA THR A 1515 9.79 -53.62 3.42
C THR A 1515 9.17 -54.15 2.13
N GLU A 1516 8.15 -53.43 1.65
CA GLU A 1516 7.66 -53.67 0.30
C GLU A 1516 8.78 -53.37 -0.69
N VAL A 1517 9.04 -54.30 -1.60
CA VAL A 1517 10.18 -54.21 -2.50
C VAL A 1517 9.69 -54.10 -3.92
N MET A 1518 10.10 -53.04 -4.61
CA MET A 1518 9.89 -52.93 -6.04
C MET A 1518 10.77 -53.93 -6.76
N ASP A 1519 10.44 -54.19 -8.02
CA ASP A 1519 11.19 -55.13 -8.83
C ASP A 1519 12.08 -54.40 -9.81
N LYS A 1520 12.96 -55.16 -10.45
CA LYS A 1520 13.74 -54.61 -11.54
C LYS A 1520 12.85 -54.33 -12.75
N GLY A 1521 13.26 -53.34 -13.55
CA GLY A 1521 12.50 -52.97 -14.72
C GLY A 1521 11.31 -52.08 -14.46
N ASN A 1522 11.10 -51.64 -13.22
CA ASN A 1522 10.05 -50.69 -12.92
C ASN A 1522 10.47 -49.30 -13.37
N VAL A 1523 9.56 -48.59 -14.02
CA VAL A 1523 9.87 -47.28 -14.60
C VAL A 1523 9.15 -46.21 -13.80
N PHE A 1524 9.91 -45.23 -13.31
CA PHE A 1524 9.38 -44.04 -12.68
C PHE A 1524 9.70 -42.84 -13.56
N SER A 1525 8.77 -41.90 -13.65
CA SER A 1525 9.01 -40.65 -14.36
C SER A 1525 9.13 -39.53 -13.35
N PHE A 1526 10.20 -38.76 -13.43
CA PHE A 1526 10.34 -37.58 -12.61
C PHE A 1526 10.87 -36.44 -13.47
N ASP A 1527 10.57 -35.23 -13.02
CA ASP A 1527 11.00 -34.01 -13.70
C ASP A 1527 12.08 -33.35 -12.88
N VAL A 1528 13.16 -32.97 -13.52
CA VAL A 1528 14.18 -32.13 -12.92
C VAL A 1528 13.98 -30.73 -13.50
N ARG A 1529 13.61 -29.78 -12.67
CA ARG A 1529 13.37 -28.43 -13.10
C ARG A 1529 14.56 -27.58 -12.70
N PHE A 1530 15.25 -27.01 -13.67
CA PHE A 1530 16.42 -26.20 -13.44
C PHE A 1530 16.16 -24.80 -13.98
N GLU A 1531 16.77 -23.80 -13.34
CA GLU A 1531 16.70 -22.43 -13.84
C GLU A 1531 18.04 -21.75 -13.62
N ASN A 1532 18.36 -20.85 -14.54
CA ASN A 1532 19.60 -20.07 -14.50
C ASN A 1532 20.83 -20.96 -14.47
N LEU A 1533 20.80 -22.03 -15.26
CA LEU A 1533 21.91 -22.96 -15.32
C LEU A 1533 22.89 -22.57 -16.41
N ARG A 1534 24.17 -22.69 -16.09
CA ARG A 1534 25.22 -22.50 -17.09
C ARG A 1534 25.15 -23.60 -18.14
N GLU A 1535 25.80 -23.34 -19.27
CA GLU A 1535 25.82 -24.31 -20.36
C GLU A 1535 26.42 -25.63 -19.89
N TRP A 1536 27.50 -25.55 -19.12
CA TRP A 1536 28.17 -26.75 -18.62
C TRP A 1536 27.45 -27.37 -17.44
N GLU A 1537 26.74 -26.57 -16.64
CA GLU A 1537 26.05 -27.12 -15.48
C GLU A 1537 24.85 -27.97 -15.89
N LEU A 1538 24.09 -27.52 -16.89
CA LEU A 1538 23.05 -28.36 -17.44
C LEU A 1538 23.64 -29.62 -18.07
N GLY A 1539 24.80 -29.47 -18.73
CA GLY A 1539 25.46 -30.63 -19.29
C GLY A 1539 26.00 -31.58 -18.25
N LEU A 1540 26.55 -31.04 -17.16
CA LEU A 1540 27.00 -31.90 -16.08
C LEU A 1540 25.84 -32.52 -15.32
N LEU A 1541 24.72 -31.79 -15.22
CA LEU A 1541 23.51 -32.36 -14.64
C LEU A 1541 22.93 -33.45 -15.51
N LEU A 1542 22.91 -33.23 -16.83
CA LEU A 1542 22.45 -34.27 -17.75
C LEU A 1542 23.38 -35.48 -17.70
N GLN A 1543 24.68 -35.23 -17.59
CA GLN A 1543 25.64 -36.30 -17.40
C GLN A 1543 25.44 -37.01 -16.07
N SER A 1544 25.15 -36.25 -15.01
CA SER A 1544 24.91 -36.87 -13.72
C SER A 1544 23.65 -37.73 -13.73
N LEU A 1545 22.61 -37.29 -14.45
CA LEU A 1545 21.39 -38.07 -14.54
C LEU A 1545 21.64 -39.38 -15.27
N ASP A 1546 22.06 -39.30 -16.53
CA ASP A 1546 22.39 -40.48 -17.34
C ASP A 1546 23.87 -40.46 -17.66
N PRO A 1547 24.70 -41.14 -16.89
CA PRO A 1547 26.15 -41.09 -17.18
C PRO A 1547 26.59 -41.99 -18.33
N GLY A 1548 25.95 -43.15 -18.52
CA GLY A 1548 26.38 -44.02 -19.60
C GLY A 1548 25.46 -45.22 -19.72
N LYS A 1549 25.83 -46.10 -20.67
CA LYS A 1549 25.10 -47.34 -20.85
C LYS A 1549 25.17 -48.23 -19.61
N ASN A 1550 26.36 -48.35 -19.03
CA ASN A 1550 26.60 -49.30 -17.95
C ASN A 1550 26.84 -48.61 -16.62
N ILE A 1551 26.44 -47.34 -16.49
CA ILE A 1551 26.58 -46.60 -15.25
C ILE A 1551 25.19 -46.21 -14.77
N ALA A 1552 24.89 -46.51 -13.51
CA ALA A 1552 23.59 -46.19 -12.94
C ALA A 1552 23.80 -45.68 -11.53
N HIS A 1553 22.69 -45.52 -10.81
CA HIS A 1553 22.69 -44.91 -9.50
C HIS A 1553 22.17 -45.91 -8.47
N LYS A 1554 22.54 -45.69 -7.21
CA LYS A 1554 22.03 -46.47 -6.10
C LYS A 1554 21.06 -45.59 -5.31
N LEU A 1555 19.84 -46.08 -5.15
CA LEU A 1555 18.76 -45.30 -4.56
C LEU A 1555 18.04 -46.12 -3.51
N GLY A 1556 17.66 -45.48 -2.41
CA GLY A 1556 16.83 -46.12 -1.43
C GLY A 1556 17.56 -47.05 -0.48
N LYS A 1557 16.76 -47.81 0.25
CA LYS A 1557 17.27 -48.68 1.30
C LYS A 1557 17.98 -49.89 0.71
N GLY A 1558 18.94 -50.43 1.46
CA GLY A 1558 19.59 -51.66 1.08
C GLY A 1558 20.60 -51.56 -0.04
N LYS A 1559 21.24 -50.41 -0.21
CA LYS A 1559 22.30 -50.30 -1.22
C LYS A 1559 23.44 -51.28 -0.99
N PRO A 1560 23.97 -51.48 0.23
CA PRO A 1560 25.02 -52.49 0.40
C PRO A 1560 24.56 -53.92 0.10
N TYR A 1561 23.26 -54.19 0.11
CA TYR A 1561 22.73 -55.51 -0.21
C TYR A 1561 22.37 -55.64 -1.68
N GLY A 1562 22.73 -54.67 -2.51
CA GLY A 1562 22.45 -54.73 -3.92
C GLY A 1562 21.15 -54.09 -4.34
N PHE A 1563 20.33 -53.62 -3.41
CA PHE A 1563 19.09 -52.97 -3.76
C PHE A 1563 19.34 -51.57 -4.30
N GLY A 1564 18.42 -51.09 -5.11
CA GLY A 1564 18.39 -49.69 -5.47
C GLY A 1564 19.21 -49.28 -6.66
N SER A 1565 19.74 -50.24 -7.42
CA SER A 1565 20.45 -49.90 -8.65
C SER A 1565 19.44 -49.37 -9.65
N VAL A 1566 19.50 -48.08 -9.96
CA VAL A 1566 18.50 -47.41 -10.78
C VAL A 1566 19.20 -46.67 -11.91
N LYS A 1567 18.64 -46.77 -13.11
CA LYS A 1567 19.16 -46.08 -14.28
C LYS A 1567 18.20 -44.97 -14.69
N ILE A 1568 18.74 -43.77 -14.84
CA ILE A 1568 17.99 -42.61 -15.32
C ILE A 1568 18.32 -42.40 -16.78
N LYS A 1569 17.30 -42.31 -17.62
CA LYS A 1569 17.49 -41.87 -18.99
C LYS A 1569 16.58 -40.67 -19.26
N ILE A 1570 17.14 -39.69 -19.95
CA ILE A 1570 16.44 -38.44 -20.23
C ILE A 1570 15.38 -38.72 -21.29
N ASP A 1571 14.11 -38.63 -20.91
CA ASP A 1571 13.05 -38.76 -21.89
C ASP A 1571 12.98 -37.53 -22.78
N SER A 1572 13.10 -36.34 -22.20
CA SER A 1572 13.06 -35.11 -22.96
C SER A 1572 13.71 -34.00 -22.14
N LEU A 1573 14.28 -33.03 -22.83
CA LEU A 1573 14.84 -31.84 -22.20
C LEU A 1573 14.24 -30.61 -22.86
N HIS A 1574 13.75 -29.69 -22.04
CA HIS A 1574 13.13 -28.47 -22.50
C HIS A 1574 13.87 -27.28 -21.91
N THR A 1575 13.97 -26.20 -22.68
CA THR A 1575 14.65 -25.00 -22.26
C THR A 1575 13.75 -23.81 -22.54
N PHE A 1576 13.61 -22.92 -21.56
CA PHE A 1576 12.71 -21.79 -21.65
C PHE A 1576 13.49 -20.54 -22.04
N LYS A 1577 13.07 -19.91 -23.13
CA LYS A 1577 13.68 -18.67 -23.62
C LYS A 1577 15.19 -18.79 -23.83
N ILE A 1585 9.26 -22.19 -24.37
CA ILE A 1585 9.53 -23.59 -24.09
C ILE A 1585 9.84 -24.33 -25.38
N LYS A 1586 11.11 -24.69 -25.57
CA LYS A 1586 11.55 -25.41 -26.76
C LYS A 1586 12.14 -26.75 -26.37
N ARG A 1587 11.79 -27.78 -27.11
CA ARG A 1587 12.35 -29.11 -26.88
C ARG A 1587 13.77 -29.15 -27.42
N VAL A 1588 14.73 -29.35 -26.52
CA VAL A 1588 16.14 -29.30 -26.90
C VAL A 1588 16.47 -30.54 -27.73
N PRO A 1589 17.00 -30.39 -28.94
CA PRO A 1589 17.37 -31.55 -29.74
C PRO A 1589 18.61 -32.24 -29.18
N GLN A 1590 18.81 -33.47 -29.64
CA GLN A 1590 19.92 -34.29 -29.15
C GLN A 1590 21.27 -33.61 -29.42
N SER A 1591 21.40 -32.95 -30.57
CA SER A 1591 22.66 -32.27 -30.89
C SER A 1591 22.97 -31.17 -29.87
N ASP A 1592 21.97 -30.36 -29.51
CA ASP A 1592 22.18 -29.32 -28.52
C ASP A 1592 22.39 -29.89 -27.13
N ILE A 1593 21.74 -31.02 -26.81
CA ILE A 1593 21.98 -31.69 -25.54
C ILE A 1593 23.43 -32.14 -25.46
N ARG A 1594 23.93 -32.79 -26.51
CA ARG A 1594 25.30 -33.28 -26.52
C ARG A 1594 26.30 -32.14 -26.38
N GLU A 1595 25.97 -30.98 -26.93
CA GLU A 1595 26.81 -29.80 -26.75
C GLU A 1595 26.86 -29.37 -25.29
N TYR A 1596 25.72 -29.43 -24.57
CA TYR A 1596 25.73 -29.15 -23.15
C TYR A 1596 26.63 -30.12 -22.40
N ILE A 1597 26.47 -31.42 -22.67
CA ILE A 1597 27.26 -32.43 -21.97
C ILE A 1597 28.74 -32.26 -22.26
N ASN A 1598 29.08 -31.96 -23.52
CA ASN A 1598 30.48 -31.69 -23.85
C ASN A 1598 30.98 -30.46 -23.11
N LYS A 1599 30.18 -29.40 -23.07
CA LYS A 1599 30.58 -28.19 -22.36
C LYS A 1599 30.81 -28.45 -20.88
N GLY A 1600 30.02 -29.33 -20.27
CA GLY A 1600 30.29 -29.76 -18.91
C GLY A 1600 31.51 -30.65 -18.79
N TYR A 1601 31.80 -31.45 -19.82
CA TYR A 1601 33.03 -32.24 -19.83
C TYR A 1601 34.27 -31.36 -19.79
N GLN A 1602 34.27 -30.28 -20.58
CA GLN A 1602 35.43 -29.38 -20.60
C GLN A 1602 35.59 -28.61 -19.30
N LYS A 1603 34.48 -28.24 -18.64
CA LYS A 1603 34.61 -27.55 -17.36
C LYS A 1603 35.25 -28.44 -16.32
N LEU A 1604 35.03 -29.76 -16.42
CA LEU A 1604 35.62 -30.69 -15.47
C LEU A 1604 37.12 -30.83 -15.68
N ILE A 1605 37.57 -30.91 -16.94
CA ILE A 1605 39.01 -30.94 -17.17
C ILE A 1605 39.64 -29.59 -16.93
N GLU A 1606 38.86 -28.51 -16.98
CA GLU A 1606 39.38 -27.20 -16.61
C GLU A 1606 39.74 -27.15 -15.12
N TRP A 1607 38.90 -27.74 -14.27
CA TRP A 1607 39.24 -27.85 -12.86
C TRP A 1607 40.30 -28.91 -12.60
N SER A 1608 40.34 -29.95 -13.43
CA SER A 1608 41.37 -30.97 -13.29
C SER A 1608 42.75 -30.42 -13.57
N GLY A 1609 42.87 -29.52 -14.54
CA GLY A 1609 44.14 -28.89 -14.86
C GLY A 1609 44.50 -28.98 -16.33
N LEU A 1619 31.80 -36.89 -28.64
CA LEU A 1619 31.69 -37.94 -27.63
C LEU A 1619 32.80 -37.81 -26.59
N PRO A 1620 32.51 -37.21 -25.45
CA PRO A 1620 33.51 -37.09 -24.40
C PRO A 1620 33.82 -38.44 -23.77
N GLN A 1621 35.06 -38.57 -23.29
CA GLN A 1621 35.52 -39.77 -22.59
C GLN A 1621 35.69 -39.42 -21.12
N TRP A 1622 34.78 -39.93 -20.29
CA TRP A 1622 34.73 -39.52 -18.90
C TRP A 1622 35.78 -40.20 -18.03
N HIS A 1623 36.40 -41.27 -18.50
CA HIS A 1623 37.38 -41.97 -17.67
C HIS A 1623 38.76 -41.33 -17.72
N VAL A 1624 38.96 -40.31 -18.56
CA VAL A 1624 40.28 -39.67 -18.64
C VAL A 1624 40.56 -38.90 -17.35
N ILE A 1625 39.55 -38.28 -16.78
CA ILE A 1625 39.70 -37.64 -15.47
C ILE A 1625 39.77 -38.71 -14.39
N PRO A 1626 40.82 -38.76 -13.59
CA PRO A 1626 40.97 -39.90 -12.66
C PRO A 1626 39.83 -40.05 -11.66
N HIS A 1627 39.27 -38.95 -11.15
CA HIS A 1627 38.23 -39.09 -10.13
C HIS A 1627 36.90 -39.51 -10.73
N ILE A 1628 36.61 -39.11 -11.97
CA ILE A 1628 35.40 -39.57 -12.63
C ILE A 1628 35.52 -41.05 -13.00
N ASP A 1629 36.71 -41.46 -13.44
CA ASP A 1629 36.93 -42.87 -13.73
C ASP A 1629 36.72 -43.72 -12.48
N LYS A 1630 37.26 -43.26 -11.35
CA LYS A 1630 37.01 -43.95 -10.08
C LYS A 1630 35.54 -43.86 -9.69
N LEU A 1631 34.90 -42.72 -9.96
CA LEU A 1631 33.48 -42.58 -9.68
C LEU A 1631 32.65 -43.51 -10.56
N TYR A 1632 32.89 -43.49 -11.86
CA TYR A 1632 32.09 -44.28 -12.78
C TYR A 1632 32.37 -45.77 -12.67
N LYS A 1633 33.53 -46.16 -12.15
CA LYS A 1633 33.73 -47.55 -11.77
C LYS A 1633 32.87 -47.91 -10.57
N LEU A 1634 32.81 -47.01 -9.58
CA LEU A 1634 31.98 -47.25 -8.40
C LEU A 1634 30.51 -47.34 -8.76
N LEU A 1635 30.09 -46.66 -9.82
CA LEU A 1635 28.71 -46.70 -10.31
C LEU A 1635 28.57 -47.51 -11.58
N TRP A 1636 29.62 -48.21 -11.99
CA TRP A 1636 29.54 -49.09 -13.15
C TRP A 1636 28.64 -50.28 -12.82
N VAL A 1637 27.78 -50.64 -13.76
CA VAL A 1637 26.81 -51.72 -13.59
C VAL A 1637 27.23 -52.88 -14.47
N PRO A 1638 27.68 -53.99 -13.91
CA PRO A 1638 27.78 -55.23 -14.70
C PRO A 1638 26.41 -55.80 -14.96
N PHE A 1639 26.34 -57.04 -15.46
CA PHE A 1639 25.08 -57.75 -15.73
C PHE A 1639 24.09 -56.90 -16.51
N LEU A 1640 24.59 -56.00 -17.34
CA LEU A 1640 23.70 -55.12 -18.09
C LEU A 1640 24.06 -55.08 -19.56
N SER A 1643 25.31 -59.43 -18.88
CA SER A 1643 26.56 -59.46 -19.64
C SER A 1643 27.50 -60.53 -19.09
N LYS A 1644 26.91 -61.63 -18.61
CA LYS A 1644 27.65 -62.77 -18.04
C LYS A 1644 28.58 -62.33 -16.91
N LEU A 1645 28.14 -61.39 -16.09
CA LEU A 1645 28.91 -60.89 -14.95
C LEU A 1645 27.97 -60.73 -13.77
N GLU A 1646 28.16 -61.53 -12.73
CA GLU A 1646 27.35 -61.45 -11.51
C GLU A 1646 28.33 -61.44 -10.35
N PRO A 1647 29.02 -60.32 -10.13
CA PRO A 1647 29.98 -60.26 -9.02
C PRO A 1647 29.30 -60.46 -7.68
N ASP A 1648 30.00 -61.15 -6.78
CA ASP A 1648 29.48 -61.44 -5.45
C ASP A 1648 30.04 -60.40 -4.50
N VAL A 1649 29.19 -59.47 -4.08
CA VAL A 1649 29.58 -58.34 -3.25
C VAL A 1649 28.83 -58.44 -1.94
N ARG A 1650 29.57 -58.54 -0.84
CA ARG A 1650 28.94 -58.60 0.48
C ARG A 1650 29.96 -58.19 1.53
N TYR A 1651 29.47 -57.98 2.74
CA TYR A 1651 30.30 -57.60 3.86
C TYR A 1651 30.88 -58.83 4.53
N PRO A 1652 32.14 -58.76 4.96
CA PRO A 1652 32.72 -59.85 5.75
C PRO A 1652 31.98 -60.03 7.06
N VAL A 1653 31.95 -61.27 7.53
CA VAL A 1653 31.33 -61.59 8.81
C VAL A 1653 32.30 -61.21 9.91
N LEU A 1654 31.83 -61.17 11.16
CA LEU A 1654 32.66 -60.68 12.25
C LEU A 1654 33.73 -61.69 12.63
N ASN A 1655 33.31 -62.86 13.10
CA ASN A 1655 34.22 -63.93 13.50
C ASN A 1655 33.90 -65.19 12.70
N GLU A 1656 34.62 -66.27 13.02
CA GLU A 1656 34.30 -67.57 12.42
C GLU A 1656 32.93 -68.05 12.86
N GLU A 1657 32.54 -67.79 14.10
CA GLU A 1657 31.23 -68.16 14.60
C GLU A 1657 30.20 -67.09 14.22
N SER A 1658 30.05 -66.91 12.92
CA SER A 1658 29.08 -65.96 12.37
C SER A 1658 28.32 -66.61 11.23
N LYS A 1659 27.04 -66.28 11.14
CA LYS A 1659 26.20 -66.83 10.10
C LYS A 1659 26.58 -66.24 8.74
N GLY A 1660 26.19 -66.95 7.69
CA GLY A 1660 26.49 -66.51 6.34
C GLY A 1660 27.97 -66.45 6.02
N TYR A 1661 28.74 -67.39 6.56
CA TYR A 1661 30.18 -67.44 6.35
C TYR A 1661 30.56 -68.80 5.78
N ILE A 1662 31.32 -68.78 4.70
CA ILE A 1662 31.79 -70.00 4.04
C ILE A 1662 33.14 -70.38 4.62
N GLU A 1663 33.24 -71.62 5.12
CA GLU A 1663 34.48 -72.08 5.73
C GLU A 1663 35.62 -72.07 4.74
N GLY A 1664 36.80 -71.64 5.21
CA GLY A 1664 37.99 -71.59 4.39
C GLY A 1664 38.18 -70.31 3.63
N SER A 1665 37.19 -69.41 3.60
CA SER A 1665 37.34 -68.15 2.88
C SER A 1665 38.28 -67.21 3.60
N ASP A 1666 38.29 -67.24 4.94
CA ASP A 1666 39.10 -66.34 5.77
C ASP A 1666 38.76 -64.89 5.48
N TYR A 1667 37.51 -64.64 5.10
CA TYR A 1667 37.05 -63.30 4.77
C TYR A 1667 36.61 -62.50 5.98
N THR A 1668 36.51 -63.13 7.15
CA THR A 1668 35.95 -62.49 8.33
C THR A 1668 36.69 -61.20 8.67
N TYR A 1669 36.04 -60.36 9.48
CA TYR A 1669 36.65 -59.12 9.91
C TYR A 1669 37.81 -59.35 10.88
N LYS A 1670 37.87 -60.52 11.51
CA LYS A 1670 39.02 -60.85 12.34
C LYS A 1670 40.30 -60.86 11.51
N LYS A 1671 40.24 -61.44 10.31
CA LYS A 1671 41.39 -61.41 9.41
C LYS A 1671 41.61 -60.02 8.85
N LEU A 1672 40.54 -59.36 8.42
CA LEU A 1672 40.65 -58.05 7.79
C LEU A 1672 40.88 -56.93 8.78
N GLY A 1673 40.37 -57.04 10.01
CA GLY A 1673 40.60 -56.01 11.00
C GLY A 1673 41.98 -56.02 11.61
N ASP A 1674 42.71 -57.13 11.50
CA ASP A 1674 44.04 -57.21 12.08
C ASP A 1674 45.06 -56.50 11.21
N LYS A 1675 45.89 -55.67 11.84
CA LYS A 1675 46.98 -55.00 11.15
C LYS A 1675 48.09 -55.96 10.77
N ASP A 1676 48.13 -57.15 11.38
CA ASP A 1676 49.14 -58.14 11.04
C ASP A 1676 48.85 -58.80 9.70
N ASN A 1677 47.59 -59.12 9.43
CA ASN A 1677 47.24 -59.76 8.16
C ASN A 1677 47.45 -58.81 6.98
N LEU A 1678 46.95 -57.59 7.09
CA LEU A 1678 47.20 -56.56 6.09
C LEU A 1678 47.35 -55.22 6.77
N PRO A 1679 48.25 -54.37 6.27
CA PRO A 1679 48.46 -53.06 6.90
C PRO A 1679 47.22 -52.18 6.76
N TYR A 1680 47.10 -51.22 7.69
CA TYR A 1680 45.98 -50.31 7.66
C TYR A 1680 45.95 -49.50 6.36
N LYS A 1681 47.12 -49.08 5.88
CA LYS A 1681 47.17 -48.25 4.68
C LYS A 1681 46.61 -48.98 3.46
N THR A 1682 46.93 -50.27 3.32
CA THR A 1682 46.40 -51.03 2.19
C THR A 1682 44.93 -51.36 2.37
N ARG A 1683 44.46 -51.44 3.62
CA ARG A 1683 43.03 -51.56 3.86
C ARG A 1683 42.30 -50.33 3.36
N VAL A 1684 42.83 -49.14 3.68
CA VAL A 1684 42.25 -47.90 3.17
C VAL A 1684 42.44 -47.81 1.66
N LYS A 1685 43.60 -48.24 1.16
CA LYS A 1685 43.84 -48.23 -0.28
C LYS A 1685 42.85 -49.16 -0.99
N GLY A 1686 42.56 -50.31 -0.38
CA GLY A 1686 41.54 -51.19 -0.95
C GLY A 1686 40.14 -50.68 -0.72
N LEU A 1687 39.94 -49.85 0.31
CA LEU A 1687 38.64 -49.22 0.52
C LEU A 1687 38.39 -48.10 -0.47
N THR A 1688 39.45 -47.44 -0.94
CA THR A 1688 39.34 -46.36 -1.90
C THR A 1688 39.54 -46.80 -3.33
N THR A 1689 39.67 -48.10 -3.58
CA THR A 1689 39.84 -48.60 -4.93
C THR A 1689 38.56 -49.31 -5.35
N PRO A 1690 37.74 -48.71 -6.22
CA PRO A 1690 36.46 -49.33 -6.59
C PRO A 1690 36.66 -50.71 -7.17
N TRP A 1691 35.76 -51.62 -6.80
CA TRP A 1691 35.70 -52.98 -7.33
C TRP A 1691 36.97 -53.78 -7.05
N SER A 1692 37.76 -53.34 -6.11
CA SER A 1692 38.93 -54.14 -5.77
C SER A 1692 38.49 -55.37 -4.98
N PRO A 1693 38.99 -56.55 -5.33
CA PRO A 1693 38.62 -57.76 -4.58
C PRO A 1693 39.07 -57.66 -3.13
N TRP A 1694 38.29 -58.30 -2.26
CA TRP A 1694 38.53 -58.22 -0.83
C TRP A 1694 38.72 -59.58 -0.16
N ASN A 1695 38.19 -60.65 -0.74
CA ASN A 1695 38.53 -61.96 -0.18
C ASN A 1695 39.91 -62.35 -0.68
N PRO A 1696 40.17 -62.37 -2.01
CA PRO A 1696 41.57 -62.34 -2.43
C PRO A 1696 42.01 -60.88 -2.52
N PHE A 1697 42.30 -60.31 -1.34
CA PHE A 1697 42.65 -58.90 -1.24
C PHE A 1697 43.86 -58.57 -2.10
N GLN A 1698 43.76 -57.47 -2.84
CA GLN A 1698 44.83 -57.05 -3.74
C GLN A 1698 45.93 -56.31 -2.98
N THR C 15 38.83 4.83 13.41
CA THR C 15 38.02 3.66 13.75
C THR C 15 37.08 3.32 12.60
N ARG C 16 36.22 2.33 12.82
CA ARG C 16 35.24 1.96 11.80
C ARG C 16 34.16 3.02 11.64
N GLU C 17 33.94 3.85 12.67
CA GLU C 17 32.99 4.95 12.55
C GLU C 17 33.47 6.00 11.56
N ASP C 18 34.75 6.38 11.64
CA ASP C 18 35.28 7.41 10.76
C ASP C 18 35.26 6.96 9.30
N ILE C 19 35.57 5.69 9.04
CA ILE C 19 35.52 5.18 7.68
C ILE C 19 34.10 5.22 7.15
N ASP C 20 33.13 4.81 7.95
CA ASP C 20 31.74 4.87 7.53
C ASP C 20 31.23 6.30 7.41
N ARG C 21 31.59 7.17 8.36
CA ARG C 21 31.18 8.57 8.27
C ARG C 21 31.79 9.23 7.05
N LYS C 22 33.07 8.95 6.76
CA LYS C 22 33.71 9.52 5.58
C LYS C 22 33.03 9.08 4.30
N GLU C 23 32.62 7.81 4.23
CA GLU C 23 31.83 7.36 3.08
C GLU C 23 30.48 8.05 3.05
N ALA C 24 29.87 8.25 4.22
CA ALA C 24 28.62 9.02 4.28
C ALA C 24 28.84 10.48 3.90
N GLU C 25 29.95 11.07 4.37
CA GLU C 25 30.29 12.43 3.96
C GLU C 25 30.50 12.54 2.46
N ARG C 26 31.23 11.59 1.87
CA ARG C 26 31.47 11.67 0.44
C ARG C 26 30.20 11.39 -0.35
N LEU C 27 29.24 10.68 0.23
CA LEU C 27 27.93 10.56 -0.38
C LEU C 27 27.14 11.85 -0.25
N LEU C 28 27.22 12.50 0.92
CA LEU C 28 26.54 13.77 1.11
C LEU C 28 27.12 14.85 0.20
N ASP C 29 28.44 14.85 0.03
CA ASP C 29 29.07 15.77 -0.91
C ASP C 29 28.57 15.54 -2.33
N GLU C 30 28.37 14.28 -2.71
CA GLU C 30 27.80 13.98 -4.02
C GLU C 30 26.35 14.43 -4.12
N ALA C 31 25.58 14.26 -3.04
CA ALA C 31 24.21 14.75 -3.03
C ALA C 31 24.16 16.27 -3.03
N PHE C 32 25.13 16.91 -2.38
CA PHE C 32 25.24 18.36 -2.39
C PHE C 32 25.76 18.91 -3.71
N ASN C 33 26.19 18.05 -4.62
CA ASN C 33 26.65 18.49 -5.92
C ASN C 33 25.47 18.94 -6.76
N PRO C 34 25.45 20.17 -7.26
CA PRO C 34 24.33 20.60 -8.11
C PRO C 34 24.20 19.79 -9.39
N ARG C 35 25.28 19.14 -9.84
CA ARG C 35 25.20 18.28 -11.02
C ARG C 35 24.43 17.01 -10.78
N THR C 36 24.20 16.64 -9.51
CA THR C 36 23.45 15.43 -9.20
C THR C 36 21.98 15.60 -9.55
N LYS C 37 21.41 14.58 -10.20
CA LYS C 37 20.00 14.62 -10.52
C LYS C 37 19.18 14.52 -9.23
N PRO C 38 18.03 15.21 -9.16
CA PRO C 38 17.21 15.12 -7.94
C PRO C 38 16.72 13.71 -7.66
N VAL C 39 16.41 12.91 -8.67
CA VAL C 39 15.97 11.55 -8.40
C VAL C 39 17.14 10.70 -7.91
N ASP C 40 18.35 10.99 -8.38
CA ASP C 40 19.52 10.29 -7.89
C ASP C 40 19.99 10.82 -6.53
N ARG C 41 19.76 12.11 -6.28
CA ARG C 41 20.16 12.69 -5.01
C ARG C 41 19.41 12.05 -3.84
N LYS C 42 18.12 11.78 -4.01
CA LYS C 42 17.33 11.18 -2.94
C LYS C 42 17.84 9.79 -2.59
N LYS C 43 18.20 8.99 -3.59
CA LYS C 43 18.80 7.68 -3.32
C LYS C 43 20.13 7.82 -2.61
N ILE C 44 20.92 8.83 -2.97
CA ILE C 44 22.23 9.02 -2.36
C ILE C 44 22.09 9.37 -0.88
N ILE C 45 21.18 10.28 -0.55
CA ILE C 45 20.96 10.62 0.86
C ILE C 45 20.39 9.43 1.62
N ASN C 46 19.61 8.60 0.94
CA ASN C 46 19.12 7.37 1.56
C ASN C 46 20.28 6.49 2.00
N SER C 47 21.26 6.29 1.12
CA SER C 47 22.42 5.46 1.46
C SER C 47 23.29 6.14 2.50
N ALA C 48 23.47 7.46 2.43
CA ALA C 48 24.26 8.16 3.43
C ALA C 48 23.58 8.10 4.79
N LEU C 49 22.25 8.26 4.83
CA LEU C 49 21.53 8.13 6.08
C LEU C 49 21.42 6.68 6.55
N LYS C 50 21.45 5.72 5.63
CA LYS C 50 21.54 4.33 6.02
C LYS C 50 22.82 4.07 6.80
N ILE C 51 23.94 4.62 6.32
CA ILE C 51 25.21 4.47 7.02
C ILE C 51 25.21 5.27 8.31
N LEU C 52 24.70 6.50 8.26
CA LEU C 52 24.79 7.38 9.43
C LEU C 52 23.85 6.95 10.55
N ILE C 53 22.61 6.59 10.20
CA ILE C 53 21.66 6.20 11.24
C ILE C 53 22.07 4.87 11.86
N GLY C 54 22.44 3.89 11.01
CA GLY C 54 22.90 2.63 11.54
C GLY C 54 24.14 2.76 12.39
N LEU C 55 25.07 3.63 11.99
CA LEU C 55 26.22 3.93 12.83
C LEU C 55 25.80 4.66 14.10
N TYR C 56 24.74 5.46 14.02
CA TYR C 56 24.21 6.09 15.23
C TYR C 56 23.47 5.07 16.10
N LYS C 57 22.86 4.07 15.49
CA LYS C 57 22.14 3.05 16.26
C LYS C 57 23.09 2.31 17.20
N GLU C 58 24.27 1.95 16.71
CA GLU C 58 25.24 1.25 17.56
C GLU C 58 25.87 2.20 18.56
N LYS C 59 26.29 3.38 18.11
CA LYS C 59 27.04 4.28 18.99
C LYS C 59 26.12 4.98 19.98
N LYS C 60 24.87 5.23 19.59
CA LYS C 60 23.85 5.84 20.45
C LYS C 60 24.36 7.22 20.89
N ASP C 61 24.40 7.54 22.17
CA ASP C 61 24.83 8.87 22.60
C ASP C 61 26.34 9.03 22.45
N ASP C 62 27.10 7.93 22.54
CA ASP C 62 28.55 8.00 22.42
C ASP C 62 29.01 8.28 21.00
N LEU C 63 28.10 8.53 20.07
CA LEU C 63 28.48 8.90 18.71
C LEU C 63 29.16 10.26 18.72
N THR C 64 30.22 10.40 17.93
CA THR C 64 30.99 11.64 17.92
C THR C 64 30.21 12.76 17.26
N SER C 65 30.60 14.00 17.59
CA SER C 65 29.88 15.17 17.11
C SER C 65 29.95 15.29 15.59
N ALA C 66 31.08 14.91 14.98
CA ALA C 66 31.20 14.99 13.53
C ALA C 66 30.18 14.11 12.83
N SER C 67 29.81 12.98 13.45
CA SER C 67 28.78 12.13 12.87
C SER C 67 27.39 12.72 13.05
N PHE C 68 27.17 13.47 14.13
CA PHE C 68 25.88 14.12 14.33
C PHE C 68 25.71 15.31 13.39
N ILE C 69 26.80 16.00 13.08
CA ILE C 69 26.77 17.01 12.02
C ILE C 69 26.45 16.35 10.69
N SER C 70 26.98 15.15 10.47
CA SER C 70 26.76 14.42 9.22
C SER C 70 25.29 14.06 9.04
N ILE C 71 24.63 13.61 10.10
CA ILE C 71 23.22 13.26 10.00
C ILE C 71 22.37 14.51 9.81
N ALA C 72 22.70 15.59 10.52
CA ALA C 72 21.98 16.84 10.34
C ALA C 72 22.14 17.37 8.92
N ARG C 73 23.34 17.25 8.36
CA ARG C 73 23.55 17.62 6.96
C ARG C 73 22.73 16.73 6.04
N ALA C 74 22.69 15.43 6.34
CA ALA C 74 21.89 14.51 5.52
C ALA C 74 20.41 14.80 5.66
N TYR C 75 19.95 15.14 6.86
CA TYR C 75 18.53 15.45 7.04
C TYR C 75 18.17 16.82 6.50
N TYR C 76 19.13 17.74 6.43
CA TYR C 76 18.89 18.98 5.68
C TYR C 76 18.68 18.69 4.20
N LEU C 77 19.50 17.82 3.63
CA LEU C 77 19.34 17.43 2.23
C LEU C 77 18.09 16.63 2.00
N VAL C 78 17.65 15.87 3.00
CA VAL C 78 16.39 15.13 2.88
C VAL C 78 15.25 16.10 2.68
N SER C 79 15.20 17.15 3.49
CA SER C 79 14.12 18.12 3.40
C SER C 79 14.19 18.91 2.11
N ILE C 80 15.37 18.98 1.48
CA ILE C 80 15.49 19.63 0.19
C ILE C 80 14.81 18.79 -0.88
N THR C 81 14.95 17.47 -0.81
CA THR C 81 14.35 16.60 -1.81
C THR C 81 12.84 16.47 -1.65
N ILE C 82 12.30 16.91 -0.51
CA ILE C 82 10.86 16.84 -0.28
C ILE C 82 10.26 18.15 -0.81
N LEU C 83 9.81 18.12 -2.01
CA LEU C 83 9.11 19.26 -2.59
C LEU C 83 7.67 19.28 -2.11
N PRO C 84 7.08 20.46 -1.96
CA PRO C 84 5.65 20.53 -1.61
C PRO C 84 4.77 19.92 -2.67
N LYS C 85 4.03 18.88 -2.31
CA LYS C 85 3.11 18.22 -3.23
C LYS C 85 1.81 18.97 -3.40
N GLY C 86 1.53 19.96 -2.55
CA GLY C 86 0.33 20.76 -2.70
C GLY C 86 0.58 22.23 -2.42
N THR C 87 -0.47 22.95 -2.04
CA THR C 87 -0.31 24.35 -1.68
C THR C 87 0.34 24.50 -0.31
N THR C 88 0.01 23.63 0.63
CA THR C 88 0.61 23.68 1.95
C THR C 88 2.00 23.05 1.94
N ILE C 89 2.85 23.52 2.83
CA ILE C 89 4.21 22.99 2.93
C ILE C 89 4.16 21.61 3.59
N PRO C 90 4.83 20.60 3.02
CA PRO C 90 4.66 19.23 3.52
C PRO C 90 5.17 19.07 4.95
N GLU C 91 4.51 18.18 5.68
CA GLU C 91 4.92 17.88 7.04
C GLU C 91 6.17 16.99 7.07
N LYS C 92 6.44 16.26 6.00
CA LYS C 92 7.68 15.51 5.90
C LYS C 92 8.88 16.45 5.81
N LYS C 93 8.72 17.55 5.08
CA LYS C 93 9.78 18.55 4.99
C LYS C 93 10.05 19.18 6.36
N LYS C 94 8.98 19.50 7.10
CA LYS C 94 9.15 20.05 8.44
C LYS C 94 9.83 19.05 9.36
N GLU C 95 9.37 17.81 9.24
CA GLU C 95 9.75 16.58 9.99
C GLU C 95 11.22 16.27 9.78
N ALA C 96 11.72 16.48 8.58
CA ALA C 96 13.12 16.25 8.21
C ALA C 96 14.02 17.33 8.79
N LEU C 97 13.58 18.60 8.74
CA LEU C 97 14.33 19.66 9.40
C LEU C 97 14.25 19.53 10.91
N ARG C 98 13.10 19.14 11.43
CA ARG C 98 12.99 18.89 12.87
C ARG C 98 13.93 17.77 13.30
N LYS C 99 14.00 16.70 12.50
CA LYS C 99 14.89 15.59 12.82
C LYS C 99 16.35 16.00 12.74
N GLY C 100 16.72 16.82 11.75
CA GLY C 100 18.08 17.31 11.67
C GLY C 100 18.45 18.22 12.82
N ILE C 101 17.50 19.01 13.32
CA ILE C 101 17.80 19.94 14.40
C ILE C 101 18.07 19.20 15.71
N GLU C 102 17.28 18.17 16.03
CA GLU C 102 17.57 17.40 17.22
C GLU C 102 18.74 16.45 17.02
N PHE C 103 19.10 16.15 15.78
CA PHE C 103 20.31 15.38 15.52
C PHE C 103 21.54 16.25 15.67
N ILE C 104 21.45 17.51 15.25
CA ILE C 104 22.57 18.43 15.45
C ILE C 104 22.66 18.92 16.89
N ASP C 105 21.56 18.89 17.64
CA ASP C 105 21.61 19.24 19.04
C ASP C 105 22.50 18.29 19.84
N ARG C 106 22.61 17.03 19.42
CA ARG C 106 23.53 16.11 20.08
C ARG C 106 24.97 16.50 19.83
N ALA C 107 25.26 17.15 18.70
CA ALA C 107 26.59 17.67 18.44
C ALA C 107 26.84 19.01 19.11
N ILE C 108 25.79 19.81 19.34
CA ILE C 108 25.97 21.05 20.06
C ILE C 108 26.27 20.78 21.53
N ASN C 109 25.58 19.81 22.12
CA ASN C 109 25.69 19.54 23.54
C ASN C 109 26.91 18.69 23.92
N LYS C 110 27.58 18.09 22.94
CA LYS C 110 28.80 17.32 23.20
C LYS C 110 29.86 17.72 22.20
N PHE C 111 31.06 18.03 22.71
CA PHE C 111 32.18 18.44 21.88
C PHE C 111 32.63 17.29 20.98
N LEU C 116 36.04 24.23 15.75
CA LEU C 116 35.79 23.94 14.34
C LEU C 116 34.59 23.02 14.20
N ASP C 117 34.54 21.97 15.02
CA ASP C 117 33.39 21.07 14.99
C ASP C 117 32.12 21.79 15.43
N SER C 118 32.20 22.59 16.49
CA SER C 118 31.06 23.40 16.89
C SER C 118 30.73 24.44 15.82
N GLN C 119 31.73 24.90 15.08
CA GLN C 119 31.49 25.82 13.98
C GLN C 119 30.72 25.14 12.86
N ARG C 120 31.15 23.94 12.46
CA ARG C 120 30.42 23.19 11.44
C ARG C 120 29.07 22.72 11.94
N ALA C 121 28.95 22.49 13.25
CA ALA C 121 27.68 22.07 13.81
C ALA C 121 26.67 23.21 13.82
N PHE C 122 27.11 24.42 14.15
CA PHE C 122 26.20 25.56 14.18
C PHE C 122 25.86 26.05 12.79
N ARG C 123 26.74 25.83 11.81
CA ARG C 123 26.41 26.17 10.43
C ARG C 123 25.21 25.37 9.94
N ILE C 124 25.21 24.06 10.20
CA ILE C 124 24.10 23.22 9.75
C ILE C 124 22.90 23.36 10.68
N LYS C 125 23.12 23.60 11.98
CA LYS C 125 21.99 23.82 12.88
C LYS C 125 21.24 25.08 12.49
N SER C 126 21.96 26.15 12.19
CA SER C 126 21.33 27.41 11.85
C SER C 126 20.71 27.39 10.47
N VAL C 127 21.35 26.72 9.52
CA VAL C 127 20.79 26.60 8.17
C VAL C 127 19.55 25.72 8.18
N LEU C 128 19.56 24.65 8.97
CA LEU C 128 18.35 23.86 9.17
C LEU C 128 17.25 24.71 9.81
N SER C 129 17.62 25.56 10.77
CA SER C 129 16.65 26.40 11.45
C SER C 129 16.12 27.51 10.57
N ILE C 130 16.92 28.00 9.62
CA ILE C 130 16.43 29.00 8.68
C ILE C 130 15.36 28.40 7.78
N GLU C 131 15.62 27.19 7.27
CA GLU C 131 14.63 26.50 6.46
C GLU C 131 13.41 26.14 7.28
N PHE C 132 13.61 25.71 8.52
CA PHE C 132 12.47 25.40 9.39
C PHE C 132 11.66 26.64 9.71
N ASN C 133 12.34 27.77 9.92
CA ASN C 133 11.64 29.01 10.26
C ASN C 133 10.76 29.47 9.10
N ARG C 134 11.25 29.38 7.87
CA ARG C 134 10.52 29.92 6.74
C ARG C 134 9.35 29.03 6.31
N ILE C 135 9.37 27.75 6.68
CA ILE C 135 8.26 26.86 6.37
C ILE C 135 7.39 26.58 7.57
N ASP C 136 7.88 26.80 8.79
CA ASP C 136 7.10 26.62 10.00
C ASP C 136 7.46 27.76 10.96
N ARG C 137 6.73 28.87 10.86
CA ARG C 137 6.98 30.01 11.74
C ARG C 137 6.63 29.72 13.19
N GLU C 138 5.76 28.75 13.45
CA GLU C 138 5.34 28.45 14.81
C GLU C 138 6.35 27.57 15.54
N LYS C 139 6.86 26.54 14.87
CA LYS C 139 7.80 25.62 15.52
C LYS C 139 9.19 26.22 15.65
N CYS C 140 9.54 27.18 14.78
CA CYS C 140 10.80 27.93 14.87
C CYS C 140 10.49 29.38 14.52
N ASP C 141 10.17 30.18 15.54
CA ASP C 141 9.78 31.57 15.29
C ASP C 141 11.02 32.44 15.11
N ASN C 142 10.80 33.71 14.78
CA ASN C 142 11.91 34.61 14.51
C ASN C 142 12.77 34.86 15.75
N ILE C 143 12.15 34.88 16.93
CA ILE C 143 12.92 35.10 18.16
C ILE C 143 13.89 33.96 18.39
N LYS C 144 13.42 32.73 18.32
CA LYS C 144 14.30 31.58 18.52
C LYS C 144 15.35 31.49 17.43
N LEU C 145 14.96 31.75 16.18
CA LEU C 145 15.91 31.73 15.07
C LEU C 145 16.98 32.80 15.26
N LYS C 146 16.58 34.01 15.66
CA LYS C 146 17.55 35.09 15.84
C LYS C 146 18.57 34.77 16.92
N ASN C 147 18.12 34.20 18.04
CA ASN C 147 19.04 33.87 19.12
C ASN C 147 20.08 32.84 18.69
N LEU C 148 19.65 31.80 17.99
CA LEU C 148 20.58 30.76 17.55
C LEU C 148 21.41 31.20 16.34
N LEU C 149 20.86 32.08 15.50
CA LEU C 149 21.66 32.64 14.42
C LEU C 149 22.79 33.49 14.96
N ASN C 150 22.51 34.30 15.99
CA ASN C 150 23.57 35.06 16.64
C ASN C 150 24.60 34.15 17.28
N GLU C 151 24.15 33.08 17.92
CA GLU C 151 25.06 32.16 18.57
C GLU C 151 26.03 31.53 17.57
N ALA C 152 25.56 31.27 16.35
CA ALA C 152 26.48 30.83 15.30
C ALA C 152 27.46 31.93 14.91
N VAL C 153 26.98 33.18 14.88
CA VAL C 153 27.84 34.29 14.48
C VAL C 153 28.97 34.50 15.49
N ASP C 154 28.65 34.50 16.79
CA ASP C 154 29.70 34.66 17.78
C ASP C 154 30.55 33.41 17.94
N LYS C 155 30.17 32.30 17.32
CA LYS C 155 30.97 31.08 17.32
C LYS C 155 31.78 30.91 16.06
N GLY C 156 31.92 31.94 15.24
CA GLY C 156 32.78 31.90 14.09
C GLY C 156 32.13 31.44 12.80
N CYS C 157 30.81 31.45 12.72
CA CYS C 157 30.09 31.07 11.51
C CYS C 157 29.90 32.23 10.57
N THR C 158 30.73 33.27 10.66
CA THR C 158 30.73 34.36 9.68
C THR C 158 31.96 34.19 8.78
N ASP C 159 31.90 33.22 7.88
CA ASP C 159 33.00 32.92 6.96
C ASP C 159 32.39 32.75 5.57
N PHE C 160 32.22 33.88 4.87
CA PHE C 160 31.45 33.90 3.64
C PHE C 160 32.28 33.59 2.40
N ASP C 161 33.61 33.46 2.54
CA ASP C 161 34.44 33.28 1.37
C ASP C 161 34.32 31.88 0.79
N THR C 162 34.28 30.85 1.64
CA THR C 162 34.29 29.48 1.17
C THR C 162 32.99 28.72 1.43
N TYR C 163 32.16 29.17 2.35
CA TYR C 163 30.91 28.48 2.66
C TYR C 163 29.74 29.38 2.33
N GLU C 164 28.86 28.92 1.45
CA GLU C 164 27.72 29.72 1.03
C GLU C 164 26.65 29.79 2.11
N TRP C 165 26.77 28.97 3.15
CA TRP C 165 25.73 28.91 4.17
C TRP C 165 25.83 30.08 5.15
N ASP C 166 27.04 30.52 5.47
CA ASP C 166 27.18 31.67 6.36
C ASP C 166 26.63 32.95 5.76
N ILE C 167 26.66 33.07 4.43
CA ILE C 167 25.96 34.18 3.80
C ILE C 167 24.48 34.12 4.13
N GLN C 168 23.89 32.93 4.06
CA GLN C 168 22.50 32.77 4.47
C GLN C 168 22.29 32.99 5.95
N ILE C 169 23.26 32.63 6.79
CA ILE C 169 23.15 32.90 8.22
C ILE C 169 23.13 34.40 8.47
N ALA C 170 24.09 35.12 7.90
CA ALA C 170 24.22 36.56 8.16
C ALA C 170 23.05 37.32 7.57
N ILE C 171 22.69 37.04 6.32
CA ILE C 171 21.63 37.77 5.65
C ILE C 171 20.26 37.44 6.25
N ARG C 172 20.08 36.24 6.78
CA ARG C 172 18.88 35.96 7.55
C ARG C 172 18.83 36.81 8.81
N LEU C 173 19.99 37.07 9.43
CA LEU C 173 20.03 37.98 10.57
C LEU C 173 19.76 39.41 10.15
N CYS C 174 20.13 39.78 8.93
CA CYS C 174 19.83 41.12 8.42
C CYS C 174 18.33 41.34 8.35
N GLU C 175 17.59 40.34 7.85
CA GLU C 175 16.14 40.44 7.83
C GLU C 175 15.54 40.38 9.23
N LEU C 176 16.30 39.91 10.21
CA LEU C 176 15.83 39.84 11.59
C LEU C 176 16.11 41.11 12.38
N GLY C 177 16.73 42.11 11.76
CA GLY C 177 17.02 43.36 12.44
C GLY C 177 18.31 43.38 13.23
N VAL C 178 19.12 42.34 13.15
CA VAL C 178 20.37 42.29 13.91
C VAL C 178 21.43 43.06 13.15
N ASP C 179 22.16 43.93 13.87
CA ASP C 179 23.18 44.75 13.25
C ASP C 179 24.35 43.89 12.79
N MET C 180 24.63 43.92 11.49
CA MET C 180 25.75 43.19 10.89
C MET C 180 26.62 44.13 10.08
N GLU C 181 26.86 45.33 10.62
CA GLU C 181 27.71 46.29 9.92
C GLU C 181 29.14 45.78 9.79
N GLY C 182 29.65 45.12 10.82
CA GLY C 182 31.00 44.59 10.78
C GLY C 182 31.20 43.52 9.73
N HIS C 183 30.18 42.69 9.48
CA HIS C 183 30.29 41.60 8.54
C HIS C 183 29.83 41.96 7.14
N PHE C 184 29.48 43.22 6.89
CA PHE C 184 28.99 43.60 5.57
C PHE C 184 30.10 43.62 4.53
N ASP C 185 31.29 44.11 4.90
CA ASP C 185 32.35 44.28 3.93
C ASP C 185 32.83 42.94 3.37
N ASN C 186 33.01 41.94 4.23
CA ASN C 186 33.42 40.62 3.76
C ASN C 186 32.28 39.90 3.05
N LEU C 187 31.03 40.24 3.36
CA LEU C 187 29.90 39.61 2.70
C LEU C 187 29.82 40.02 1.24
N ILE C 188 29.98 41.30 0.94
CA ILE C 188 29.96 41.77 -0.44
C ILE C 188 31.18 41.25 -1.19
N LYS C 189 32.35 41.24 -0.54
CA LYS C 189 33.57 40.76 -1.18
C LYS C 189 33.47 39.29 -1.56
N SER C 190 32.68 38.51 -0.84
CA SER C 190 32.57 37.09 -1.10
C SER C 190 31.85 36.83 -2.43
N ASN C 191 32.47 36.05 -3.30
CA ASN C 191 31.88 35.75 -4.59
C ASN C 191 30.82 34.66 -4.51
N LYS C 192 30.63 34.06 -3.34
CA LYS C 192 29.57 33.08 -3.17
C LYS C 192 28.21 33.72 -2.91
N ALA C 193 28.17 35.00 -2.55
CA ALA C 193 26.91 35.66 -2.24
C ALA C 193 26.10 35.87 -3.51
N ASN C 194 24.80 35.61 -3.40
CA ASN C 194 23.88 35.83 -4.50
C ASN C 194 23.67 37.33 -4.74
N ASP C 195 23.18 37.65 -5.94
CA ASP C 195 22.83 39.03 -6.23
C ASP C 195 21.70 39.51 -5.33
N LEU C 196 20.69 38.66 -5.11
CA LEU C 196 19.64 39.01 -4.15
C LEU C 196 20.20 39.14 -2.75
N GLN C 197 21.07 38.21 -2.35
CA GLN C 197 21.71 38.27 -1.04
C GLN C 197 22.55 39.54 -0.90
N LYS C 198 23.30 39.90 -1.94
CA LYS C 198 24.00 41.17 -1.93
C LYS C 198 23.04 42.34 -1.84
N ALA C 199 21.91 42.27 -2.56
CA ALA C 199 20.90 43.32 -2.47
C ALA C 199 20.28 43.39 -1.09
N LYS C 200 19.98 42.25 -0.48
CA LYS C 200 19.45 42.26 0.89
C LYS C 200 20.45 42.83 1.87
N ALA C 201 21.75 42.52 1.69
CA ALA C 201 22.76 43.07 2.57
C ALA C 201 22.83 44.59 2.45
N TYR C 202 22.78 45.12 1.23
CA TYR C 202 22.81 46.56 1.04
C TYR C 202 21.58 47.22 1.66
N TYR C 203 20.40 46.62 1.46
CA TYR C 203 19.18 47.22 1.97
C TYR C 203 19.11 47.18 3.50
N PHE C 204 19.48 46.05 4.09
CA PHE C 204 19.29 45.87 5.53
C PHE C 204 20.44 46.41 6.36
N ILE C 205 21.69 46.26 5.91
CA ILE C 205 22.82 46.69 6.70
C ILE C 205 23.12 48.16 6.43
N LYS C 206 23.48 48.48 5.19
CA LYS C 206 23.89 49.83 4.84
C LYS C 206 22.72 50.77 4.63
N LYS C 207 21.51 50.24 4.47
CA LYS C 207 20.29 51.04 4.31
C LYS C 207 20.38 51.97 3.10
N ASP C 208 21.26 51.66 2.15
CA ASP C 208 21.35 52.45 0.93
C ASP C 208 20.56 51.74 -0.17
N ASP C 209 19.74 52.51 -0.87
CA ASP C 209 18.81 51.95 -1.83
C ASP C 209 19.35 51.90 -3.25
N HIS C 210 20.38 52.70 -3.55
CA HIS C 210 20.93 52.69 -4.90
C HIS C 210 21.61 51.35 -5.21
N LYS C 211 22.44 50.87 -4.30
CA LYS C 211 23.15 49.61 -4.53
C LYS C 211 22.23 48.41 -4.36
N ALA C 212 21.23 48.51 -3.48
CA ALA C 212 20.21 47.46 -3.41
C ALA C 212 19.43 47.38 -4.71
N LYS C 213 19.15 48.51 -5.35
CA LYS C 213 18.55 48.49 -6.67
C LYS C 213 19.45 47.80 -7.69
N GLU C 214 20.74 48.14 -7.68
CA GLU C 214 21.64 47.60 -8.70
C GLU C 214 21.76 46.09 -8.58
N HIS C 215 21.77 45.56 -7.36
CA HIS C 215 21.95 44.14 -7.17
C HIS C 215 20.65 43.36 -7.32
N MET C 216 19.51 43.93 -6.92
CA MET C 216 18.23 43.29 -7.18
C MET C 216 17.92 43.24 -8.66
N ASP C 217 18.28 44.28 -9.41
CA ASP C 217 18.09 44.24 -10.86
C ASP C 217 18.92 43.13 -11.49
N LYS C 218 20.15 42.93 -11.01
CA LYS C 218 20.92 41.78 -11.47
C LYS C 218 20.32 40.47 -10.99
N CYS C 219 19.63 40.49 -9.84
CA CYS C 219 18.91 39.30 -9.40
C CYS C 219 17.74 38.98 -10.31
N THR C 220 16.89 39.98 -10.59
CA THR C 220 15.71 39.75 -11.42
C THR C 220 16.09 39.48 -12.86
N ALA C 221 17.17 40.08 -13.34
CA ALA C 221 17.65 39.76 -14.69
C ALA C 221 18.06 38.30 -14.79
N SER C 222 18.61 37.74 -13.73
CA SER C 222 18.94 36.32 -13.70
C SER C 222 17.70 35.46 -13.51
N LEU C 223 16.62 36.02 -12.97
CA LEU C 223 15.41 35.26 -12.70
C LEU C 223 14.66 34.90 -13.98
N LYS C 224 15.00 35.52 -15.12
CA LYS C 224 14.38 35.16 -16.38
C LYS C 224 14.76 33.76 -16.84
N TYR C 225 15.84 33.21 -16.30
CA TYR C 225 16.35 31.91 -16.73
C TYR C 225 16.18 30.82 -15.67
N THR C 226 16.15 31.18 -14.41
CA THR C 226 15.87 30.20 -13.36
C THR C 226 14.38 29.92 -13.32
N PRO C 227 13.95 28.66 -13.44
CA PRO C 227 12.52 28.37 -13.38
C PRO C 227 11.94 28.71 -12.02
N CYS C 228 10.62 28.92 -11.99
CA CYS C 228 9.96 29.50 -10.84
C CYS C 228 9.94 28.58 -9.64
N SER C 229 10.31 27.31 -9.80
CA SER C 229 10.49 26.41 -8.68
C SER C 229 11.76 26.67 -7.90
N HIS C 230 12.66 27.47 -8.45
CA HIS C 230 13.93 27.72 -7.78
C HIS C 230 13.71 28.44 -6.46
N ARG C 231 14.61 28.16 -5.52
CA ARG C 231 14.53 28.76 -4.19
C ARG C 231 14.62 30.27 -4.27
N LEU C 232 15.39 30.79 -5.23
CA LEU C 232 15.61 32.21 -5.38
C LEU C 232 14.34 32.98 -5.72
N TRP C 233 13.39 32.35 -6.41
CA TRP C 233 12.13 33.01 -6.72
C TRP C 233 11.34 33.32 -5.45
N ASP C 234 11.30 32.37 -4.52
CA ASP C 234 10.57 32.55 -3.27
C ASP C 234 11.19 33.65 -2.41
N GLU C 235 12.52 33.69 -2.33
CA GLU C 235 13.17 34.71 -1.52
C GLU C 235 13.10 36.09 -2.16
N THR C 236 13.17 36.17 -3.49
CA THR C 236 13.05 37.45 -4.16
C THR C 236 11.69 38.07 -3.90
N VAL C 237 10.63 37.28 -4.06
CA VAL C 237 9.29 37.78 -3.78
C VAL C 237 9.10 38.03 -2.28
N GLY C 238 9.70 37.17 -1.46
CA GLY C 238 9.69 37.42 -0.03
C GLY C 238 10.44 38.68 0.35
N PHE C 239 11.49 39.01 -0.39
CA PHE C 239 12.22 40.26 -0.18
C PHE C 239 11.34 41.47 -0.48
N ILE C 240 10.59 41.42 -1.58
CA ILE C 240 9.71 42.53 -1.93
C ILE C 240 8.53 42.61 -0.96
N GLU C 241 8.07 41.48 -0.44
CA GLU C 241 7.08 41.51 0.64
C GLU C 241 7.64 42.22 1.86
N ARG C 242 8.90 41.92 2.20
CA ARG C 242 9.57 42.67 3.26
C ARG C 242 9.70 44.13 2.90
N LEU C 243 10.08 44.42 1.65
CA LEU C 243 10.20 45.80 1.20
C LEU C 243 8.85 46.52 1.22
N LYS C 244 7.79 45.84 0.80
CA LYS C 244 6.45 46.44 0.88
C LYS C 244 6.04 46.68 2.33
N GLY C 245 6.28 45.70 3.19
CA GLY C 245 5.97 45.86 4.60
C GLY C 245 6.86 46.86 5.31
N ASP C 246 8.04 47.12 4.75
CA ASP C 246 8.91 48.16 5.26
C ASP C 246 8.54 49.55 4.75
N SER C 247 7.51 49.63 3.90
CA SER C 247 7.04 50.90 3.33
C SER C 247 8.11 51.58 2.49
N SER C 248 9.09 50.81 2.02
CA SER C 248 10.15 51.38 1.20
C SER C 248 9.66 51.60 -0.22
N THR C 249 10.32 52.50 -0.92
CA THR C 249 9.99 52.76 -2.32
C THR C 249 10.62 51.73 -3.25
N LEU C 250 11.48 50.85 -2.75
CA LEU C 250 12.13 49.87 -3.62
C LEU C 250 11.17 48.81 -4.10
N TRP C 251 10.11 48.52 -3.33
CA TRP C 251 9.26 47.37 -3.65
C TRP C 251 8.47 47.58 -4.92
N ARG C 252 8.05 48.82 -5.21
CA ARG C 252 7.25 49.07 -6.40
C ARG C 252 8.03 48.73 -7.66
N ASP C 253 9.25 49.24 -7.79
CA ASP C 253 10.04 48.96 -8.99
C ASP C 253 10.49 47.52 -9.02
N PHE C 254 10.76 46.93 -7.86
CA PHE C 254 11.26 45.57 -7.80
C PHE C 254 10.19 44.56 -8.20
N ALA C 255 8.98 44.72 -7.67
CA ALA C 255 7.90 43.78 -7.97
C ALA C 255 7.55 43.75 -9.45
N ILE C 256 7.54 44.92 -10.10
CA ILE C 256 7.33 44.95 -11.54
C ILE C 256 8.47 44.26 -12.28
N LYS C 257 9.71 44.52 -11.85
CA LYS C 257 10.87 43.96 -12.53
C LYS C 257 10.93 42.44 -12.41
N THR C 258 10.60 41.89 -11.24
CA THR C 258 10.57 40.45 -11.10
C THR C 258 9.30 39.82 -11.67
N TYR C 259 8.21 40.58 -11.80
CA TYR C 259 7.09 40.10 -12.58
C TYR C 259 7.47 39.93 -14.04
N ARG C 260 8.25 40.89 -14.58
CA ARG C 260 8.71 40.77 -15.95
C ARG C 260 9.59 39.55 -16.14
N SER C 261 10.44 39.25 -15.16
CA SER C 261 11.22 38.01 -15.19
C SER C 261 10.33 36.78 -15.13
N CYS C 262 9.26 36.84 -14.32
CA CYS C 262 8.32 35.73 -14.28
C CYS C 262 7.60 35.58 -15.61
N ARG C 263 7.16 36.70 -16.20
CA ARG C 263 6.49 36.64 -17.50
C ARG C 263 7.41 36.05 -18.55
N VAL C 264 8.70 36.40 -18.52
CA VAL C 264 9.67 35.82 -19.44
C VAL C 264 9.85 34.34 -19.15
N GLN C 265 9.96 33.96 -17.88
CA GLN C 265 10.16 32.56 -17.53
C GLN C 265 8.93 31.71 -17.76
N GLU C 266 7.73 32.32 -17.71
CA GLU C 266 6.50 31.56 -17.94
C GLU C 266 6.43 30.98 -19.34
N LYS C 267 7.04 31.64 -20.33
CA LYS C 267 6.97 31.16 -21.71
C LYS C 267 7.67 29.81 -21.88
N GLU C 268 8.61 29.47 -21.00
CA GLU C 268 9.33 28.21 -21.11
C GLU C 268 8.70 27.14 -20.23
N LEU C 272 1.02 24.19 -23.59
CA LEU C 272 0.31 23.41 -22.59
C LEU C 272 -0.16 24.28 -21.43
N ARG C 273 0.19 25.56 -21.48
CA ARG C 273 -0.14 26.52 -20.42
C ARG C 273 0.27 25.97 -19.05
N LEU C 274 1.51 25.50 -18.98
CA LEU C 274 2.05 24.92 -17.75
C LEU C 274 2.68 26.01 -16.91
N ARG C 275 2.38 26.00 -15.62
CA ARG C 275 2.99 26.90 -14.67
C ARG C 275 3.27 26.12 -13.40
N TRP C 276 4.50 26.20 -12.90
CA TRP C 276 4.84 25.57 -11.64
C TRP C 276 4.15 26.31 -10.50
N TYR C 277 3.59 25.55 -9.57
CA TYR C 277 2.95 26.19 -8.43
C TYR C 277 3.97 26.48 -7.34
N TRP C 278 4.13 27.75 -7.02
CA TRP C 278 4.85 28.17 -5.83
C TRP C 278 4.00 29.21 -5.11
N SER C 279 4.04 29.17 -3.79
CA SER C 279 3.12 29.96 -2.97
C SER C 279 3.21 31.44 -3.22
N ARG C 280 4.41 31.97 -3.45
CA ARG C 280 4.63 33.40 -3.60
C ARG C 280 4.37 33.89 -5.01
N HIS C 281 3.93 33.01 -5.91
CA HIS C 281 3.64 33.45 -7.27
C HIS C 281 2.50 34.43 -7.29
N ARG C 282 1.40 34.12 -6.60
CA ARG C 282 0.23 34.99 -6.61
C ARG C 282 0.53 36.33 -5.95
N VAL C 283 1.24 36.30 -4.82
CA VAL C 283 1.60 37.56 -4.17
C VAL C 283 2.59 38.36 -5.01
N LEU C 284 3.37 37.70 -5.86
CA LEU C 284 4.22 38.45 -6.78
C LEU C 284 3.39 39.25 -7.78
N TYR C 285 2.42 38.60 -8.41
CA TYR C 285 1.50 39.29 -9.31
C TYR C 285 0.61 40.27 -8.58
N ASP C 286 0.19 39.94 -7.36
CA ASP C 286 -0.57 40.89 -6.56
C ASP C 286 0.27 42.13 -6.26
N MET C 287 1.54 41.92 -5.90
CA MET C 287 2.46 43.02 -5.67
C MET C 287 2.76 43.79 -6.95
N ALA C 288 2.98 43.09 -8.06
CA ALA C 288 3.26 43.76 -9.32
C ALA C 288 2.03 44.53 -9.81
N PHE C 289 0.84 43.96 -9.64
CA PHE C 289 -0.38 44.68 -9.96
C PHE C 289 -0.55 45.90 -9.07
N LEU C 290 -0.37 45.72 -7.76
CA LEU C 290 -0.49 46.82 -6.82
C LEU C 290 0.57 47.88 -7.02
N ALA C 291 1.74 47.50 -7.52
CA ALA C 291 2.78 48.48 -7.84
C ALA C 291 2.38 49.32 -9.06
N VAL C 292 1.87 48.67 -10.11
CA VAL C 292 1.48 49.40 -11.30
C VAL C 292 0.22 50.22 -11.04
N LYS C 293 -0.69 49.70 -10.20
CA LYS C 293 -1.86 50.47 -9.82
C LYS C 293 -1.48 51.74 -9.06
N GLU C 294 -0.46 51.66 -8.21
CA GLU C 294 -0.01 52.84 -7.48
C GLU C 294 0.71 53.83 -8.39
N GLN C 295 1.17 53.40 -9.55
CA GLN C 295 1.75 54.28 -10.55
C GLN C 295 0.74 54.72 -11.60
N ALA C 296 -0.53 54.35 -11.44
CA ALA C 296 -1.57 54.77 -12.37
C ALA C 296 -2.47 55.82 -11.73
N VAL C 303 -0.19 61.91 -19.81
CA VAL C 303 -1.53 61.52 -20.19
C VAL C 303 -1.53 60.06 -20.65
N ASN C 304 -0.75 59.76 -21.68
CA ASN C 304 -0.62 58.40 -22.18
C ASN C 304 0.20 57.51 -21.25
N VAL C 305 0.95 58.10 -20.31
CA VAL C 305 1.69 57.30 -19.35
C VAL C 305 0.74 56.65 -18.35
N LYS C 306 -0.26 57.40 -17.88
CA LYS C 306 -1.27 56.83 -16.98
C LYS C 306 -2.01 55.69 -17.67
N GLN C 307 -2.39 55.89 -18.93
CA GLN C 307 -3.10 54.86 -19.67
C GLN C 307 -2.23 53.64 -19.95
N ALA C 308 -0.94 53.83 -20.22
CA ALA C 308 -0.05 52.69 -20.42
C ALA C 308 0.15 51.89 -19.14
N LYS C 309 -0.04 52.53 -17.98
CA LYS C 309 -0.02 51.79 -16.73
C LYS C 309 -1.23 50.89 -16.58
N ILE C 310 -2.41 51.38 -16.95
CA ILE C 310 -3.60 50.56 -16.88
C ILE C 310 -3.53 49.44 -17.90
N LYS C 311 -2.99 49.71 -19.10
CA LYS C 311 -2.69 48.65 -20.04
C LYS C 311 -1.78 47.60 -19.42
N LYS C 312 -0.78 48.04 -18.67
CA LYS C 312 0.12 47.12 -17.98
C LYS C 312 -0.61 46.31 -16.91
N LEU C 313 -1.63 46.89 -16.27
CA LEU C 313 -2.42 46.16 -15.30
C LEU C 313 -3.12 44.97 -15.94
N ALA C 314 -3.67 45.16 -17.14
CA ALA C 314 -4.33 44.08 -17.84
C ALA C 314 -3.35 43.04 -18.35
N GLU C 315 -2.10 43.43 -18.62
CA GLU C 315 -1.11 42.44 -19.05
C GLU C 315 -0.59 41.63 -17.87
N ILE C 316 -0.46 42.26 -16.70
CA ILE C 316 -0.16 41.50 -15.49
C ILE C 316 -1.29 40.53 -15.18
N SER C 317 -2.53 41.00 -15.25
CA SER C 317 -3.66 40.13 -15.01
C SER C 317 -3.74 39.02 -16.06
N ASP C 318 -3.51 39.37 -17.32
CA ASP C 318 -3.53 38.35 -18.37
C ASP C 318 -2.41 37.33 -18.20
N SER C 319 -1.23 37.78 -17.75
CA SER C 319 -0.13 36.84 -17.54
C SER C 319 -0.45 35.86 -16.42
N LEU C 320 -1.21 36.29 -15.41
CA LEU C 320 -1.58 35.39 -14.33
C LEU C 320 -2.58 34.35 -14.81
N LYS C 321 -3.55 34.76 -15.59
CA LYS C 321 -4.57 33.86 -16.11
C LYS C 321 -4.15 33.14 -17.37
N SER C 322 -3.00 33.48 -17.95
CA SER C 322 -2.55 32.82 -19.17
C SER C 322 -2.30 31.35 -18.91
N ARG C 323 -1.72 31.01 -17.78
CA ARG C 323 -1.49 29.63 -17.38
C ARG C 323 -2.12 29.40 -16.01
N PHE C 324 -2.25 28.13 -15.66
CA PHE C 324 -2.71 27.74 -14.34
C PHE C 324 -1.63 26.90 -13.68
N SER C 325 -1.38 27.20 -12.41
CA SER C 325 -0.42 26.42 -11.63
C SER C 325 -0.96 25.01 -11.44
N LEU C 326 -0.07 24.04 -11.59
CA LEU C 326 -0.41 22.65 -11.33
C LEU C 326 0.36 22.19 -10.09
N ARG C 327 -0.35 21.62 -9.13
CA ARG C 327 0.31 21.12 -7.94
C ARG C 327 1.22 19.96 -8.31
N LEU C 328 2.28 19.79 -7.52
CA LEU C 328 3.29 18.79 -7.85
C LEU C 328 2.69 17.39 -7.85
N SER C 329 1.78 17.11 -6.92
CA SER C 329 1.12 15.81 -6.91
C SER C 329 0.35 15.57 -8.20
N ASP C 330 -0.36 16.59 -8.70
CA ASP C 330 -1.03 16.47 -9.98
C ASP C 330 -0.03 16.40 -11.13
N MET C 331 1.11 17.08 -11.00
CA MET C 331 2.12 17.04 -12.05
C MET C 331 2.76 15.66 -12.15
N GLU C 332 2.90 15.00 -11.00
CA GLU C 332 3.48 13.64 -10.92
C GLU C 332 2.40 12.62 -11.29
N LYS C 333 1.14 12.96 -11.12
CA LYS C 333 0.06 11.99 -11.40
C LYS C 333 -0.44 12.12 -12.83
N MET C 334 0.23 12.90 -13.68
CA MET C 334 -0.16 13.12 -15.09
C MET C 334 -0.19 11.78 -15.82
N ASP C 339 1.80 10.68 -27.62
CA ASP C 339 1.97 11.47 -26.41
C ASP C 339 3.13 12.46 -26.55
N GLU C 340 2.93 13.48 -27.38
CA GLU C 340 3.93 14.53 -27.50
C GLU C 340 4.01 15.36 -26.24
N SER C 341 2.87 15.64 -25.61
CA SER C 341 2.85 16.44 -24.39
C SER C 341 3.52 15.72 -23.23
N ASN C 342 3.50 14.39 -23.22
CA ASN C 342 4.16 13.64 -22.15
C ASN C 342 5.65 13.95 -22.09
N HIS C 343 6.28 14.14 -23.26
CA HIS C 343 7.68 14.53 -23.28
C HIS C 343 7.87 15.93 -22.72
N GLU C 344 7.06 16.89 -23.17
CA GLU C 344 7.20 18.27 -22.73
C GLU C 344 6.84 18.44 -21.27
N PHE C 345 5.89 17.65 -20.78
CA PHE C 345 5.59 17.66 -19.35
C PHE C 345 6.75 17.09 -18.53
N LYS C 346 7.33 15.98 -18.99
CA LYS C 346 8.43 15.39 -18.25
C LYS C 346 9.65 16.30 -18.28
N LYS C 347 9.90 16.99 -19.40
CA LYS C 347 10.95 17.99 -19.44
C LYS C 347 10.70 19.09 -18.44
N PHE C 348 9.47 19.61 -18.38
CA PHE C 348 9.15 20.73 -17.51
C PHE C 348 9.13 20.31 -16.05
N LEU C 349 8.53 19.16 -15.76
CA LEU C 349 8.48 18.69 -14.37
C LEU C 349 9.88 18.39 -13.86
N ASP C 350 10.71 17.73 -14.66
CA ASP C 350 12.09 17.45 -14.26
C ASP C 350 12.89 18.73 -14.10
N LYS C 351 12.72 19.69 -15.01
CA LYS C 351 13.45 20.95 -14.92
C LYS C 351 13.07 21.71 -13.65
N CYS C 352 11.78 21.75 -13.33
CA CYS C 352 11.33 22.47 -12.15
C CYS C 352 11.77 21.78 -10.86
N VAL C 353 11.66 20.45 -10.81
CA VAL C 353 12.07 19.72 -9.62
C VAL C 353 13.58 19.86 -9.40
N THR C 354 14.36 19.79 -10.48
CA THR C 354 15.80 19.98 -10.37
C THR C 354 16.13 21.37 -9.85
N ALA C 355 15.50 22.41 -10.39
CA ALA C 355 15.77 23.76 -9.97
C ALA C 355 15.31 24.03 -8.55
N TYR C 356 14.37 23.25 -8.05
CA TYR C 356 13.97 23.38 -6.66
C TYR C 356 15.14 23.04 -5.74
N GLN C 357 15.76 21.89 -5.98
CA GLN C 357 16.84 21.42 -5.13
C GLN C 357 18.18 22.04 -5.47
N ASP C 358 18.29 22.69 -6.63
CA ASP C 358 19.55 23.34 -7.00
C ASP C 358 19.82 24.57 -6.14
N GLY C 359 18.77 25.24 -5.67
CA GLY C 359 18.98 26.43 -4.86
C GLY C 359 19.56 26.14 -3.51
N TYR C 360 19.38 24.92 -3.00
CA TYR C 360 19.86 24.55 -1.69
C TYR C 360 21.20 23.84 -1.72
N VAL C 361 21.70 23.48 -2.90
CA VAL C 361 22.97 22.78 -3.01
C VAL C 361 23.97 23.61 -3.81
N LEU C 391 -1.30 37.38 -28.78
CA LEU C 391 -2.17 38.45 -29.24
C LEU C 391 -2.02 39.68 -28.38
N GLU C 392 -1.97 40.85 -29.01
CA GLU C 392 -1.76 42.09 -28.30
C GLU C 392 -3.04 42.52 -27.59
N LEU C 393 -2.87 43.12 -26.41
CA LEU C 393 -4.01 43.50 -25.58
C LEU C 393 -4.97 44.43 -26.30
N THR C 394 -4.49 45.22 -27.25
CA THR C 394 -5.30 46.19 -27.96
C THR C 394 -5.77 45.69 -29.32
N GLN C 395 -5.56 44.41 -29.62
CA GLN C 395 -6.01 43.81 -30.87
C GLN C 395 -7.46 43.36 -30.81
N VAL C 396 -8.27 43.98 -29.97
CA VAL C 396 -9.68 43.62 -29.89
C VAL C 396 -10.41 44.18 -31.11
N PRO C 397 -11.36 43.45 -31.70
CA PRO C 397 -12.10 43.99 -32.84
C PRO C 397 -12.81 45.28 -32.50
N GLU C 398 -13.03 46.08 -33.54
CA GLU C 398 -13.70 47.36 -33.38
C GLU C 398 -15.10 47.15 -32.85
N GLY C 399 -15.59 48.10 -32.05
CA GLY C 399 -16.92 47.98 -31.51
C GLY C 399 -17.03 47.09 -30.30
N TRP C 400 -15.92 46.53 -29.83
CA TRP C 400 -15.88 45.66 -28.66
C TRP C 400 -15.28 46.39 -27.48
N VAL C 401 -15.53 45.84 -26.30
CA VAL C 401 -14.93 46.30 -25.05
C VAL C 401 -14.46 45.07 -24.29
N VAL C 402 -13.23 45.10 -23.80
CA VAL C 402 -12.66 43.98 -23.05
C VAL C 402 -12.53 44.39 -21.60
N VAL C 403 -13.20 43.65 -20.73
CA VAL C 403 -13.11 43.86 -19.29
C VAL C 403 -12.18 42.79 -18.75
N HIS C 404 -11.00 43.21 -18.31
CA HIS C 404 -10.06 42.33 -17.63
C HIS C 404 -10.32 42.43 -16.14
N PHE C 405 -10.62 41.31 -15.52
CA PHE C 405 -10.81 41.30 -14.08
C PHE C 405 -9.55 40.77 -13.40
N TYR C 406 -9.21 41.39 -12.28
CA TYR C 406 -8.11 40.92 -11.46
C TYR C 406 -8.55 40.99 -10.01
N LEU C 407 -8.48 39.87 -9.30
CA LEU C 407 -8.74 39.85 -7.86
C LEU C 407 -7.40 39.91 -7.15
N ASN C 408 -7.11 41.06 -6.58
CA ASN C 408 -5.98 41.17 -5.67
C ASN C 408 -6.31 40.53 -4.34
N LYS C 409 -5.41 39.71 -3.83
CA LYS C 409 -5.51 39.22 -2.46
C LYS C 409 -4.69 40.03 -1.49
N LEU C 410 -3.61 40.65 -1.95
CA LEU C 410 -2.80 41.48 -1.07
C LEU C 410 -3.62 42.62 -0.50
N GLU C 411 -4.38 43.29 -1.35
CA GLU C 411 -5.47 44.16 -0.95
C GLU C 411 -6.78 43.39 -1.11
N GLY C 412 -7.83 43.88 -0.48
CA GLY C 412 -9.06 43.14 -0.59
C GLY C 412 -9.85 43.38 -1.86
N MET C 413 -9.31 44.18 -2.78
CA MET C 413 -10.06 44.68 -3.91
C MET C 413 -9.93 43.75 -5.11
N GLY C 414 -11.02 43.61 -5.84
CA GLY C 414 -10.97 43.15 -7.21
C GLY C 414 -10.84 44.36 -8.11
N ASN C 415 -10.21 44.17 -9.26
CA ASN C 415 -9.96 45.26 -10.19
C ASN C 415 -10.48 44.88 -11.57
N ALA C 416 -11.25 45.78 -12.17
CA ALA C 416 -11.80 45.58 -13.50
C ALA C 416 -11.10 46.52 -14.47
N ILE C 417 -10.27 45.97 -15.33
CA ILE C 417 -9.51 46.74 -16.31
C ILE C 417 -10.26 46.65 -17.63
N VAL C 418 -10.89 47.74 -18.04
CA VAL C 418 -11.66 47.75 -19.27
C VAL C 418 -10.84 48.43 -20.35
N PHE C 419 -11.02 47.98 -21.59
CA PHE C 419 -10.40 48.59 -22.75
C PHE C 419 -11.45 48.84 -23.81
N ASP C 420 -11.77 50.11 -24.02
CA ASP C 420 -12.65 50.51 -25.11
C ASP C 420 -11.85 50.61 -26.40
N LYS C 421 -12.15 49.74 -27.36
CA LYS C 421 -11.43 49.77 -28.62
C LYS C 421 -11.72 51.04 -29.41
N CYS C 422 -12.95 51.55 -29.36
CA CYS C 422 -13.28 52.78 -30.06
C CYS C 422 -12.53 53.98 -29.51
N ALA C 423 -12.53 54.14 -28.19
CA ALA C 423 -11.86 55.26 -27.58
C ALA C 423 -10.37 55.01 -27.43
N ASN C 424 -9.93 53.77 -27.67
CA ASN C 424 -8.57 53.34 -27.33
C ASN C 424 -8.24 53.73 -25.90
N SER C 425 -9.22 53.57 -25.00
CA SER C 425 -9.14 54.07 -23.65
C SER C 425 -8.93 52.91 -22.68
N TRP C 426 -8.01 53.08 -21.75
CA TRP C 426 -7.83 52.14 -20.66
C TRP C 426 -8.28 52.82 -19.38
N GLN C 427 -9.23 52.22 -18.69
CA GLN C 427 -9.62 52.70 -17.38
C GLN C 427 -9.93 51.49 -16.52
N TYR C 428 -9.84 51.68 -15.21
CA TYR C 428 -10.01 50.57 -14.29
C TYR C 428 -10.82 51.04 -13.10
N LYS C 429 -11.58 50.12 -12.53
CA LYS C 429 -12.34 50.35 -11.32
C LYS C 429 -12.11 49.20 -10.36
N GLU C 430 -12.00 49.53 -9.09
CA GLU C 430 -11.83 48.54 -8.04
C GLU C 430 -13.17 48.22 -7.41
N PHE C 431 -13.36 46.97 -7.03
CA PHE C 431 -14.59 46.54 -6.38
C PHE C 431 -14.26 45.58 -5.24
N GLN C 432 -15.18 45.48 -4.31
CA GLN C 432 -15.07 44.53 -3.21
C GLN C 432 -15.64 43.19 -3.67
N TYR C 433 -14.84 42.13 -3.55
CA TYR C 433 -15.31 40.81 -3.93
C TYR C 433 -15.61 39.89 -2.75
N LYS C 434 -15.30 40.31 -1.53
CA LYS C 434 -15.49 39.43 -0.38
C LYS C 434 -16.97 39.19 -0.12
N GLU C 435 -17.77 40.25 -0.10
CA GLU C 435 -19.21 40.09 0.05
C GLU C 435 -19.81 39.37 -1.15
N LEU C 436 -19.33 39.69 -2.35
CA LEU C 436 -19.79 39.01 -3.56
C LEU C 436 -19.42 37.53 -3.55
N PHE C 437 -18.23 37.19 -3.05
CA PHE C 437 -17.81 35.80 -2.97
C PHE C 437 -18.73 34.99 -2.07
N GLU C 438 -19.16 35.57 -0.94
CA GLU C 438 -20.10 34.88 -0.06
C GLU C 438 -21.44 34.66 -0.74
N VAL C 439 -21.90 35.63 -1.52
CA VAL C 439 -23.15 35.45 -2.25
C VAL C 439 -23.00 34.41 -3.35
N PHE C 440 -21.83 34.32 -3.96
CA PHE C 440 -21.57 33.24 -4.91
C PHE C 440 -21.50 31.90 -4.19
N LEU C 441 -20.80 31.85 -3.05
CA LEU C 441 -20.74 30.62 -2.28
C LEU C 441 -22.11 30.20 -1.80
N THR C 442 -22.97 31.16 -1.46
CA THR C 442 -24.34 30.85 -1.13
C THR C 442 -25.06 30.26 -2.33
N TRP C 443 -24.86 30.84 -3.51
CA TRP C 443 -25.45 30.28 -4.72
C TRP C 443 -24.86 28.92 -5.03
N GLN C 444 -23.54 28.78 -4.94
CA GLN C 444 -22.89 27.52 -5.27
C GLN C 444 -23.29 26.42 -4.31
N ALA C 445 -23.38 26.73 -3.02
CA ALA C 445 -23.85 25.75 -2.04
C ALA C 445 -25.31 25.38 -2.30
N ASN C 446 -26.13 26.38 -2.63
CA ASN C 446 -27.54 26.12 -2.86
C ASN C 446 -27.77 25.44 -4.19
N TYR C 447 -27.02 25.85 -5.22
CA TYR C 447 -27.15 25.19 -6.52
C TYR C 447 -26.74 23.73 -6.43
N ASN C 448 -25.63 23.45 -5.77
CA ASN C 448 -25.14 22.08 -5.70
C ASN C 448 -26.10 21.18 -4.95
N LEU C 449 -27.00 21.75 -4.18
CA LEU C 449 -27.99 20.96 -3.45
C LEU C 449 -29.28 20.96 -4.24
N TYR C 450 -29.79 22.12 -4.62
CA TYR C 450 -31.13 22.24 -5.23
C TYR C 450 -31.11 22.51 -6.72
N LYS C 451 -29.96 22.71 -7.36
CA LYS C 451 -29.92 22.93 -8.83
C LYS C 451 -30.89 24.05 -9.19
N GLU C 452 -31.85 23.78 -10.05
CA GLU C 452 -32.79 24.79 -10.56
C GLU C 452 -33.51 25.53 -9.45
N ASN C 453 -33.83 24.83 -8.38
CA ASN C 453 -34.55 25.41 -7.25
C ASN C 453 -33.73 26.45 -6.52
N ALA C 454 -32.43 26.54 -6.78
CA ALA C 454 -31.59 27.59 -6.24
C ALA C 454 -31.61 28.85 -7.10
N ALA C 455 -32.59 28.98 -7.99
CA ALA C 455 -32.66 30.14 -8.88
C ALA C 455 -32.84 31.44 -8.10
N GLU C 456 -33.41 31.35 -6.90
CA GLU C 456 -33.48 32.53 -6.04
C GLU C 456 -32.09 32.98 -5.62
N HIS C 457 -31.21 32.03 -5.31
CA HIS C 457 -29.84 32.37 -4.92
C HIS C 457 -29.01 32.81 -6.11
N LEU C 458 -29.43 32.46 -7.32
CA LEU C 458 -28.78 33.00 -8.52
C LEU C 458 -29.17 34.45 -8.75
N VAL C 459 -30.42 34.80 -8.47
CA VAL C 459 -30.86 36.18 -8.66
C VAL C 459 -30.14 37.11 -7.70
N THR C 460 -29.98 36.72 -6.44
CA THR C 460 -29.25 37.58 -5.53
C THR C 460 -27.78 37.65 -5.87
N LEU C 461 -27.20 36.58 -6.42
CA LEU C 461 -25.83 36.64 -6.90
C LEU C 461 -25.72 37.57 -8.09
N CYS C 462 -26.66 37.48 -9.01
CA CYS C 462 -26.69 38.40 -10.15
C CYS C 462 -26.97 39.82 -9.73
N LYS C 463 -27.81 40.00 -8.70
CA LYS C 463 -28.00 41.31 -8.11
C LYS C 463 -26.76 41.78 -7.36
N LYS C 464 -25.96 40.84 -6.84
CA LYS C 464 -24.72 41.21 -6.18
C LYS C 464 -23.64 41.58 -7.17
N ILE C 465 -23.62 40.96 -8.35
CA ILE C 465 -22.64 41.33 -9.36
C ILE C 465 -22.91 42.75 -9.85
N GLY C 466 -24.18 43.12 -9.98
CA GLY C 466 -24.51 44.48 -10.36
C GLY C 466 -24.34 45.50 -9.26
N GLU C 467 -24.32 45.05 -8.00
CA GLU C 467 -24.14 45.96 -6.88
C GLU C 467 -22.67 46.10 -6.51
N THR C 468 -21.92 44.99 -6.53
CA THR C 468 -20.49 45.07 -6.28
C THR C 468 -19.73 45.63 -7.47
N MET C 469 -20.28 45.50 -8.68
CA MET C 469 -19.66 46.01 -9.90
C MET C 469 -20.64 46.98 -10.55
N PRO C 470 -20.86 48.15 -9.96
CA PRO C 470 -21.76 49.12 -10.59
C PRO C 470 -21.24 49.64 -11.92
N PHE C 471 -19.93 49.57 -12.15
CA PHE C 471 -19.33 50.08 -13.37
C PHE C 471 -19.70 49.26 -14.59
N LEU C 472 -20.20 48.04 -14.42
CA LEU C 472 -20.70 47.28 -15.55
C LEU C 472 -21.86 48.01 -16.21
N PHE C 473 -22.65 48.72 -15.42
CA PHE C 473 -23.80 49.46 -15.91
C PHE C 473 -23.57 50.96 -15.98
N CYS C 474 -22.35 51.41 -15.72
CA CYS C 474 -21.98 52.80 -15.96
C CYS C 474 -21.55 52.95 -17.41
N ASP C 475 -22.02 54.02 -18.05
CA ASP C 475 -21.71 54.22 -19.46
C ASP C 475 -20.26 54.59 -19.69
N ASN C 476 -19.63 55.26 -18.73
CA ASN C 476 -18.23 55.64 -18.89
C ASN C 476 -17.33 54.42 -18.90
N PHE C 477 -17.55 53.49 -17.97
CA PHE C 477 -16.72 52.29 -17.90
C PHE C 477 -16.99 51.37 -19.07
N ILE C 478 -18.27 51.09 -19.34
CA ILE C 478 -18.66 50.21 -20.43
C ILE C 478 -19.75 50.92 -21.22
N PRO C 479 -19.52 51.28 -22.48
CA PRO C 479 -20.53 52.03 -23.22
C PRO C 479 -21.76 51.19 -23.55
N ASN C 480 -22.79 51.81 -24.13
CA ASN C 480 -24.09 51.18 -24.25
C ASN C 480 -24.07 50.04 -25.27
N GLY C 481 -23.78 50.35 -26.52
CA GLY C 481 -23.92 49.37 -27.57
C GLY C 481 -22.74 48.46 -27.79
N LYS C 482 -21.75 48.50 -26.91
CA LYS C 482 -20.51 47.79 -27.16
C LYS C 482 -20.63 46.33 -26.74
N ASP C 483 -20.17 45.44 -27.61
CA ASP C 483 -19.98 44.05 -27.23
C ASP C 483 -18.86 43.96 -26.20
N VAL C 484 -19.09 43.15 -25.18
CA VAL C 484 -18.19 43.08 -24.03
C VAL C 484 -17.54 41.72 -24.00
N LEU C 485 -16.21 41.70 -23.95
CA LEU C 485 -15.47 40.48 -23.72
C LEU C 485 -15.04 40.48 -22.26
N PHE C 486 -15.56 39.51 -21.50
CA PHE C 486 -15.23 39.39 -20.11
C PHE C 486 -14.02 38.48 -19.95
N VAL C 487 -12.99 38.97 -19.29
CA VAL C 487 -11.84 38.14 -18.94
C VAL C 487 -11.79 38.08 -17.42
N PRO C 488 -12.61 37.25 -16.79
CA PRO C 488 -12.70 37.25 -15.32
C PRO C 488 -11.49 36.58 -14.69
N HIS C 489 -11.48 36.60 -13.36
CA HIS C 489 -10.35 36.10 -12.59
C HIS C 489 -10.87 35.40 -11.36
N ASP C 490 -10.29 34.25 -11.04
CA ASP C 490 -10.61 33.48 -9.83
C ASP C 490 -12.10 33.16 -9.87
N PHE C 491 -12.85 33.35 -8.79
CA PHE C 491 -14.24 32.92 -8.75
C PHE C 491 -15.13 33.74 -9.68
N LEU C 492 -14.63 34.82 -10.26
CA LEU C 492 -15.40 35.56 -11.25
C LEU C 492 -15.57 34.78 -12.54
N HIS C 493 -14.82 33.69 -12.71
CA HIS C 493 -15.06 32.82 -13.86
C HIS C 493 -16.38 32.10 -13.73
N ARG C 494 -16.81 31.84 -12.50
CA ARG C 494 -18.07 31.17 -12.22
C ARG C 494 -19.22 32.15 -12.08
N LEU C 495 -18.99 33.40 -12.32
CA LEU C 495 -19.99 34.45 -12.16
C LEU C 495 -20.67 34.74 -13.48
N PRO C 496 -21.99 34.64 -13.55
CA PRO C 496 -22.69 35.06 -14.77
C PRO C 496 -22.72 36.57 -14.91
N LEU C 497 -21.59 37.17 -15.31
CA LEU C 497 -21.52 38.62 -15.42
C LEU C 497 -22.46 39.16 -16.48
N HIS C 498 -22.78 38.33 -17.49
CA HIS C 498 -23.79 38.72 -18.47
C HIS C 498 -25.17 38.84 -17.83
N GLY C 499 -25.43 38.05 -16.80
CA GLY C 499 -26.71 38.04 -16.12
C GLY C 499 -26.81 38.96 -14.93
N SER C 500 -25.83 39.85 -14.74
CA SER C 500 -25.83 40.75 -13.60
C SER C 500 -26.95 41.79 -13.72
N ILE C 501 -27.47 42.19 -12.57
CA ILE C 501 -28.57 43.13 -12.47
C ILE C 501 -28.10 44.35 -11.71
N GLU C 502 -28.26 45.53 -12.29
CA GLU C 502 -27.74 46.74 -11.66
C GLU C 502 -28.51 47.07 -10.39
N ASN C 503 -27.80 47.65 -9.43
CA ASN C 503 -28.36 48.01 -8.13
C ASN C 503 -29.29 49.21 -8.29
N LYS C 504 -30.46 48.95 -8.85
CA LYS C 504 -31.51 49.95 -8.96
C LYS C 504 -32.84 49.25 -9.14
N THR C 505 -33.92 50.00 -8.88
CA THR C 505 -35.26 49.44 -9.03
C THR C 505 -35.50 49.04 -10.48
N ASN C 506 -36.05 47.85 -10.66
CA ASN C 506 -36.30 47.28 -11.99
C ASN C 506 -35.01 47.27 -12.81
N GLY C 507 -33.93 46.88 -12.15
CA GLY C 507 -32.64 46.84 -12.80
C GLY C 507 -32.65 45.90 -13.98
N LYS C 508 -32.09 46.34 -15.10
CA LYS C 508 -32.05 45.51 -16.29
C LYS C 508 -30.84 44.59 -16.25
N LEU C 509 -30.90 43.54 -17.07
CA LEU C 509 -29.80 42.62 -17.18
C LEU C 509 -28.66 43.25 -17.97
N PHE C 510 -27.44 42.79 -17.68
CA PHE C 510 -26.29 43.26 -18.44
C PHE C 510 -26.41 42.84 -19.90
N LEU C 511 -26.87 41.61 -20.15
CA LEU C 511 -26.97 41.10 -21.52
C LEU C 511 -28.03 41.80 -22.35
N GLU C 512 -28.91 42.57 -21.73
CA GLU C 512 -29.92 43.28 -22.51
C GLU C 512 -29.33 44.44 -23.31
N ASN C 513 -28.16 44.93 -22.93
CA ASN C 513 -27.49 45.99 -23.65
C ASN C 513 -26.22 45.54 -24.36
N HIS C 514 -25.46 44.62 -23.78
CA HIS C 514 -24.20 44.19 -24.36
C HIS C 514 -24.23 42.69 -24.64
N SER C 515 -23.71 42.33 -25.81
CA SER C 515 -23.43 40.95 -26.17
C SER C 515 -22.14 40.54 -25.48
N CYS C 516 -22.25 39.62 -24.53
CA CYS C 516 -21.13 39.28 -23.67
C CYS C 516 -20.44 38.03 -24.20
N CYS C 517 -19.11 38.07 -24.21
CA CYS C 517 -18.30 36.91 -24.46
C CYS C 517 -17.40 36.73 -23.26
N TYR C 518 -16.82 35.55 -23.12
CA TYR C 518 -15.96 35.25 -21.98
C TYR C 518 -14.66 34.64 -22.47
N LEU C 519 -13.61 34.82 -21.68
CA LEU C 519 -12.31 34.26 -21.96
C LEU C 519 -11.69 33.90 -20.61
N PRO C 520 -11.08 32.72 -20.49
CA PRO C 520 -10.29 32.45 -19.28
C PRO C 520 -9.13 33.41 -19.11
N ALA C 521 -8.53 33.81 -20.22
CA ALA C 521 -7.50 34.84 -20.26
C ALA C 521 -7.53 35.45 -21.64
N TRP C 522 -6.94 36.64 -21.75
CA TRP C 522 -6.83 37.28 -23.06
C TRP C 522 -5.97 36.47 -24.02
N SER C 523 -5.02 35.70 -23.49
CA SER C 523 -4.12 34.92 -24.33
C SER C 523 -4.83 33.76 -25.02
N PHE C 524 -6.09 33.49 -24.67
CA PHE C 524 -6.88 32.48 -25.34
C PHE C 524 -7.67 33.05 -26.51
N ALA C 525 -7.61 34.35 -26.74
CA ALA C 525 -8.20 34.94 -27.93
C ALA C 525 -7.45 34.47 -29.17
N SER C 526 -8.19 34.19 -30.23
CA SER C 526 -7.63 33.63 -31.44
C SER C 526 -7.93 34.52 -32.64
N GLU C 527 -7.22 34.26 -33.73
CA GLU C 527 -7.46 34.91 -35.01
C GLU C 527 -7.86 33.84 -36.02
N LYS C 528 -8.98 34.06 -36.69
CA LYS C 528 -9.46 33.14 -37.72
C LYS C 528 -10.23 33.88 -38.80
N THR C 532 -13.12 27.70 -42.31
CA THR C 532 -14.04 26.81 -41.63
C THR C 532 -15.05 26.22 -42.61
N SER C 533 -15.62 25.08 -42.26
CA SER C 533 -16.55 24.37 -43.12
C SER C 533 -17.96 24.93 -42.94
N ASP C 534 -18.96 24.24 -43.48
CA ASP C 534 -20.36 24.54 -43.26
C ASP C 534 -21.09 23.30 -42.76
N GLU C 535 -20.34 22.39 -42.15
CA GLU C 535 -20.86 21.14 -41.65
C GLU C 535 -21.19 21.26 -40.17
N TYR C 536 -22.29 20.64 -39.76
CA TYR C 536 -22.73 20.63 -38.36
C TYR C 536 -22.56 19.20 -37.83
N VAL C 537 -21.80 19.07 -36.74
CA VAL C 537 -21.48 17.77 -36.18
C VAL C 537 -22.11 17.66 -34.80
N LEU C 538 -22.79 16.55 -34.55
CA LEU C 538 -23.39 16.24 -33.26
C LEU C 538 -22.69 15.03 -32.66
N LEU C 539 -21.98 15.24 -31.56
CA LEU C 539 -21.32 14.17 -30.83
C LEU C 539 -22.08 13.98 -29.53
N LYS C 540 -22.93 12.96 -29.47
CA LYS C 540 -23.80 12.73 -28.33
C LYS C 540 -23.40 11.46 -27.60
N ASN C 541 -23.18 11.57 -26.30
CA ASN C 541 -22.99 10.42 -25.43
C ASN C 541 -23.85 10.60 -24.18
N PHE C 542 -25.06 11.11 -24.39
CA PHE C 542 -25.96 11.51 -23.32
C PHE C 542 -26.98 10.41 -23.05
N ASP C 543 -27.73 10.59 -21.96
CA ASP C 543 -28.79 9.64 -21.61
C ASP C 543 -29.88 9.66 -22.67
N GLN C 544 -30.60 8.54 -22.81
CA GLN C 544 -31.52 8.39 -23.94
C GLN C 544 -32.69 9.36 -23.86
N GLY C 545 -33.13 9.71 -22.65
CA GLY C 545 -34.34 10.49 -22.51
C GLY C 545 -34.27 11.87 -23.12
N HIS C 546 -33.05 12.38 -23.31
CA HIS C 546 -32.84 13.76 -23.73
C HIS C 546 -32.21 13.82 -25.11
N PHE C 547 -32.63 14.82 -25.89
CA PHE C 547 -32.12 15.17 -27.21
C PHE C 547 -32.49 14.14 -28.27
N GLU C 548 -33.51 13.30 -28.04
CA GLU C 548 -33.94 12.36 -29.07
C GLU C 548 -34.45 13.08 -30.30
N THR C 549 -35.26 14.13 -30.11
CA THR C 549 -35.75 14.91 -31.25
C THR C 549 -34.60 15.64 -31.93
N LEU C 550 -33.66 16.17 -31.15
CA LEU C 550 -32.53 16.91 -31.73
C LEU C 550 -31.65 16.00 -32.57
N GLN C 551 -31.57 14.71 -32.21
CA GLN C 551 -30.84 13.74 -33.02
C GLN C 551 -31.33 13.75 -34.45
N ASN C 552 -32.64 13.72 -34.65
CA ASN C 552 -33.22 13.51 -35.96
C ASN C 552 -33.16 14.76 -36.84
N ASN C 553 -32.54 15.83 -36.36
CA ASN C 553 -32.33 17.01 -37.20
C ASN C 553 -31.54 16.62 -38.44
N GLN C 554 -32.01 17.08 -39.59
CA GLN C 554 -31.38 16.69 -40.85
C GLN C 554 -30.05 17.41 -41.04
N ILE C 555 -29.88 18.56 -40.39
CA ILE C 555 -28.70 19.40 -40.63
C ILE C 555 -27.44 18.72 -40.11
N TRP C 556 -27.58 17.77 -39.20
CA TRP C 556 -26.42 17.08 -38.65
C TRP C 556 -25.68 16.31 -39.74
N GLY C 557 -24.38 16.51 -39.82
CA GLY C 557 -23.58 15.99 -40.90
C GLY C 557 -23.27 14.51 -40.74
N THR C 558 -22.45 14.00 -41.66
CA THR C 558 -22.05 12.61 -41.67
C THR C 558 -20.98 12.29 -40.65
N GLN C 559 -20.28 13.30 -40.14
CA GLN C 559 -19.33 13.12 -39.05
C GLN C 559 -20.02 13.05 -37.70
N SER C 560 -21.33 13.28 -37.66
CA SER C 560 -22.08 13.32 -36.42
C SER C 560 -22.27 11.91 -35.90
N VAL C 561 -21.81 11.66 -34.67
CA VAL C 561 -22.11 10.42 -33.98
C VAL C 561 -23.24 10.70 -33.02
N LYS C 562 -24.47 10.49 -33.47
CA LYS C 562 -25.64 11.05 -32.81
C LYS C 562 -26.05 10.24 -31.58
N ASP C 563 -25.33 9.16 -31.30
CA ASP C 563 -25.59 8.40 -30.08
C ASP C 563 -24.37 7.59 -29.67
N GLY C 564 -23.99 7.67 -28.40
CA GLY C 564 -22.81 6.96 -27.93
C GLY C 564 -21.52 7.41 -28.54
N ALA C 565 -21.34 8.71 -28.73
CA ALA C 565 -20.09 9.23 -29.28
C ALA C 565 -18.94 8.99 -28.31
N SER C 566 -17.74 8.82 -28.87
CA SER C 566 -16.58 8.42 -28.11
C SER C 566 -15.49 9.48 -28.20
N SER C 567 -14.41 9.25 -27.45
CA SER C 567 -13.26 10.14 -27.53
C SER C 567 -12.67 10.16 -28.93
N ASP C 568 -12.56 8.98 -29.55
CA ASP C 568 -12.08 8.88 -30.92
C ASP C 568 -12.99 9.58 -31.91
N ASP C 569 -14.29 9.62 -31.62
CA ASP C 569 -15.24 10.31 -32.49
C ASP C 569 -14.97 11.81 -32.53
N LEU C 570 -14.64 12.40 -31.38
CA LEU C 570 -14.23 13.80 -31.33
C LEU C 570 -12.90 14.02 -32.02
N GLU C 571 -11.97 13.08 -31.85
CA GLU C 571 -10.69 13.16 -32.53
C GLU C 571 -10.84 12.94 -34.03
N ASN C 572 -11.89 12.22 -34.44
CA ASN C 572 -12.07 11.91 -35.85
C ASN C 572 -12.49 13.11 -36.67
N ILE C 573 -13.01 14.16 -36.02
CA ILE C 573 -13.41 15.36 -36.74
C ILE C 573 -12.17 16.01 -37.32
N ARG C 574 -12.22 16.33 -38.62
CA ARG C 574 -11.04 16.81 -39.31
C ARG C 574 -11.27 18.01 -40.23
N ASN C 575 -12.52 18.35 -40.56
CA ASN C 575 -12.79 19.33 -41.59
C ASN C 575 -13.16 20.70 -41.03
N ASN C 576 -12.90 20.93 -39.74
CA ASN C 576 -13.26 22.18 -39.06
C ASN C 576 -14.73 22.48 -39.24
N PRO C 577 -15.62 21.69 -38.65
CA PRO C 577 -17.05 21.89 -38.88
C PRO C 577 -17.51 23.25 -38.39
N ARG C 578 -18.52 23.79 -39.07
CA ARG C 578 -19.02 25.11 -38.74
C ARG C 578 -19.55 25.16 -37.32
N LEU C 579 -20.25 24.09 -36.91
CA LEU C 579 -20.73 23.95 -35.55
C LEU C 579 -20.46 22.51 -35.10
N LEU C 580 -19.79 22.37 -33.96
CA LEU C 580 -19.69 21.10 -33.28
C LEU C 580 -20.56 21.15 -32.02
N THR C 581 -21.43 20.16 -31.86
CA THR C 581 -22.33 20.09 -30.71
C THR C 581 -22.01 18.81 -29.95
N ILE C 582 -21.31 18.93 -28.83
CA ILE C 582 -21.00 17.78 -27.99
C ILE C 582 -21.99 17.75 -26.83
N LEU C 583 -22.95 16.84 -26.90
CA LEU C 583 -23.85 16.57 -25.79
C LEU C 583 -23.37 15.33 -25.06
N CYS C 584 -22.59 15.54 -24.01
CA CYS C 584 -22.18 14.46 -23.13
C CYS C 584 -22.26 14.98 -21.71
N HIS C 585 -21.89 14.14 -20.77
CA HIS C 585 -21.77 14.55 -19.39
C HIS C 585 -20.35 15.07 -19.17
N GLY C 586 -20.18 15.88 -18.14
CA GLY C 586 -18.88 16.37 -17.78
C GLY C 586 -18.49 15.82 -16.43
N GLU C 587 -17.20 15.58 -16.27
CA GLU C 587 -16.67 15.24 -14.97
C GLU C 587 -15.36 16.00 -14.77
N ALA C 588 -15.16 16.46 -13.55
CA ALA C 588 -14.06 17.35 -13.21
C ALA C 588 -13.09 16.64 -12.30
N ASN C 589 -11.82 16.70 -12.66
CA ASN C 589 -10.76 16.35 -11.72
C ASN C 589 -10.56 17.53 -10.79
N MET C 590 -10.76 17.32 -9.49
CA MET C 590 -10.77 18.43 -8.55
C MET C 590 -9.41 19.08 -8.37
N SER C 591 -8.33 18.48 -8.87
CA SER C 591 -7.02 19.06 -8.66
C SER C 591 -6.30 19.30 -9.98
N ASN C 592 -6.61 18.50 -11.00
CA ASN C 592 -5.94 18.58 -12.29
C ASN C 592 -6.91 19.07 -13.36
N PRO C 593 -6.79 20.30 -13.85
CA PRO C 593 -7.64 20.73 -14.97
C PRO C 593 -7.46 19.86 -16.20
N PHE C 594 -6.25 19.33 -16.37
CA PHE C 594 -5.91 18.47 -17.49
C PHE C 594 -6.68 17.16 -17.48
N ARG C 595 -7.12 16.68 -16.32
CA ARG C 595 -7.78 15.40 -16.20
C ARG C 595 -9.29 15.51 -16.12
N SER C 596 -9.84 16.73 -16.17
CA SER C 596 -11.28 16.93 -16.27
C SER C 596 -11.69 16.56 -17.69
N MET C 597 -12.76 15.79 -17.80
CA MET C 597 -13.07 15.11 -19.04
C MET C 597 -14.52 15.35 -19.45
N LEU C 598 -14.76 15.21 -20.74
CA LEU C 598 -16.10 15.09 -21.28
C LEU C 598 -16.47 13.61 -21.33
N LYS C 599 -17.56 13.26 -20.64
CA LYS C 599 -17.91 11.85 -20.44
C LYS C 599 -18.41 11.26 -21.76
N LEU C 600 -17.47 11.12 -22.69
CA LEU C 600 -17.70 10.41 -23.94
C LEU C 600 -17.45 8.92 -23.75
N ALA C 601 -17.79 8.14 -24.78
CA ALA C 601 -17.65 6.70 -24.69
C ALA C 601 -16.18 6.31 -24.79
N ASN C 602 -15.90 5.05 -24.47
CA ASN C 602 -14.53 4.51 -24.47
C ASN C 602 -13.64 5.30 -23.52
N GLY C 603 -14.18 5.64 -22.35
CA GLY C 603 -13.41 6.25 -21.29
C GLY C 603 -13.53 7.76 -21.19
N GLY C 604 -14.08 8.42 -22.19
CA GLY C 604 -14.16 9.87 -22.19
C GLY C 604 -12.87 10.51 -22.65
N ILE C 605 -12.94 11.80 -22.93
CA ILE C 605 -11.79 12.56 -23.42
C ILE C 605 -11.51 13.68 -22.44
N THR C 606 -10.26 13.76 -21.99
CA THR C 606 -9.89 14.74 -20.97
C THR C 606 -9.50 16.07 -21.61
N TYR C 607 -9.15 17.03 -20.76
CA TYR C 607 -8.61 18.30 -21.23
C TYR C 607 -7.31 18.09 -22.01
N LEU C 608 -6.43 17.22 -21.51
CA LEU C 608 -5.18 16.94 -22.21
C LEU C 608 -5.44 16.27 -23.55
N GLU C 609 -6.31 15.26 -23.57
CA GLU C 609 -6.60 14.55 -24.81
C GLU C 609 -7.18 15.47 -25.87
N ILE C 610 -7.98 16.46 -25.48
CA ILE C 610 -8.43 17.47 -26.44
C ILE C 610 -7.25 18.25 -26.98
N LEU C 611 -6.33 18.64 -26.08
CA LEU C 611 -5.17 19.41 -26.49
C LEU C 611 -4.29 18.67 -27.49
N ASN C 612 -4.06 17.38 -27.27
CA ASN C 612 -3.15 16.62 -28.11
C ASN C 612 -3.82 15.92 -29.27
N SER C 613 -5.09 15.54 -29.14
CA SER C 613 -5.70 14.61 -30.09
C SER C 613 -6.79 15.21 -30.96
N VAL C 614 -7.29 16.39 -30.65
CA VAL C 614 -8.35 17.02 -31.44
C VAL C 614 -7.71 18.12 -32.27
N LYS C 615 -7.70 17.94 -33.59
CA LYS C 615 -7.06 18.87 -34.51
C LYS C 615 -8.00 19.39 -35.59
N GLY C 616 -9.22 18.87 -35.67
CA GLY C 616 -10.12 19.26 -36.73
C GLY C 616 -11.22 20.20 -36.29
N LEU C 617 -10.89 21.12 -35.39
CA LEU C 617 -11.84 22.10 -34.87
C LEU C 617 -11.29 23.52 -35.01
N LYS C 618 -10.57 23.78 -36.09
CA LYS C 618 -9.98 25.10 -36.31
C LYS C 618 -11.07 26.07 -36.71
N GLY C 619 -11.33 27.05 -35.85
CA GLY C 619 -12.41 28.00 -36.09
C GLY C 619 -13.79 27.44 -35.89
N SER C 620 -13.90 26.25 -35.30
CA SER C 620 -15.19 25.61 -35.11
C SER C 620 -15.93 26.21 -33.94
N GLN C 621 -17.24 26.39 -34.09
CA GLN C 621 -18.09 26.80 -33.00
C GLN C 621 -18.56 25.56 -32.25
N VAL C 622 -18.32 25.53 -30.94
CA VAL C 622 -18.61 24.35 -30.12
C VAL C 622 -19.75 24.69 -29.18
N ILE C 623 -20.73 23.80 -29.12
CA ILE C 623 -21.80 23.89 -28.13
C ILE C 623 -21.62 22.72 -27.18
N LEU C 624 -21.44 23.03 -25.90
CA LEU C 624 -21.22 22.00 -24.89
C LEU C 624 -22.53 21.70 -24.19
N GLY C 625 -22.93 20.43 -24.19
CA GLY C 625 -24.04 20.00 -23.37
C GLY C 625 -23.69 19.76 -21.93
N ALA C 626 -22.39 19.74 -21.61
CA ALA C 626 -21.93 19.57 -20.25
C ALA C 626 -21.88 20.94 -19.58
N CYS C 627 -22.52 21.05 -18.41
CA CYS C 627 -22.46 22.30 -17.66
C CYS C 627 -21.06 22.53 -17.14
N GLU C 628 -20.69 23.80 -16.99
CA GLU C 628 -19.37 24.11 -16.46
C GLU C 628 -19.22 23.59 -15.03
N THR C 629 -20.31 23.55 -14.27
CA THR C 629 -20.25 23.00 -12.92
C THR C 629 -19.82 21.55 -12.91
N ASP C 630 -20.16 20.79 -13.96
CA ASP C 630 -19.67 19.44 -14.14
C ASP C 630 -18.21 19.43 -14.59
N LEU C 631 -17.84 20.37 -15.46
CA LEU C 631 -16.52 20.38 -16.06
C LEU C 631 -15.45 20.88 -15.10
N VAL C 632 -15.77 21.87 -14.27
CA VAL C 632 -14.80 22.40 -13.31
C VAL C 632 -15.29 22.06 -11.91
N PRO C 633 -14.38 21.89 -10.94
CA PRO C 633 -14.83 21.57 -9.59
C PRO C 633 -15.46 22.79 -8.95
N PRO C 634 -16.23 22.59 -7.88
CA PRO C 634 -16.73 23.72 -7.10
C PRO C 634 -15.56 24.42 -6.40
N LEU C 635 -15.82 25.63 -5.94
CA LEU C 635 -14.79 26.47 -5.36
C LEU C 635 -14.85 26.41 -3.85
N SER C 636 -13.76 25.96 -3.23
CA SER C 636 -13.57 26.03 -1.79
C SER C 636 -12.66 27.17 -1.41
N ASP C 637 -12.44 28.12 -2.31
CA ASP C 637 -11.55 29.24 -2.09
C ASP C 637 -11.84 30.29 -3.15
N VAL C 638 -11.28 31.49 -2.95
CA VAL C 638 -11.48 32.56 -3.92
C VAL C 638 -10.91 32.18 -5.28
N MET C 639 -9.76 31.49 -5.30
CA MET C 639 -9.17 31.05 -6.55
C MET C 639 -10.14 30.18 -7.34
N ASP C 640 -10.25 30.44 -8.63
CA ASP C 640 -10.75 29.47 -9.60
C ASP C 640 -9.71 29.46 -10.71
N GLU C 641 -8.69 28.65 -10.53
CA GLU C 641 -7.63 28.50 -11.51
C GLU C 641 -7.84 27.29 -12.40
N HIS C 642 -9.02 26.69 -12.32
CA HIS C 642 -9.36 25.49 -13.09
C HIS C 642 -9.92 25.89 -14.45
N TYR C 643 -9.20 25.54 -15.50
CA TYR C 643 -9.69 25.76 -16.84
C TYR C 643 -10.74 24.72 -17.19
N SER C 644 -11.84 25.18 -17.77
CA SER C 644 -12.88 24.27 -18.23
C SER C 644 -12.39 23.54 -19.48
N VAL C 645 -13.11 22.48 -19.85
CA VAL C 645 -12.78 21.76 -21.07
C VAL C 645 -13.00 22.65 -22.28
N ALA C 646 -13.80 23.72 -22.13
CA ALA C 646 -13.95 24.72 -23.18
C ALA C 646 -12.65 25.47 -23.44
N THR C 647 -11.85 25.68 -22.40
CA THR C 647 -10.55 26.31 -22.57
C THR C 647 -9.65 25.46 -23.46
N ALA C 648 -9.70 24.14 -23.29
CA ALA C 648 -8.96 23.25 -24.20
C ALA C 648 -9.49 23.35 -25.62
N LEU C 649 -10.80 23.49 -25.78
CA LEU C 649 -11.36 23.66 -27.13
C LEU C 649 -10.92 24.97 -27.76
N LEU C 650 -10.79 26.02 -26.96
CA LEU C 650 -10.24 27.27 -27.48
C LEU C 650 -8.79 27.12 -27.91
N LEU C 651 -7.99 26.39 -27.13
CA LEU C 651 -6.58 26.21 -27.45
C LEU C 651 -6.37 25.39 -28.72
N ILE C 652 -7.30 24.50 -29.05
CA ILE C 652 -7.21 23.70 -30.25
C ILE C 652 -7.91 24.36 -31.43
N GLY C 653 -8.20 25.65 -31.33
CA GLY C 653 -8.62 26.44 -32.47
C GLY C 653 -10.10 26.73 -32.60
N ALA C 654 -10.94 26.22 -31.70
CA ALA C 654 -12.36 26.50 -31.79
C ALA C 654 -12.63 28.00 -31.62
N ALA C 655 -13.47 28.55 -32.50
CA ALA C 655 -13.73 29.98 -32.47
C ALA C 655 -14.44 30.38 -31.19
N GLY C 656 -15.39 29.59 -30.75
CA GLY C 656 -16.09 29.86 -29.52
C GLY C 656 -16.77 28.63 -28.97
N VAL C 657 -16.93 28.57 -27.65
CA VAL C 657 -17.61 27.45 -27.00
C VAL C 657 -18.78 28.01 -26.22
N VAL C 658 -19.98 27.54 -26.56
CA VAL C 658 -21.20 27.92 -25.85
C VAL C 658 -21.60 26.77 -24.95
N GLY C 659 -21.84 27.07 -23.69
CA GLY C 659 -22.29 26.05 -22.77
C GLY C 659 -22.94 26.70 -21.58
N THR C 660 -23.64 25.87 -20.81
CA THR C 660 -24.26 26.34 -19.59
C THR C 660 -23.22 26.47 -18.48
N MET C 661 -23.39 27.50 -17.67
CA MET C 661 -22.55 27.70 -16.50
C MET C 661 -22.95 26.78 -15.36
N TRP C 662 -24.15 26.21 -15.39
CA TRP C 662 -24.64 25.32 -14.34
C TRP C 662 -25.63 24.37 -14.98
N LYS C 663 -26.03 23.36 -14.20
CA LYS C 663 -26.93 22.34 -14.71
C LYS C 663 -28.27 22.96 -15.10
N VAL C 664 -28.69 22.70 -16.33
CA VAL C 664 -29.92 23.22 -16.88
C VAL C 664 -30.62 22.09 -17.60
N ARG C 665 -31.95 22.04 -17.48
CA ARG C 665 -32.70 20.95 -18.10
C ARG C 665 -32.42 20.90 -19.60
N SER C 666 -32.31 19.67 -20.10
CA SER C 666 -31.83 19.44 -21.47
C SER C 666 -32.72 20.08 -22.52
N ASN C 667 -33.98 20.39 -22.18
CA ASN C 667 -34.85 21.07 -23.14
C ASN C 667 -34.31 22.44 -23.50
N LYS C 668 -33.79 23.17 -22.51
CA LYS C 668 -33.22 24.48 -22.80
C LYS C 668 -31.92 24.37 -23.59
N THR C 669 -31.08 23.39 -23.26
CA THR C 669 -29.88 23.15 -24.05
C THR C 669 -30.24 22.82 -25.49
N LYS C 670 -31.23 21.94 -25.68
CA LYS C 670 -31.70 21.63 -27.03
C LYS C 670 -32.29 22.86 -27.69
N SER C 671 -33.04 23.68 -26.94
CA SER C 671 -33.59 24.90 -27.50
C SER C 671 -32.49 25.87 -27.94
N LEU C 672 -31.36 25.87 -27.25
CA LEU C 672 -30.21 26.66 -27.70
C LEU C 672 -29.68 26.14 -29.03
N ILE C 673 -29.51 24.82 -29.13
CA ILE C 673 -28.87 24.23 -30.30
C ILE C 673 -29.73 24.43 -31.54
N GLU C 674 -31.03 24.11 -31.44
CA GLU C 674 -31.92 24.34 -32.58
C GLU C 674 -31.95 25.80 -32.99
N TRP C 675 -31.93 26.71 -32.01
CA TRP C 675 -31.81 28.13 -32.33
C TRP C 675 -30.46 28.45 -32.96
N LYS C 676 -29.40 27.75 -32.53
CA LYS C 676 -28.08 27.93 -33.12
C LYS C 676 -27.93 27.23 -34.46
N LEU C 677 -28.74 26.21 -34.73
CA LEU C 677 -28.64 25.49 -36.00
C LEU C 677 -28.93 26.40 -37.18
N GLU C 678 -29.83 27.36 -37.00
CA GLU C 678 -30.07 28.39 -38.00
C GLU C 678 -29.39 29.68 -37.55
N ASN C 679 -28.72 30.35 -38.50
CA ASN C 679 -28.01 31.60 -38.25
C ASN C 679 -27.05 31.44 -37.06
N ILE C 680 -26.04 30.61 -37.29
CA ILE C 680 -25.03 30.34 -36.26
C ILE C 680 -24.37 31.61 -35.77
N GLU C 681 -24.34 32.67 -36.58
CA GLU C 681 -23.77 33.94 -36.16
C GLU C 681 -24.71 34.75 -35.30
N TYR C 682 -25.78 34.13 -34.81
CA TYR C 682 -26.68 34.78 -33.87
C TYR C 682 -25.93 35.17 -32.60
N LYS C 683 -26.29 36.32 -32.04
CA LYS C 683 -25.74 36.73 -30.75
C LYS C 683 -26.46 35.98 -29.63
N LEU C 684 -25.68 35.44 -28.69
CA LEU C 684 -26.27 34.65 -27.61
C LEU C 684 -27.15 35.48 -26.70
N ASN C 685 -26.83 36.76 -26.49
CA ASN C 685 -27.62 37.57 -25.58
C ASN C 685 -29.00 37.86 -26.14
N GLU C 686 -29.12 37.97 -27.47
CA GLU C 686 -30.43 38.19 -28.06
C GLU C 686 -31.37 37.02 -27.82
N TRP C 687 -30.83 35.79 -27.84
CA TRP C 687 -31.63 34.63 -27.48
C TRP C 687 -32.09 34.69 -26.04
N GLN C 688 -31.19 35.05 -25.13
CA GLN C 688 -31.53 35.03 -23.70
C GLN C 688 -32.52 36.12 -23.34
N LYS C 689 -32.50 37.26 -24.05
CA LYS C 689 -33.49 38.30 -23.80
C LYS C 689 -34.89 37.84 -24.17
N GLU C 690 -35.02 37.06 -25.24
CA GLU C 690 -36.32 36.60 -25.71
C GLU C 690 -36.73 35.25 -25.15
N THR C 691 -35.87 34.60 -24.36
CA THR C 691 -36.19 33.31 -23.79
C THR C 691 -36.22 33.35 -22.26
N GLY C 692 -36.68 34.46 -21.69
CA GLY C 692 -36.88 34.56 -20.26
C GLY C 692 -35.69 35.03 -19.45
N GLY C 693 -34.60 35.42 -20.09
CA GLY C 693 -33.49 35.98 -19.34
C GLY C 693 -33.85 37.30 -18.68
N ALA C 694 -34.64 38.13 -19.36
CA ALA C 694 -35.02 39.41 -18.78
C ALA C 694 -35.96 39.26 -17.59
N ALA C 695 -36.53 38.08 -17.38
CA ALA C 695 -37.51 37.86 -16.31
C ALA C 695 -36.86 37.12 -15.14
N TYR C 696 -36.19 37.89 -14.29
CA TYR C 696 -35.69 37.35 -13.03
C TYR C 696 -36.62 37.66 -11.86
N LYS C 697 -37.43 38.72 -11.97
CA LYS C 697 -38.46 38.95 -10.95
C LYS C 697 -39.60 37.95 -11.08
N ASP C 698 -40.08 37.74 -12.30
CA ASP C 698 -41.28 36.93 -12.50
C ASP C 698 -41.00 35.44 -12.27
N HIS C 699 -40.11 34.87 -13.06
CA HIS C 699 -39.78 33.45 -12.98
C HIS C 699 -38.27 33.30 -12.85
N PRO C 700 -37.75 33.27 -11.63
CA PRO C 700 -36.32 33.01 -11.44
C PRO C 700 -35.87 31.69 -12.05
N PRO C 701 -36.71 30.64 -12.05
CA PRO C 701 -36.31 29.43 -12.79
C PRO C 701 -36.06 29.67 -14.27
N THR C 702 -36.87 30.50 -14.92
CA THR C 702 -36.63 30.78 -16.33
C THR C 702 -35.44 31.71 -16.53
N PHE C 703 -35.15 32.56 -15.56
CA PHE C 703 -33.91 33.32 -15.55
C PHE C 703 -32.72 32.42 -15.27
N TYR C 704 -32.92 31.36 -14.49
CA TYR C 704 -31.86 30.42 -14.17
C TYR C 704 -31.39 29.69 -15.43
N ARG C 705 -32.32 29.29 -16.29
CA ARG C 705 -31.97 28.45 -17.43
C ARG C 705 -31.26 29.24 -18.52
N SER C 706 -31.75 30.45 -18.81
CA SER C 706 -31.18 31.22 -19.92
C SER C 706 -29.86 31.88 -19.54
N ILE C 707 -29.69 32.28 -18.28
CA ILE C 707 -28.44 32.92 -17.85
C ILE C 707 -27.29 31.93 -17.83
N ALA C 708 -27.59 30.64 -17.77
CA ALA C 708 -26.54 29.62 -17.78
C ALA C 708 -25.69 29.67 -19.03
N PHE C 709 -26.26 30.01 -20.17
CA PHE C 709 -25.56 29.93 -21.45
C PHE C 709 -24.64 31.13 -21.60
N ARG C 710 -23.36 30.86 -21.85
CA ARG C 710 -22.38 31.89 -22.11
C ARG C 710 -21.45 31.45 -23.24
N SER C 711 -20.89 32.42 -23.94
CA SER C 711 -19.97 32.16 -25.05
C SER C 711 -18.54 32.32 -24.55
N ILE C 712 -17.75 31.27 -24.72
CA ILE C 712 -16.34 31.27 -24.33
C ILE C 712 -15.53 31.30 -25.61
N GLY C 713 -14.85 32.40 -25.86
CA GLY C 713 -14.05 32.52 -27.05
C GLY C 713 -13.89 33.98 -27.44
N PHE C 714 -13.40 34.17 -28.65
CA PHE C 714 -13.25 35.51 -29.23
C PHE C 714 -12.94 35.39 -30.71
N PRO C 715 -13.60 36.18 -31.57
CA PRO C 715 -13.31 36.21 -33.00
C PRO C 715 -11.87 36.61 -33.31
ZN ZN D . -36.81 34.57 15.49
ZN ZN E . -15.24 16.73 -1.23
ZN ZN F . 9.82 -0.94 -8.73
ZN ZN G . 29.56 -26.97 -1.05
MG MG H . -28.24 35.41 24.69
#